data_9MDE
#
_entry.id   9MDE
#
_cell.length_a   67.195
_cell.length_b   68.048
_cell.length_c   84.274
_cell.angle_alpha   69.81
_cell.angle_beta   86.75
_cell.angle_gamma   85.57
#
_symmetry.space_group_name_H-M   'P 1'
#
loop_
_entity.id
_entity.type
_entity.pdbx_description
1 polymer 'Prostaglandin reductase 1'
2 non-polymer 'CHLORIDE ION'
3 non-polymer 'NADP NICOTINAMIDE-ADENINE-DINUCLEOTIDE PHOSPHATE'
4 non-polymer 1-(2-METHOXY-ETHOXY)-2-{2-[2-(2-METHOXY-ETHOXY]-ETHOXY}-ETHANE
5 water water
#
_entity_poly.entity_id   1
_entity_poly.type   'polypeptide(L)'
_entity_poly.pdbx_seq_one_letter_code
;GPGSMTKTWTLKKHFVGYPTNSDFELKTSELPPLKNGEVLLEALFLTVDPYMRVAAKRLKEGDTMMGQQVAKVVESKNVA
LPKGTIVLASPGWTTHSISDGKDLEKLLTEWPDTIPLSLALGTVGMPGLTAYFGLLEICGVKGGETVMVNAAAGAVGSVV
GQIAKLKGCKVVGAVGSDEKVAYLQKLGFDVVFNYKTVESLEETLKKASPDGYDCYFDNVGGEFSNTVIGQMKKFGRIAI
CGAISTYNRTGPLPPGPPPEIVIYQELRMEAFVVYRWQGDARQKALKDLLKWVLEGKIQYKEYIIEGFENMPAAFMGMLK
GDNLGKTIVKA
;
_entity_poly.pdbx_strand_id   A,B,C,D
#
# COMPACT_ATOMS: atom_id res chain seq x y z
N SER A 4 9.43 51.35 10.26
CA SER A 4 8.80 50.39 11.16
C SER A 4 9.34 48.98 10.93
N MET A 5 9.26 48.14 11.95
CA MET A 5 9.81 46.80 11.91
C MET A 5 8.70 45.76 11.82
N THR A 6 9.06 44.58 11.35
CA THR A 6 8.15 43.45 11.29
C THR A 6 8.92 42.17 11.58
N LYS A 7 8.20 41.19 12.10
CA LYS A 7 8.72 39.85 12.29
C LYS A 7 7.96 38.90 11.38
N THR A 8 8.69 37.99 10.75
CA THR A 8 8.13 37.13 9.71
C THR A 8 8.63 35.70 9.91
N TRP A 9 7.72 34.74 9.80
CA TRP A 9 8.08 33.33 9.80
C TRP A 9 8.25 32.86 8.36
N THR A 10 9.41 32.28 8.06
CA THR A 10 9.73 31.78 6.74
C THR A 10 9.94 30.27 6.80
N LEU A 11 9.74 29.62 5.67
CA LEU A 11 10.00 28.19 5.50
C LEU A 11 11.50 28.00 5.35
N LYS A 12 12.17 27.54 6.41
CA LYS A 12 13.58 27.26 6.30
C LYS A 12 13.87 25.99 5.53
N LYS A 13 13.05 24.96 5.73
CA LYS A 13 13.25 23.68 5.05
C LYS A 13 11.90 23.04 4.77
N HIS A 14 11.80 22.41 3.60
CA HIS A 14 10.55 21.77 3.22
C HIS A 14 10.21 20.65 4.20
N PHE A 15 8.92 20.52 4.51
CA PHE A 15 8.49 19.56 5.51
C PHE A 15 8.63 18.13 4.99
N VAL A 16 9.11 17.25 5.86
CA VAL A 16 9.12 15.81 5.63
C VAL A 16 8.21 15.19 6.68
N GLY A 17 7.05 14.70 6.26
CA GLY A 17 6.07 14.24 7.22
C GLY A 17 5.44 15.44 7.92
N TYR A 18 5.29 15.34 9.23
CA TYR A 18 4.86 16.50 9.99
C TYR A 18 6.01 17.51 10.08
N PRO A 19 5.70 18.80 10.11
CA PRO A 19 6.77 19.80 10.34
C PRO A 19 7.38 19.64 11.72
N THR A 20 8.59 20.16 11.86
CA THR A 20 9.24 20.33 13.16
C THR A 20 9.77 21.76 13.24
N ASN A 21 10.20 22.16 14.43
CA ASN A 21 10.50 23.56 14.67
C ASN A 21 11.60 24.07 13.75
N SER A 22 12.60 23.24 13.47
CA SER A 22 13.74 23.68 12.66
C SER A 22 13.38 23.84 11.19
N ASP A 23 12.17 23.49 10.75
CA ASP A 23 11.73 23.79 9.39
C ASP A 23 11.31 25.23 9.20
N PHE A 24 11.23 26.02 10.28
CA PHE A 24 10.83 27.42 10.23
C PHE A 24 11.95 28.31 10.72
N GLU A 25 11.92 29.57 10.31
CA GLU A 25 12.93 30.53 10.73
C GLU A 25 12.30 31.90 10.87
N LEU A 26 12.54 32.55 12.01
CA LEU A 26 11.98 33.87 12.29
C LEU A 26 12.98 34.94 11.87
N LYS A 27 12.53 35.88 11.04
CA LYS A 27 13.37 36.96 10.55
C LYS A 27 12.74 38.30 10.88
N THR A 28 13.57 39.29 11.17
CA THR A 28 13.13 40.66 11.38
C THR A 28 13.57 41.49 10.18
N SER A 29 12.74 42.48 9.82
CA SER A 29 13.03 43.33 8.68
C SER A 29 12.34 44.67 8.87
N GLU A 30 12.85 45.69 8.18
CA GLU A 30 12.22 47.00 8.17
C GLU A 30 11.28 47.09 6.97
N LEU A 31 10.03 47.43 7.22
CA LEU A 31 9.07 47.57 6.15
C LEU A 31 9.38 48.82 5.31
N PRO A 32 8.96 48.83 4.05
CA PRO A 32 9.16 50.03 3.23
C PRO A 32 8.27 51.17 3.68
N PRO A 33 8.54 52.38 3.23
CA PRO A 33 7.67 53.52 3.58
C PRO A 33 6.29 53.38 2.94
N LEU A 34 5.30 54.01 3.57
CA LEU A 34 3.93 53.99 3.06
C LEU A 34 3.82 54.95 1.88
N LYS A 35 3.48 54.43 0.71
CA LYS A 35 3.10 55.26 -0.42
C LYS A 35 1.65 55.71 -0.28
N ASN A 36 1.26 56.66 -1.13
CA ASN A 36 -0.12 57.10 -1.13
C ASN A 36 -1.03 55.95 -1.56
N GLY A 37 -2.17 55.84 -0.89
CA GLY A 37 -3.09 54.74 -1.13
C GLY A 37 -2.81 53.49 -0.32
N GLU A 38 -1.73 53.46 0.45
CA GLU A 38 -1.33 52.28 1.20
C GLU A 38 -1.61 52.47 2.68
N VAL A 39 -1.64 51.35 3.41
CA VAL A 39 -1.83 51.34 4.85
C VAL A 39 -0.83 50.38 5.47
N LEU A 40 -0.51 50.63 6.74
CA LEU A 40 0.32 49.74 7.55
C LEU A 40 -0.60 48.98 8.50
N LEU A 41 -0.52 47.66 8.43
CA LEU A 41 -1.41 46.79 9.18
C LEU A 41 -0.63 46.11 10.29
N GLU A 42 -1.19 46.11 11.50
CA GLU A 42 -0.65 45.36 12.62
C GLU A 42 -1.57 44.16 12.90
N ALA A 43 -0.98 42.97 12.91
CA ALA A 43 -1.75 41.75 13.16
C ALA A 43 -2.27 41.74 14.59
N LEU A 44 -3.56 41.51 14.74
CA LEU A 44 -4.17 41.22 16.03
C LEU A 44 -4.30 39.72 16.26
N PHE A 45 -4.76 39.00 15.24
CA PHE A 45 -4.93 37.55 15.30
C PHE A 45 -4.50 36.95 13.98
N LEU A 46 -3.70 35.90 14.02
CA LEU A 46 -3.31 35.15 12.84
C LEU A 46 -3.93 33.75 12.93
N THR A 47 -4.17 33.16 11.78
CA THR A 47 -4.68 31.80 11.70
C THR A 47 -3.59 30.88 11.18
N VAL A 48 -3.67 29.62 11.58
CA VAL A 48 -2.93 28.54 10.95
C VAL A 48 -3.97 27.54 10.46
N ASP A 49 -3.71 26.94 9.30
CA ASP A 49 -4.72 26.12 8.63
C ASP A 49 -4.06 24.93 7.96
N PRO A 50 -4.78 23.83 7.78
CA PRO A 50 -4.20 22.64 7.13
C PRO A 50 -3.71 22.90 5.72
N TYR A 51 -4.32 23.83 4.98
CA TYR A 51 -3.89 24.06 3.60
C TYR A 51 -2.46 24.56 3.53
N MET A 52 -1.94 25.16 4.61
CA MET A 52 -0.57 25.62 4.59
C MET A 52 0.41 24.47 4.48
N ARG A 53 0.06 23.30 5.01
CA ARG A 53 0.92 22.13 4.85
C ARG A 53 1.00 21.70 3.39
N VAL A 54 -0.13 21.73 2.68
CA VAL A 54 -0.13 21.34 1.27
C VAL A 54 0.55 22.41 0.42
N ALA A 55 0.25 23.69 0.69
CA ALA A 55 0.74 24.77 -0.15
C ALA A 55 2.22 25.06 0.07
N ALA A 56 2.78 24.69 1.22
CA ALA A 56 4.20 24.91 1.47
C ALA A 56 5.06 24.16 0.48
N LYS A 57 4.55 23.09 -0.14
CA LYS A 57 5.33 22.33 -1.10
C LYS A 57 5.76 23.19 -2.29
N ARG A 58 5.00 24.24 -2.58
CA ARG A 58 5.25 25.09 -3.74
C ARG A 58 6.06 26.33 -3.40
N LEU A 59 6.39 26.54 -2.13
CA LEU A 59 7.26 27.64 -1.75
C LEU A 59 8.72 27.29 -1.99
N LYS A 60 9.53 28.32 -2.18
CA LYS A 60 10.97 28.17 -2.16
C LYS A 60 11.45 28.41 -0.72
N GLU A 61 12.48 27.67 -0.32
CA GLU A 61 13.07 27.89 0.99
C GLU A 61 13.48 29.35 1.12
N GLY A 62 13.16 29.96 2.26
CA GLY A 62 13.33 31.37 2.49
C GLY A 62 12.06 32.19 2.35
N ASP A 63 11.01 31.61 1.77
CA ASP A 63 9.78 32.35 1.53
C ASP A 63 8.96 32.47 2.82
N THR A 64 8.15 33.52 2.87
CA THR A 64 7.22 33.69 3.97
C THR A 64 6.13 32.65 3.92
N MET A 65 5.78 32.10 5.08
CA MET A 65 4.64 31.18 5.16
C MET A 65 3.36 31.95 4.86
N MET A 66 2.49 31.36 4.05
CA MET A 66 1.23 31.99 3.66
C MET A 66 0.22 31.89 4.79
N GLY A 67 -0.72 32.83 4.80
CA GLY A 67 -1.78 32.79 5.79
C GLY A 67 -2.52 34.11 5.90
N GLN A 68 -3.70 34.03 6.52
CA GLN A 68 -4.58 35.16 6.73
C GLN A 68 -4.50 35.64 8.17
N GLN A 69 -4.91 36.88 8.38
CA GLN A 69 -4.90 37.49 9.71
C GLN A 69 -6.01 38.53 9.80
N VAL A 70 -6.45 38.79 11.02
CA VAL A 70 -7.19 40.01 11.35
C VAL A 70 -6.18 41.05 11.77
N ALA A 71 -6.22 42.21 11.13
CA ALA A 71 -5.24 43.27 11.38
C ALA A 71 -5.97 44.59 11.59
N LYS A 72 -5.26 45.53 12.20
CA LYS A 72 -5.77 46.88 12.38
C LYS A 72 -4.85 47.87 11.69
N VAL A 73 -5.46 48.89 11.07
CA VAL A 73 -4.69 49.94 10.42
C VAL A 73 -4.07 50.82 11.48
N VAL A 74 -2.73 50.90 11.48
CA VAL A 74 -2.00 51.73 12.43
C VAL A 74 -1.42 52.98 11.79
N GLU A 75 -1.37 53.04 10.47
CA GLU A 75 -0.95 54.23 9.74
C GLU A 75 -1.59 54.15 8.36
N SER A 76 -2.16 55.26 7.90
CA SER A 76 -2.99 55.23 6.71
C SER A 76 -2.71 56.41 5.80
N LYS A 77 -2.47 56.11 4.53
CA LYS A 77 -2.55 57.08 3.45
C LYS A 77 -3.70 56.75 2.50
N ASN A 78 -4.73 56.07 3.02
CA ASN A 78 -5.87 55.62 2.23
C ASN A 78 -7.13 56.00 3.01
N VAL A 79 -7.93 56.91 2.45
CA VAL A 79 -9.08 57.43 3.18
C VAL A 79 -10.19 56.38 3.35
N ALA A 80 -10.19 55.33 2.53
CA ALA A 80 -11.14 54.25 2.72
C ALA A 80 -10.79 53.38 3.93
N LEU A 81 -9.55 53.45 4.40
CA LEU A 81 -9.06 52.60 5.50
C LEU A 81 -8.40 53.48 6.54
N PRO A 82 -9.18 54.26 7.28
CA PRO A 82 -8.59 55.13 8.32
C PRO A 82 -7.95 54.32 9.44
N LYS A 83 -7.12 55.02 10.21
CA LYS A 83 -6.52 54.45 11.40
C LYS A 83 -7.60 53.87 12.30
N GLY A 84 -7.35 52.66 12.81
CA GLY A 84 -8.29 51.95 13.64
C GLY A 84 -9.12 50.91 12.92
N THR A 85 -9.18 50.96 11.59
CA THR A 85 -10.01 50.04 10.82
C THR A 85 -9.50 48.61 10.97
N ILE A 86 -10.42 47.67 11.11
CA ILE A 86 -10.10 46.25 11.18
C ILE A 86 -10.31 45.65 9.80
N VAL A 87 -9.36 44.83 9.36
CA VAL A 87 -9.42 44.21 8.03
C VAL A 87 -8.92 42.78 8.13
N LEU A 88 -9.38 41.95 7.20
CA LEU A 88 -8.76 40.68 6.91
C LEU A 88 -7.72 40.90 5.81
N ALA A 89 -6.54 40.33 6.00
CA ALA A 89 -5.44 40.45 5.05
C ALA A 89 -4.68 39.15 5.04
N SER A 90 -3.97 38.88 3.93
CA SER A 90 -3.20 37.64 3.77
C SER A 90 -1.77 37.94 3.39
N PRO A 91 -1.04 38.68 4.23
CA PRO A 91 0.39 38.91 3.99
C PRO A 91 1.28 37.74 4.37
N GLY A 92 0.72 36.68 4.96
CA GLY A 92 1.53 35.60 5.49
C GLY A 92 1.75 35.75 6.99
N TRP A 93 2.63 34.89 7.50
CA TRP A 93 2.96 34.85 8.92
C TRP A 93 3.87 36.03 9.24
N THR A 94 3.26 37.20 9.44
CA THR A 94 4.04 38.40 9.74
C THR A 94 3.25 39.30 10.69
N THR A 95 3.99 40.02 11.55
CA THR A 95 3.35 40.88 12.53
C THR A 95 2.91 42.22 11.94
N HIS A 96 3.59 42.69 10.90
CA HIS A 96 3.27 43.97 10.27
C HIS A 96 3.45 43.84 8.76
N SER A 97 2.63 44.56 8.01
CA SER A 97 2.67 44.48 6.56
C SER A 97 2.08 45.75 5.97
N ILE A 98 2.38 45.97 4.68
CA ILE A 98 1.85 47.09 3.91
C ILE A 98 0.87 46.55 2.88
N SER A 99 -0.20 47.28 2.65
CA SER A 99 -1.20 46.92 1.65
C SER A 99 -1.68 48.18 0.94
N ASP A 100 -2.02 48.03 -0.33
CA ASP A 100 -2.62 49.12 -1.10
C ASP A 100 -4.14 49.13 -1.01
N GLY A 101 -4.73 48.19 -0.29
CA GLY A 101 -6.15 48.16 -0.05
C GLY A 101 -6.93 47.27 -1.00
N LYS A 102 -6.33 46.86 -2.12
CA LYS A 102 -7.07 46.10 -3.12
C LYS A 102 -7.30 44.65 -2.66
N ASP A 103 -6.42 44.13 -1.80
CA ASP A 103 -6.50 42.75 -1.36
C ASP A 103 -7.05 42.63 0.07
N LEU A 104 -7.72 43.66 0.57
CA LEU A 104 -8.24 43.68 1.93
C LEU A 104 -9.74 43.50 1.93
N GLU A 105 -10.25 42.94 3.03
CA GLU A 105 -11.67 42.71 3.21
C GLU A 105 -12.09 43.27 4.56
N LYS A 106 -12.99 44.24 4.54
CA LYS A 106 -13.57 44.74 5.79
C LYS A 106 -14.54 43.70 6.36
N LEU A 107 -14.72 43.76 7.68
CA LEU A 107 -15.69 42.90 8.35
C LEU A 107 -17.12 43.34 8.02
N LEU A 108 -18.07 42.44 8.27
CA LEU A 108 -19.47 42.75 8.02
C LEU A 108 -19.86 44.05 8.70
N THR A 109 -20.70 44.82 8.02
CA THR A 109 -21.19 46.07 8.59
C THR A 109 -21.87 45.84 9.94
N GLU A 110 -22.57 44.71 10.08
CA GLU A 110 -23.32 44.41 11.29
C GLU A 110 -22.50 43.63 12.31
N TRP A 111 -21.19 43.56 12.15
CA TRP A 111 -20.35 42.85 13.11
C TRP A 111 -20.47 43.50 14.48
N PRO A 112 -20.91 42.78 15.51
CA PRO A 112 -21.07 43.40 16.84
C PRO A 112 -19.84 43.24 17.71
N ASP A 113 -19.80 44.04 18.78
CA ASP A 113 -18.67 44.04 19.69
C ASP A 113 -18.75 42.93 20.74
N THR A 114 -19.77 42.08 20.67
CA THR A 114 -19.94 41.01 21.63
C THR A 114 -19.20 39.72 21.26
N ILE A 115 -18.59 39.66 20.08
CA ILE A 115 -17.92 38.43 19.62
C ILE A 115 -16.47 38.76 19.27
N PRO A 116 -15.53 37.86 19.52
CA PRO A 116 -14.13 38.17 19.21
C PRO A 116 -13.92 38.42 17.72
N LEU A 117 -13.04 39.38 17.42
CA LEU A 117 -12.67 39.64 16.03
C LEU A 117 -12.09 38.39 15.37
N SER A 118 -11.50 37.48 16.14
CA SER A 118 -10.86 36.30 15.57
C SER A 118 -11.85 35.33 14.97
N LEU A 119 -13.16 35.47 15.23
CA LEU A 119 -14.14 34.65 14.54
C LEU A 119 -14.17 34.92 13.04
N ALA A 120 -13.66 36.08 12.60
CA ALA A 120 -13.55 36.36 11.17
C ALA A 120 -12.55 35.44 10.48
N LEU A 121 -11.75 34.68 11.23
CA LEU A 121 -10.83 33.69 10.70
C LEU A 121 -11.37 32.27 10.85
N GLY A 122 -12.54 32.10 11.47
CA GLY A 122 -13.07 30.78 11.73
C GLY A 122 -14.54 30.65 11.39
N THR A 123 -15.39 30.64 12.42
CA THR A 123 -16.81 30.34 12.22
C THR A 123 -17.48 31.37 11.30
N VAL A 124 -17.18 32.65 11.49
CA VAL A 124 -17.71 33.68 10.60
C VAL A 124 -16.60 34.10 9.66
N GLY A 125 -15.97 33.11 9.05
CA GLY A 125 -14.86 33.34 8.15
C GLY A 125 -14.68 32.13 7.25
N MET A 126 -13.46 31.91 6.79
CA MET A 126 -13.24 30.95 5.72
C MET A 126 -13.61 29.53 6.13
N PRO A 127 -13.21 29.03 7.30
CA PRO A 127 -13.64 27.67 7.68
C PRO A 127 -15.15 27.53 7.80
N GLY A 128 -15.84 28.57 8.30
CA GLY A 128 -17.28 28.50 8.41
C GLY A 128 -17.98 28.50 7.07
N LEU A 129 -17.45 29.26 6.10
CA LEU A 129 -17.98 29.23 4.75
C LEU A 129 -17.76 27.86 4.10
N THR A 130 -16.61 27.25 4.37
CA THR A 130 -16.33 25.92 3.86
C THR A 130 -17.37 24.92 4.35
N ALA A 131 -17.66 24.96 5.65
CA ALA A 131 -18.70 24.08 6.21
C ALA A 131 -20.06 24.39 5.61
N TYR A 132 -20.39 25.68 5.49
CA TYR A 132 -21.70 26.09 5.01
C TYR A 132 -21.96 25.58 3.59
N PHE A 133 -21.06 25.89 2.66
CA PHE A 133 -21.29 25.52 1.27
C PHE A 133 -21.09 24.03 1.06
N GLY A 134 -20.12 23.43 1.75
CA GLY A 134 -19.87 22.01 1.58
C GLY A 134 -21.05 21.16 2.02
N LEU A 135 -21.75 21.59 3.06
CA LEU A 135 -22.88 20.83 3.58
C LEU A 135 -24.19 21.18 2.88
N LEU A 136 -24.45 22.47 2.69
CA LEU A 136 -25.76 22.89 2.20
C LEU A 136 -25.86 22.86 0.67
N GLU A 137 -24.74 22.99 -0.03
CA GLU A 137 -24.73 23.01 -1.49
C GLU A 137 -24.11 21.77 -2.12
N ILE A 138 -23.03 21.24 -1.56
CA ILE A 138 -22.39 20.06 -2.15
C ILE A 138 -23.04 18.78 -1.64
N CYS A 139 -23.21 18.66 -0.33
CA CYS A 139 -23.99 17.54 0.22
C CYS A 139 -25.47 17.70 -0.07
N GLY A 140 -25.97 18.93 -0.11
CA GLY A 140 -27.38 19.16 -0.40
C GLY A 140 -28.31 18.79 0.72
N VAL A 141 -27.89 18.98 1.97
CA VAL A 141 -28.73 18.63 3.11
C VAL A 141 -30.06 19.36 3.03
N LYS A 142 -31.15 18.61 3.24
CA LYS A 142 -32.50 19.15 3.19
C LYS A 142 -33.28 18.95 4.49
N GLY A 143 -32.70 18.27 5.46
CA GLY A 143 -33.39 17.99 6.71
C GLY A 143 -33.73 16.51 6.86
N GLY A 144 -33.36 15.92 7.99
CA GLY A 144 -33.65 14.54 8.28
C GLY A 144 -32.59 13.55 7.86
N GLU A 145 -31.55 14.00 7.16
CA GLU A 145 -30.49 13.09 6.75
C GLU A 145 -29.58 12.74 7.92
N THR A 146 -28.79 11.68 7.74
CA THR A 146 -27.73 11.31 8.66
C THR A 146 -26.39 11.70 8.03
N VAL A 147 -25.66 12.58 8.70
CA VAL A 147 -24.41 13.13 8.20
C VAL A 147 -23.25 12.60 9.03
N MET A 148 -22.24 12.06 8.38
CA MET A 148 -20.97 11.73 9.01
C MET A 148 -19.99 12.86 8.72
N VAL A 149 -19.32 13.34 9.76
CA VAL A 149 -18.32 14.39 9.63
C VAL A 149 -17.13 14.01 10.49
N ASN A 150 -15.94 14.02 9.90
CA ASN A 150 -14.71 13.76 10.63
C ASN A 150 -13.96 15.07 10.85
N ALA A 151 -12.90 15.01 11.64
CA ALA A 151 -12.31 16.20 12.24
C ALA A 151 -13.43 17.11 12.76
N ALA A 152 -14.37 16.48 13.46
CA ALA A 152 -15.63 17.12 13.79
C ALA A 152 -15.48 18.21 14.86
N ALA A 153 -14.38 18.21 15.60
CA ALA A 153 -14.12 19.23 16.60
C ALA A 153 -13.22 20.35 16.08
N GLY A 154 -12.83 20.29 14.80
CA GLY A 154 -12.03 21.34 14.21
C GLY A 154 -12.88 22.50 13.74
N ALA A 155 -12.21 23.47 13.12
CA ALA A 155 -12.91 24.69 12.70
C ALA A 155 -14.04 24.37 11.73
N VAL A 156 -13.74 23.65 10.64
CA VAL A 156 -14.76 23.33 9.65
C VAL A 156 -15.76 22.34 10.21
N GLY A 157 -15.27 21.23 10.76
CA GLY A 157 -16.15 20.15 11.15
C GLY A 157 -17.14 20.53 12.24
N SER A 158 -16.70 21.33 13.21
CA SER A 158 -17.61 21.68 14.30
C SER A 158 -18.75 22.55 13.79
N VAL A 159 -18.51 23.36 12.76
CA VAL A 159 -19.58 24.14 12.17
C VAL A 159 -20.48 23.25 11.33
N VAL A 160 -19.89 22.31 10.60
CA VAL A 160 -20.69 21.37 9.80
C VAL A 160 -21.75 20.71 10.66
N GLY A 161 -21.33 20.12 11.78
CA GLY A 161 -22.25 19.38 12.61
C GLY A 161 -23.34 20.26 13.21
N GLN A 162 -23.00 21.49 13.57
CA GLN A 162 -23.99 22.36 14.20
C GLN A 162 -24.98 22.93 13.19
N ILE A 163 -24.54 23.20 11.97
CA ILE A 163 -25.49 23.55 10.92
C ILE A 163 -26.40 22.37 10.61
N ALA A 164 -25.82 21.18 10.51
CA ALA A 164 -26.63 19.99 10.27
C ALA A 164 -27.69 19.82 11.36
N LYS A 165 -27.33 20.09 12.61
CA LYS A 165 -28.30 19.94 13.70
C LYS A 165 -29.43 20.96 13.58
N LEU A 166 -29.11 22.21 13.26
CA LEU A 166 -30.16 23.22 13.13
C LEU A 166 -30.99 23.02 11.88
N LYS A 167 -30.52 22.22 10.92
CA LYS A 167 -31.31 21.87 9.75
C LYS A 167 -32.08 20.57 9.94
N GLY A 168 -32.04 19.96 11.13
CA GLY A 168 -32.84 18.79 11.41
C GLY A 168 -32.20 17.46 11.11
N CYS A 169 -30.87 17.38 11.08
CA CYS A 169 -30.17 16.16 10.74
C CYS A 169 -29.68 15.44 11.99
N LYS A 170 -29.44 14.14 11.85
CA LYS A 170 -28.64 13.39 12.81
C LYS A 170 -27.17 13.50 12.41
N VAL A 171 -26.30 13.77 13.38
CA VAL A 171 -24.89 14.03 13.12
C VAL A 171 -24.05 13.01 13.87
N VAL A 172 -23.14 12.36 13.15
CA VAL A 172 -22.14 11.47 13.73
C VAL A 172 -20.78 12.12 13.47
N GLY A 173 -20.01 12.29 14.52
CA GLY A 173 -18.73 12.98 14.44
C GLY A 173 -17.59 12.09 14.90
N ALA A 174 -16.46 12.19 14.23
CA ALA A 174 -15.24 11.51 14.63
C ALA A 174 -14.19 12.54 15.02
N VAL A 175 -13.51 12.29 16.15
CA VAL A 175 -12.49 13.18 16.68
C VAL A 175 -11.38 12.32 17.28
N GLY A 176 -10.28 12.97 17.65
CA GLY A 176 -9.09 12.29 18.10
C GLY A 176 -8.83 12.28 19.60
N SER A 177 -9.75 12.77 20.44
CA SER A 177 -9.52 12.75 21.87
C SER A 177 -10.85 12.67 22.61
N ASP A 178 -10.77 12.16 23.85
CA ASP A 178 -11.97 12.06 24.69
C ASP A 178 -12.51 13.43 25.08
N GLU A 179 -11.64 14.43 25.22
CA GLU A 179 -12.11 15.77 25.52
C GLU A 179 -12.93 16.32 24.35
N LYS A 180 -12.52 16.04 23.13
CA LYS A 180 -13.27 16.48 21.96
C LYS A 180 -14.60 15.74 21.85
N VAL A 181 -14.61 14.44 22.17
CA VAL A 181 -15.86 13.69 22.17
C VAL A 181 -16.85 14.35 23.11
N ALA A 182 -16.41 14.66 24.33
CA ALA A 182 -17.30 15.23 25.33
C ALA A 182 -17.81 16.61 24.90
N TYR A 183 -16.96 17.38 24.23
CA TYR A 183 -17.37 18.73 23.84
C TYR A 183 -18.45 18.69 22.76
N LEU A 184 -18.27 17.85 21.75
CA LEU A 184 -19.26 17.76 20.68
C LEU A 184 -20.55 17.11 21.17
N GLN A 185 -20.46 16.18 22.11
CA GLN A 185 -21.68 15.67 22.74
C GLN A 185 -22.43 16.80 23.45
N LYS A 186 -21.69 17.70 24.09
CA LYS A 186 -22.31 18.87 24.72
C LYS A 186 -23.06 19.72 23.71
N LEU A 187 -22.49 19.90 22.52
CA LEU A 187 -23.13 20.71 21.48
C LEU A 187 -24.39 20.07 20.92
N GLY A 188 -24.55 18.76 21.05
CA GLY A 188 -25.76 18.10 20.59
C GLY A 188 -25.55 17.14 19.45
N PHE A 189 -24.30 16.82 19.11
CA PHE A 189 -24.04 15.76 18.16
C PHE A 189 -24.69 14.47 18.65
N ASP A 190 -25.37 13.77 17.76
CA ASP A 190 -26.09 12.56 18.16
C ASP A 190 -25.13 11.47 18.62
N VAL A 191 -24.08 11.21 17.84
CA VAL A 191 -23.06 10.24 18.19
C VAL A 191 -21.71 10.88 17.92
N VAL A 192 -20.77 10.68 18.83
CA VAL A 192 -19.40 11.16 18.68
C VAL A 192 -18.47 10.09 19.24
N PHE A 193 -17.38 9.79 18.54
CA PHE A 193 -16.46 8.76 18.98
C PHE A 193 -15.03 9.18 18.69
N ASN A 194 -14.11 8.54 19.43
CA ASN A 194 -12.68 8.78 19.32
C ASN A 194 -12.10 7.75 18.37
N TYR A 195 -11.75 8.17 17.16
CA TYR A 195 -11.32 7.22 16.14
C TYR A 195 -9.95 6.62 16.45
N LYS A 196 -9.19 7.24 17.36
CA LYS A 196 -7.88 6.71 17.72
C LYS A 196 -7.94 5.56 18.73
N THR A 197 -9.05 5.41 19.44
CA THR A 197 -9.15 4.44 20.53
C THR A 197 -10.18 3.35 20.31
N VAL A 198 -11.04 3.44 19.28
CA VAL A 198 -12.02 2.38 19.09
C VAL A 198 -11.34 1.13 18.55
N GLU A 199 -11.88 -0.03 18.94
CA GLU A 199 -11.28 -1.29 18.50
C GLU A 199 -11.45 -1.47 16.99
N SER A 200 -12.58 -1.04 16.44
CA SER A 200 -12.85 -1.19 15.01
C SER A 200 -13.62 0.03 14.54
N LEU A 201 -13.03 0.78 13.61
CA LEU A 201 -13.74 1.91 13.02
C LEU A 201 -15.02 1.45 12.33
N GLU A 202 -14.96 0.29 11.65
CA GLU A 202 -16.14 -0.20 10.95
C GLU A 202 -17.29 -0.46 11.91
N GLU A 203 -17.02 -1.21 12.98
CA GLU A 203 -18.06 -1.51 13.96
C GLU A 203 -18.62 -0.25 14.61
N THR A 204 -17.75 0.71 14.92
CA THR A 204 -18.20 1.93 15.56
C THR A 204 -19.14 2.73 14.65
N LEU A 205 -18.77 2.87 13.38
CA LEU A 205 -19.61 3.60 12.44
C LEU A 205 -20.97 2.92 12.27
N LYS A 206 -20.99 1.59 12.23
CA LYS A 206 -22.25 0.88 12.08
C LYS A 206 -23.15 1.08 13.29
N LYS A 207 -22.57 1.03 14.49
CA LYS A 207 -23.36 1.29 15.71
C LYS A 207 -23.87 2.72 15.72
N ALA A 208 -23.08 3.67 15.21
CA ALA A 208 -23.49 5.06 15.24
C ALA A 208 -24.68 5.31 14.33
N SER A 209 -24.73 4.64 13.17
CA SER A 209 -25.86 4.75 12.25
C SER A 209 -26.02 3.42 11.55
N PRO A 210 -26.81 2.51 12.13
CA PRO A 210 -26.93 1.17 11.53
C PRO A 210 -27.43 1.17 10.10
N ASP A 211 -28.23 2.17 9.71
CA ASP A 211 -28.78 2.22 8.37
C ASP A 211 -27.85 2.89 7.36
N GLY A 212 -26.68 3.32 7.78
CA GLY A 212 -25.78 3.99 6.89
C GLY A 212 -25.94 5.49 6.94
N TYR A 213 -25.22 6.16 6.04
CA TYR A 213 -25.10 7.61 6.05
C TYR A 213 -25.58 8.17 4.73
N ASP A 214 -26.39 9.23 4.80
CA ASP A 214 -26.84 9.94 3.60
C ASP A 214 -25.77 10.89 3.07
N CYS A 215 -25.04 11.55 3.97
CA CYS A 215 -24.07 12.55 3.61
C CYS A 215 -22.80 12.31 4.39
N TYR A 216 -21.67 12.56 3.74
CA TYR A 216 -20.34 12.42 4.34
C TYR A 216 -19.59 13.70 4.03
N PHE A 217 -19.38 14.52 5.05
CA PHE A 217 -18.50 15.69 4.92
C PHE A 217 -17.09 15.20 5.25
N ASP A 218 -16.25 15.06 4.22
CA ASP A 218 -14.96 14.40 4.35
C ASP A 218 -13.84 15.44 4.43
N ASN A 219 -13.22 15.52 5.60
CA ASN A 219 -12.04 16.33 5.87
C ASN A 219 -10.75 15.53 5.89
N VAL A 220 -10.83 14.20 5.87
CA VAL A 220 -9.74 13.33 6.29
C VAL A 220 -9.23 12.47 5.14
N GLY A 221 -10.14 11.85 4.40
CA GLY A 221 -9.71 11.00 3.31
C GLY A 221 -9.04 9.72 3.81
N GLY A 222 -8.30 9.09 2.91
CA GLY A 222 -7.51 7.94 3.25
C GLY A 222 -8.34 6.71 3.63
N GLU A 223 -7.74 5.86 4.46
CA GLU A 223 -8.42 4.63 4.87
C GLU A 223 -9.68 4.93 5.66
N PHE A 224 -9.70 6.00 6.44
CA PHE A 224 -10.91 6.36 7.18
C PHE A 224 -12.09 6.51 6.23
N SER A 225 -11.90 7.24 5.12
CA SER A 225 -12.98 7.44 4.17
C SER A 225 -13.37 6.15 3.45
N ASN A 226 -12.41 5.26 3.19
CA ASN A 226 -12.78 3.99 2.60
C ASN A 226 -13.77 3.24 3.48
N THR A 227 -13.58 3.29 4.79
CA THR A 227 -14.50 2.63 5.71
C THR A 227 -15.88 3.31 5.70
N VAL A 228 -15.91 4.65 5.73
CA VAL A 228 -17.18 5.35 5.69
C VAL A 228 -17.91 5.06 4.39
N ILE A 229 -17.18 4.98 3.28
CA ILE A 229 -17.81 4.76 1.98
C ILE A 229 -18.51 3.42 1.95
N GLY A 230 -17.99 2.43 2.67
CA GLY A 230 -18.65 1.14 2.79
C GLY A 230 -19.95 1.18 3.56
N GLN A 231 -20.29 2.31 4.17
CA GLN A 231 -21.54 2.44 4.93
C GLN A 231 -22.40 3.59 4.43
N MET A 232 -22.09 4.13 3.26
CA MET A 232 -22.95 5.13 2.64
C MET A 232 -24.23 4.45 2.13
N LYS A 233 -25.36 5.12 2.35
CA LYS A 233 -26.62 4.68 1.78
C LYS A 233 -26.61 4.85 0.26
N LYS A 234 -27.61 4.25 -0.39
CA LYS A 234 -27.76 4.41 -1.82
C LYS A 234 -28.03 5.87 -2.16
N PHE A 235 -27.36 6.35 -3.20
CA PHE A 235 -27.38 7.75 -3.62
C PHE A 235 -26.76 8.68 -2.58
N GLY A 236 -25.94 8.13 -1.69
CA GLY A 236 -25.27 8.97 -0.70
C GLY A 236 -24.34 9.97 -1.35
N ARG A 237 -24.16 11.11 -0.69
CA ARG A 237 -23.38 12.20 -1.22
C ARG A 237 -22.19 12.46 -0.32
N ILE A 238 -21.01 12.59 -0.92
CA ILE A 238 -19.77 12.89 -0.23
C ILE A 238 -19.31 14.26 -0.69
N ALA A 239 -19.05 15.15 0.26
CA ALA A 239 -18.41 16.43 0.01
C ALA A 239 -16.94 16.25 0.33
N ILE A 240 -16.11 16.23 -0.72
CA ILE A 240 -14.66 16.08 -0.56
C ILE A 240 -14.09 17.47 -0.27
N CYS A 241 -13.97 17.78 1.02
CA CYS A 241 -13.49 19.08 1.48
C CYS A 241 -11.98 19.06 1.66
N GLY A 242 -11.46 18.02 2.30
CA GLY A 242 -10.02 17.89 2.47
C GLY A 242 -9.66 16.44 2.65
N ALA A 243 -8.37 16.20 2.81
CA ALA A 243 -7.83 14.85 2.95
C ALA A 243 -6.63 14.90 3.89
N ILE A 244 -6.84 15.39 5.12
CA ILE A 244 -5.71 15.70 6.00
C ILE A 244 -4.91 14.46 6.39
N SER A 245 -5.47 13.26 6.28
CA SER A 245 -4.67 12.07 6.56
C SER A 245 -3.54 11.88 5.56
N THR A 246 -3.55 12.61 4.44
CA THR A 246 -2.48 12.49 3.45
C THR A 246 -1.51 13.66 3.46
N TYR A 247 -1.84 14.77 4.14
CA TYR A 247 -1.03 15.98 4.02
C TYR A 247 0.36 15.79 4.59
N ASN A 248 0.51 14.99 5.64
CA ASN A 248 1.77 14.79 6.32
C ASN A 248 2.31 13.38 6.09
N ARG A 249 1.92 12.75 4.99
CA ARG A 249 2.33 11.38 4.69
C ARG A 249 3.72 11.36 4.09
N THR A 250 4.41 10.24 4.29
CA THR A 250 5.74 10.03 3.74
C THR A 250 5.79 8.89 2.74
N GLY A 251 5.10 7.78 3.03
CA GLY A 251 5.06 6.65 2.12
C GLY A 251 4.10 6.87 0.97
N PRO A 252 3.46 5.80 0.50
CA PRO A 252 2.54 5.93 -0.63
C PRO A 252 1.10 6.17 -0.19
N LEU A 253 0.34 6.77 -1.11
CA LEU A 253 -1.08 6.99 -0.84
C LEU A 253 -1.77 5.65 -0.57
N PRO A 254 -2.86 5.67 0.20
CA PRO A 254 -3.53 4.41 0.53
C PRO A 254 -4.44 3.98 -0.60
N PRO A 255 -4.89 2.72 -0.60
CA PRO A 255 -5.86 2.27 -1.60
C PRO A 255 -7.03 3.24 -1.71
N GLY A 256 -7.59 3.33 -2.91
CA GLY A 256 -8.79 4.10 -3.12
C GLY A 256 -10.02 3.38 -2.62
N PRO A 257 -11.15 4.08 -2.67
CA PRO A 257 -12.39 3.45 -2.22
C PRO A 257 -12.75 2.29 -3.12
N PRO A 258 -13.36 1.24 -2.58
CA PRO A 258 -13.69 0.06 -3.39
C PRO A 258 -14.75 0.39 -4.42
N PRO A 259 -14.41 0.36 -5.71
CA PRO A 259 -15.36 0.86 -6.72
C PRO A 259 -16.65 0.05 -6.80
N GLU A 260 -16.62 -1.23 -6.43
CA GLU A 260 -17.85 -2.01 -6.47
C GLU A 260 -18.87 -1.52 -5.45
N ILE A 261 -18.42 -1.01 -4.31
CA ILE A 261 -19.33 -0.42 -3.35
C ILE A 261 -19.78 0.96 -3.84
N VAL A 262 -18.86 1.75 -4.39
CA VAL A 262 -19.20 3.07 -4.92
C VAL A 262 -20.28 2.93 -5.98
N ILE A 263 -20.16 1.92 -6.85
CA ILE A 263 -21.09 1.75 -7.96
C ILE A 263 -22.42 1.18 -7.50
N TYR A 264 -22.38 0.13 -6.67
CA TYR A 264 -23.61 -0.47 -6.17
C TYR A 264 -24.47 0.56 -5.46
N GLN A 265 -23.84 1.40 -4.64
CA GLN A 265 -24.56 2.43 -3.89
C GLN A 265 -24.74 3.73 -4.67
N GLU A 266 -24.21 3.80 -5.89
CA GLU A 266 -24.43 4.95 -6.79
C GLU A 266 -24.12 6.26 -6.08
N LEU A 267 -22.91 6.34 -5.53
CA LEU A 267 -22.52 7.48 -4.72
C LEU A 267 -22.15 8.69 -5.59
N ARG A 268 -22.49 9.88 -5.10
CA ARG A 268 -22.06 11.13 -5.67
C ARG A 268 -20.96 11.70 -4.80
N MET A 269 -19.77 11.92 -5.37
CA MET A 269 -18.61 12.38 -4.63
C MET A 269 -18.06 13.61 -5.33
N GLU A 270 -18.26 14.79 -4.74
CA GLU A 270 -17.86 16.05 -5.35
C GLU A 270 -16.96 16.83 -4.41
N ALA A 271 -15.81 17.25 -4.92
CA ALA A 271 -14.89 18.13 -4.23
C ALA A 271 -15.21 19.58 -4.55
N PHE A 272 -14.78 20.47 -3.66
CA PHE A 272 -15.11 21.88 -3.77
C PHE A 272 -14.02 22.69 -3.09
N VAL A 273 -13.95 23.97 -3.49
CA VAL A 273 -13.08 24.95 -2.87
C VAL A 273 -13.95 26.11 -2.42
N VAL A 274 -13.72 26.58 -1.19
CA VAL A 274 -14.62 27.55 -0.56
C VAL A 274 -14.73 28.81 -1.40
N TYR A 275 -13.66 29.21 -2.08
CA TYR A 275 -13.65 30.45 -2.83
C TYR A 275 -14.42 30.36 -4.14
N ARG A 276 -15.03 29.21 -4.45
CA ARG A 276 -15.94 29.14 -5.59
C ARG A 276 -17.10 30.12 -5.44
N TRP A 277 -17.56 30.31 -4.20
CA TRP A 277 -18.72 31.15 -3.94
C TRP A 277 -18.28 32.57 -3.62
N GLN A 278 -18.78 33.53 -4.41
CA GLN A 278 -18.44 34.94 -4.23
C GLN A 278 -19.70 35.80 -4.25
N GLY A 279 -19.52 37.11 -4.25
CA GLY A 279 -20.66 38.01 -4.41
C GLY A 279 -21.72 37.82 -3.36
N ASP A 280 -22.99 37.94 -3.79
CA ASP A 280 -24.10 37.90 -2.86
C ASP A 280 -24.18 36.57 -2.12
N ALA A 281 -23.83 35.48 -2.79
CA ALA A 281 -23.91 34.16 -2.15
C ALA A 281 -22.96 34.08 -0.96
N ARG A 282 -21.75 34.61 -1.11
CA ARG A 282 -20.78 34.58 -0.03
C ARG A 282 -21.19 35.51 1.11
N GLN A 283 -21.65 36.71 0.78
CA GLN A 283 -22.06 37.66 1.81
C GLN A 283 -23.26 37.13 2.59
N LYS A 284 -24.15 36.41 1.92
CA LYS A 284 -25.32 35.86 2.58
C LYS A 284 -24.92 34.75 3.55
N ALA A 285 -23.99 33.88 3.14
CA ALA A 285 -23.53 32.83 4.03
C ALA A 285 -22.84 33.43 5.27
N LEU A 286 -22.01 34.45 5.08
CA LEU A 286 -21.37 35.10 6.22
C LEU A 286 -22.41 35.65 7.19
N LYS A 287 -23.46 36.28 6.67
CA LYS A 287 -24.49 36.84 7.52
C LYS A 287 -25.27 35.75 8.24
N ASP A 288 -25.48 34.61 7.58
CA ASP A 288 -26.16 33.49 8.24
C ASP A 288 -25.31 32.94 9.37
N LEU A 289 -24.01 32.75 9.12
CA LEU A 289 -23.12 32.26 10.15
C LEU A 289 -23.07 33.20 11.35
N LEU A 290 -22.97 34.52 11.09
CA LEU A 290 -22.96 35.48 12.19
C LEU A 290 -24.27 35.43 12.97
N LYS A 291 -25.40 35.36 12.27
CA LYS A 291 -26.69 35.27 12.95
C LYS A 291 -26.77 34.01 13.79
N TRP A 292 -26.25 32.89 13.28
CA TRP A 292 -26.33 31.64 14.01
C TRP A 292 -25.44 31.66 15.25
N VAL A 293 -24.32 32.38 15.21
CA VAL A 293 -23.51 32.57 16.40
C VAL A 293 -24.24 33.44 17.41
N LEU A 294 -24.84 34.55 16.95
CA LEU A 294 -25.50 35.46 17.88
C LEU A 294 -26.74 34.83 18.48
N GLU A 295 -27.38 33.90 17.76
CA GLU A 295 -28.54 33.19 18.29
C GLU A 295 -28.14 32.03 19.21
N GLY A 296 -26.87 31.64 19.21
CA GLY A 296 -26.43 30.51 20.01
C GLY A 296 -26.56 29.16 19.33
N LYS A 297 -27.01 29.13 18.07
CA LYS A 297 -27.14 27.86 17.36
C LYS A 297 -25.80 27.34 16.87
N ILE A 298 -24.81 28.21 16.70
CA ILE A 298 -23.43 27.80 16.47
C ILE A 298 -22.64 28.36 17.65
N GLN A 299 -22.32 27.50 18.60
CA GLN A 299 -21.43 27.91 19.69
C GLN A 299 -20.01 27.99 19.16
N TYR A 300 -19.31 29.07 19.49
CA TYR A 300 -17.95 29.23 19.03
C TYR A 300 -16.99 28.80 20.12
N LYS A 301 -15.84 28.33 19.69
CA LYS A 301 -14.81 27.80 20.57
C LYS A 301 -13.50 28.03 19.86
N GLU A 302 -12.57 28.69 20.54
CA GLU A 302 -11.28 29.02 19.96
C GLU A 302 -10.18 28.38 20.78
N TYR A 303 -9.16 27.89 20.08
CA TYR A 303 -7.94 27.37 20.69
C TYR A 303 -6.88 28.44 20.48
N ILE A 304 -6.76 29.33 21.47
CA ILE A 304 -5.92 30.52 21.37
C ILE A 304 -4.52 30.21 21.87
N ILE A 305 -3.52 30.54 21.06
CA ILE A 305 -2.12 30.42 21.44
C ILE A 305 -1.53 31.83 21.44
N GLU A 306 -0.95 32.22 22.57
CA GLU A 306 -0.47 33.58 22.77
C GLU A 306 0.97 33.72 22.31
N GLY A 307 1.21 34.71 21.45
CA GLY A 307 2.56 35.02 21.03
C GLY A 307 2.85 34.62 19.60
N PHE A 308 3.22 35.61 18.78
CA PHE A 308 3.60 35.35 17.40
C PHE A 308 4.75 34.36 17.31
N GLU A 309 5.65 34.38 18.30
CA GLU A 309 6.80 33.48 18.28
C GLU A 309 6.41 32.02 18.42
N ASN A 310 5.16 31.74 18.81
CA ASN A 310 4.65 30.38 18.94
C ASN A 310 3.80 29.95 17.75
N MET A 311 3.82 30.71 16.67
CA MET A 311 2.97 30.37 15.53
C MET A 311 3.34 29.03 14.91
N PRO A 312 4.62 28.69 14.68
CA PRO A 312 4.92 27.35 14.18
C PRO A 312 4.36 26.25 15.07
N ALA A 313 4.48 26.41 16.39
CA ALA A 313 3.97 25.40 17.31
C ALA A 313 2.45 25.32 17.27
N ALA A 314 1.76 26.44 17.04
CA ALA A 314 0.32 26.40 16.84
C ALA A 314 -0.03 25.61 15.58
N PHE A 315 0.73 25.80 14.51
CA PHE A 315 0.50 25.10 13.25
C PHE A 315 0.71 23.60 13.43
N MET A 316 1.83 23.21 14.04
CA MET A 316 2.11 21.80 14.25
C MET A 316 1.11 21.18 15.22
N GLY A 317 0.69 21.92 16.24
CA GLY A 317 -0.29 21.39 17.17
C GLY A 317 -1.64 21.16 16.52
N MET A 318 -2.06 22.09 15.66
CA MET A 318 -3.31 21.92 14.93
C MET A 318 -3.25 20.69 14.04
N LEU A 319 -2.14 20.50 13.32
CA LEU A 319 -2.03 19.35 12.44
C LEU A 319 -2.10 18.03 13.20
N LYS A 320 -1.77 18.04 14.49
CA LYS A 320 -1.74 16.84 15.31
C LYS A 320 -2.93 16.73 16.26
N GLY A 321 -3.95 17.58 16.10
CA GLY A 321 -5.18 17.43 16.85
C GLY A 321 -5.22 18.09 18.21
N ASP A 322 -4.23 18.92 18.54
CA ASP A 322 -4.25 19.64 19.81
C ASP A 322 -5.47 20.54 19.92
N ASN A 323 -5.92 21.11 18.81
CA ASN A 323 -6.88 22.20 18.83
C ASN A 323 -8.29 21.69 19.03
N LEU A 324 -9.02 22.33 19.93
CA LEU A 324 -10.46 22.18 20.06
C LEU A 324 -11.07 23.48 19.53
N GLY A 325 -11.64 23.43 18.33
CA GLY A 325 -12.10 24.64 17.68
C GLY A 325 -11.01 25.27 16.85
N LYS A 326 -11.31 26.46 16.32
CA LYS A 326 -10.38 27.12 15.41
C LYS A 326 -9.09 27.48 16.13
N THR A 327 -7.96 27.15 15.50
CA THR A 327 -6.66 27.49 16.03
C THR A 327 -6.32 28.93 15.65
N ILE A 328 -6.01 29.74 16.65
CA ILE A 328 -5.76 31.17 16.48
C ILE A 328 -4.51 31.53 17.28
N VAL A 329 -3.69 32.41 16.72
CA VAL A 329 -2.52 32.97 17.40
C VAL A 329 -2.83 34.42 17.71
N LYS A 330 -2.80 34.79 18.98
CA LYS A 330 -2.98 36.18 19.39
C LYS A 330 -1.62 36.86 19.38
N ALA A 331 -1.46 37.85 18.50
CA ALA A 331 -0.19 38.54 18.34
C ALA A 331 0.26 39.16 19.67
N GLY B 3 22.16 22.00 49.02
CA GLY B 3 21.24 21.08 48.28
C GLY B 3 21.64 20.92 46.83
N SER B 4 22.01 19.70 46.45
CA SER B 4 22.40 19.43 45.08
C SER B 4 21.17 19.42 44.16
N MET B 5 21.23 20.21 43.10
CA MET B 5 20.12 20.32 42.16
C MET B 5 20.48 19.61 40.86
N THR B 6 19.44 19.25 40.11
CA THR B 6 19.61 18.65 38.80
C THR B 6 18.54 19.19 37.86
N LYS B 7 18.85 19.18 36.58
CA LYS B 7 17.87 19.46 35.54
C LYS B 7 17.66 18.20 34.72
N THR B 8 16.43 17.98 34.27
CA THR B 8 16.02 16.74 33.63
C THR B 8 15.06 17.05 32.50
N TRP B 9 15.29 16.46 31.33
CA TRP B 9 14.36 16.54 30.21
C TRP B 9 13.41 15.34 30.26
N THR B 10 12.12 15.61 30.32
CA THR B 10 11.10 14.58 30.34
C THR B 10 10.28 14.61 29.05
N LEU B 11 9.65 13.48 28.76
CA LEU B 11 8.76 13.36 27.62
C LEU B 11 7.38 13.89 28.01
N LYS B 12 7.03 15.06 27.49
CA LYS B 12 5.72 15.64 27.77
C LYS B 12 4.61 14.98 26.95
N LYS B 13 4.91 14.61 25.71
CA LYS B 13 3.92 14.02 24.82
C LYS B 13 4.61 13.03 23.90
N HIS B 14 3.97 11.88 23.68
CA HIS B 14 4.53 10.88 22.77
C HIS B 14 4.66 11.46 21.37
N PHE B 15 5.74 11.08 20.68
CA PHE B 15 6.09 11.66 19.40
C PHE B 15 5.09 11.26 18.32
N VAL B 16 4.73 12.23 17.48
CA VAL B 16 3.95 12.00 16.27
C VAL B 16 4.76 12.59 15.13
N GLY B 17 5.28 11.73 14.26
CA GLY B 17 6.25 12.20 13.30
C GLY B 17 7.53 12.64 14.01
N TYR B 18 8.23 13.58 13.40
CA TYR B 18 9.44 14.10 14.04
C TYR B 18 9.08 14.72 15.38
N PRO B 19 9.91 14.56 16.41
CA PRO B 19 9.69 15.31 17.65
C PRO B 19 9.72 16.80 17.41
N THR B 20 9.02 17.53 18.27
CA THR B 20 9.03 18.98 18.31
C THR B 20 9.30 19.44 19.74
N ASN B 21 9.52 20.75 19.89
CA ASN B 21 9.85 21.30 21.21
C ASN B 21 8.74 21.02 22.23
N SER B 22 7.49 21.07 21.79
CA SER B 22 6.37 20.89 22.71
C SER B 22 6.27 19.47 23.26
N ASP B 23 7.01 18.52 22.70
CA ASP B 23 7.01 17.16 23.21
C ASP B 23 7.93 16.96 24.41
N PHE B 24 8.69 17.98 24.79
CA PHE B 24 9.65 17.87 25.88
C PHE B 24 9.35 18.90 26.96
N GLU B 25 9.70 18.58 28.20
CA GLU B 25 9.52 19.49 29.32
C GLU B 25 10.74 19.40 30.24
N LEU B 26 11.38 20.54 30.47
CA LEU B 26 12.53 20.64 31.35
C LEU B 26 12.04 20.83 32.79
N LYS B 27 12.61 20.07 33.71
CA LYS B 27 12.20 20.08 35.11
C LYS B 27 13.43 20.13 35.99
N THR B 28 13.29 20.80 37.13
CA THR B 28 14.36 20.94 38.11
C THR B 28 13.92 20.29 39.42
N SER B 29 14.85 19.59 40.05
CA SER B 29 14.56 18.93 41.32
C SER B 29 15.84 18.81 42.12
N GLU B 30 15.68 18.52 43.41
CA GLU B 30 16.81 18.37 44.33
C GLU B 30 17.09 16.88 44.52
N LEU B 31 18.35 16.49 44.33
CA LEU B 31 18.75 15.11 44.56
C LEU B 31 18.89 14.86 46.07
N PRO B 32 18.66 13.61 46.51
CA PRO B 32 18.79 13.30 47.94
C PRO B 32 20.24 13.36 48.37
N PRO B 33 20.50 13.38 49.68
CA PRO B 33 21.88 13.31 50.16
C PRO B 33 22.54 12.00 49.76
N LEU B 34 23.87 12.04 49.67
CA LEU B 34 24.63 10.88 49.23
C LEU B 34 24.80 9.89 50.38
N LYS B 35 24.41 8.64 50.13
CA LYS B 35 24.58 7.57 51.10
C LYS B 35 25.94 6.90 50.89
N ASN B 36 26.31 6.06 51.85
CA ASN B 36 27.60 5.39 51.76
C ASN B 36 27.60 4.42 50.57
N GLY B 37 28.72 4.41 49.86
CA GLY B 37 28.84 3.61 48.66
C GLY B 37 28.32 4.27 47.39
N GLU B 38 27.75 5.47 47.49
CA GLU B 38 27.16 6.18 46.37
C GLU B 38 28.07 7.33 45.93
N VAL B 39 27.81 7.81 44.71
CA VAL B 39 28.56 8.94 44.15
C VAL B 39 27.57 9.88 43.47
N LEU B 40 27.95 11.16 43.43
CA LEU B 40 27.23 12.16 42.66
C LEU B 40 27.95 12.38 41.34
N LEU B 41 27.24 12.22 40.24
CA LEU B 41 27.80 12.31 38.91
C LEU B 41 27.32 13.59 38.24
N GLU B 42 28.24 14.35 37.65
CA GLU B 42 27.93 15.54 36.87
C GLU B 42 28.17 15.22 35.40
N ALA B 43 27.13 15.35 34.59
CA ALA B 43 27.28 15.11 33.16
C ALA B 43 28.27 16.09 32.56
N LEU B 44 29.25 15.56 31.82
CA LEU B 44 30.13 16.34 30.96
C LEU B 44 29.63 16.35 29.53
N PHE B 45 29.34 15.18 28.98
CA PHE B 45 28.80 15.02 27.64
C PHE B 45 27.62 14.06 27.68
N LEU B 46 26.56 14.41 26.99
CA LEU B 46 25.41 13.53 26.82
C LEU B 46 25.26 13.21 25.34
N THR B 47 24.73 12.04 25.05
CA THR B 47 24.47 11.63 23.67
C THR B 47 22.98 11.64 23.40
N VAL B 48 22.63 11.96 22.16
CA VAL B 48 21.31 11.69 21.62
C VAL B 48 21.50 10.68 20.49
N ASP B 49 20.54 9.77 20.33
CA ASP B 49 20.71 8.61 19.48
C ASP B 49 19.39 8.26 18.83
N PRO B 50 19.42 7.74 17.61
CA PRO B 50 18.16 7.35 16.94
C PRO B 50 17.29 6.40 17.75
N TYR B 51 17.89 5.52 18.56
CA TYR B 51 17.08 4.53 19.28
C TYR B 51 16.12 5.21 20.24
N MET B 52 16.42 6.43 20.68
CA MET B 52 15.54 7.14 21.60
C MET B 52 14.20 7.46 20.96
N ARG B 53 14.18 7.60 19.64
CA ARG B 53 12.91 7.84 18.94
C ARG B 53 12.04 6.60 18.93
N VAL B 54 12.66 5.41 18.87
CA VAL B 54 11.89 4.17 18.89
C VAL B 54 11.48 3.81 20.31
N ALA B 55 12.38 4.05 21.27
CA ALA B 55 12.16 3.60 22.64
C ALA B 55 11.21 4.50 23.43
N ALA B 56 11.03 5.75 23.01
CA ALA B 56 10.20 6.66 23.78
C ALA B 56 8.76 6.19 23.89
N LYS B 57 8.31 5.32 22.98
CA LYS B 57 6.93 4.86 23.02
C LYS B 57 6.64 3.99 24.24
N ARG B 58 7.65 3.37 24.83
CA ARG B 58 7.43 2.58 26.04
C ARG B 58 7.47 3.43 27.31
N LEU B 59 7.89 4.70 27.22
CA LEU B 59 7.83 5.58 28.35
C LEU B 59 6.38 6.02 28.61
N LYS B 60 6.14 6.46 29.84
CA LYS B 60 4.92 7.19 30.17
C LYS B 60 5.23 8.68 30.11
N GLU B 61 4.21 9.47 29.82
CA GLU B 61 4.39 10.92 29.79
C GLU B 61 4.74 11.42 31.18
N GLY B 62 5.77 12.25 31.27
CA GLY B 62 6.36 12.65 32.53
C GLY B 62 7.67 11.96 32.84
N ASP B 63 7.99 10.87 32.15
CA ASP B 63 9.21 10.13 32.40
C ASP B 63 10.42 10.85 31.82
N THR B 64 11.56 10.62 32.46
CA THR B 64 12.82 11.10 31.94
C THR B 64 13.17 10.39 30.64
N MET B 65 13.66 11.16 29.67
CA MET B 65 14.17 10.57 28.43
C MET B 65 15.39 9.71 28.72
N MET B 66 15.45 8.55 28.08
CA MET B 66 16.55 7.61 28.29
C MET B 66 17.79 8.07 27.54
N GLY B 67 18.96 7.68 28.06
CA GLY B 67 20.20 8.05 27.40
C GLY B 67 21.45 7.86 28.23
N GLN B 68 22.57 7.73 27.54
CA GLN B 68 23.89 7.58 28.13
C GLN B 68 24.63 8.92 28.16
N GLN B 69 25.63 9.01 29.05
CA GLN B 69 26.42 10.21 29.20
C GLN B 69 27.80 9.84 29.73
N VAL B 70 28.78 10.69 29.43
CA VAL B 70 30.05 10.71 30.15
C VAL B 70 29.92 11.68 31.30
N ALA B 71 30.26 11.25 32.50
CA ALA B 71 30.12 12.05 33.70
C ALA B 71 31.38 11.95 34.54
N LYS B 72 31.54 12.92 35.43
CA LYS B 72 32.63 12.92 36.40
C LYS B 72 32.05 12.90 37.81
N VAL B 73 32.67 12.10 38.68
CA VAL B 73 32.29 12.09 40.08
C VAL B 73 32.66 13.43 40.71
N VAL B 74 31.66 14.14 41.24
CA VAL B 74 31.92 15.37 41.97
C VAL B 74 31.82 15.17 43.48
N GLU B 75 31.10 14.15 43.94
CA GLU B 75 31.01 13.79 45.35
C GLU B 75 31.09 12.28 45.43
N SER B 76 31.84 11.77 46.41
CA SER B 76 32.11 10.34 46.47
C SER B 76 32.13 9.85 47.90
N LYS B 77 31.25 8.88 48.18
CA LYS B 77 31.36 8.02 49.36
C LYS B 77 31.75 6.60 48.97
N ASN B 78 32.49 6.46 47.88
CA ASN B 78 32.89 5.16 47.34
C ASN B 78 34.34 5.28 46.88
N VAL B 79 35.26 4.60 47.59
CA VAL B 79 36.68 4.76 47.31
C VAL B 79 37.08 4.16 45.96
N ALA B 80 36.28 3.24 45.42
CA ALA B 80 36.55 2.72 44.08
C ALA B 80 36.27 3.76 43.01
N LEU B 81 35.36 4.70 43.31
CA LEU B 81 35.00 5.79 42.40
C LEU B 81 35.36 7.11 43.07
N PRO B 82 36.65 7.40 43.21
CA PRO B 82 37.06 8.64 43.86
C PRO B 82 36.62 9.86 43.06
N LYS B 83 36.76 11.01 43.71
CA LYS B 83 36.38 12.28 43.09
C LYS B 83 37.25 12.54 41.86
N GLY B 84 36.61 12.97 40.77
CA GLY B 84 37.29 13.23 39.52
C GLY B 84 37.24 12.09 38.52
N THR B 85 36.84 10.89 38.95
CA THR B 85 36.77 9.74 38.06
C THR B 85 35.76 10.00 36.94
N ILE B 86 36.12 9.57 35.72
CA ILE B 86 35.26 9.68 34.55
C ILE B 86 34.57 8.34 34.34
N VAL B 87 33.25 8.38 34.11
CA VAL B 87 32.46 7.17 33.97
C VAL B 87 31.41 7.35 32.88
N LEU B 88 30.99 6.23 32.31
CA LEU B 88 29.78 6.16 31.49
C LEU B 88 28.61 5.75 32.38
N ALA B 89 27.53 6.51 32.31
CA ALA B 89 26.31 6.20 33.04
C ALA B 89 25.12 6.47 32.13
N SER B 90 23.98 5.85 32.45
CA SER B 90 22.77 6.01 31.66
C SER B 90 21.59 6.38 32.57
N PRO B 91 21.67 7.53 33.24
CA PRO B 91 20.53 8.02 34.03
C PRO B 91 19.49 8.74 33.20
N GLY B 92 19.71 8.92 31.91
CA GLY B 92 18.81 9.70 31.08
C GLY B 92 19.30 11.12 30.88
N TRP B 93 18.44 11.93 30.28
CA TRP B 93 18.76 13.32 29.98
C TRP B 93 18.70 14.12 31.28
N THR B 94 19.77 14.06 32.05
CA THR B 94 19.83 14.78 33.32
C THR B 94 21.26 15.26 33.54
N THR B 95 21.37 16.40 34.21
CA THR B 95 22.68 17.01 34.42
C THR B 95 23.42 16.38 35.60
N HIS B 96 22.70 15.87 36.59
CA HIS B 96 23.30 15.26 37.77
C HIS B 96 22.50 14.02 38.16
N SER B 97 23.16 13.07 38.80
CA SER B 97 22.50 11.84 39.22
C SER B 97 23.32 11.17 40.31
N ILE B 98 22.69 10.21 40.98
CA ILE B 98 23.33 9.45 42.05
C ILE B 98 23.41 8.00 41.60
N SER B 99 24.53 7.35 41.93
CA SER B 99 24.77 5.97 41.53
C SER B 99 25.47 5.24 42.66
N ASP B 100 25.09 3.98 42.88
CA ASP B 100 25.79 3.13 43.83
C ASP B 100 26.99 2.41 43.21
N GLY B 101 27.29 2.70 41.95
CA GLY B 101 28.45 2.13 41.27
C GLY B 101 28.16 0.89 40.47
N LYS B 102 27.06 0.19 40.74
CA LYS B 102 26.79 -1.09 40.09
C LYS B 102 26.34 -0.94 38.64
N ASP B 103 25.95 0.27 38.21
CA ASP B 103 25.49 0.52 36.84
C ASP B 103 26.42 1.48 36.10
N LEU B 104 27.67 1.59 36.52
CA LEU B 104 28.63 2.49 35.90
C LEU B 104 29.72 1.69 35.19
N GLU B 105 30.36 2.35 34.22
CA GLU B 105 31.52 1.81 33.53
C GLU B 105 32.62 2.85 33.52
N LYS B 106 33.81 2.47 33.95
CA LYS B 106 34.95 3.36 33.76
C LYS B 106 35.34 3.37 32.29
N LEU B 107 35.93 4.49 31.85
CA LEU B 107 36.49 4.55 30.51
C LEU B 107 37.70 3.64 30.42
N LEU B 108 38.05 3.27 29.19
CA LEU B 108 39.24 2.45 28.96
C LEU B 108 40.42 3.02 29.72
N THR B 109 41.19 2.14 30.37
CA THR B 109 42.27 2.59 31.23
C THR B 109 43.35 3.32 30.44
N GLU B 110 43.62 2.88 29.22
CA GLU B 110 44.71 3.45 28.41
C GLU B 110 44.25 4.65 27.59
N TRP B 111 43.42 5.51 28.15
CA TRP B 111 42.79 6.59 27.40
C TRP B 111 43.69 7.82 27.40
N PRO B 112 44.22 8.24 26.25
CA PRO B 112 45.13 9.39 26.25
C PRO B 112 44.40 10.73 26.34
N ASP B 113 45.11 11.71 26.91
CA ASP B 113 44.54 13.04 27.10
C ASP B 113 44.23 13.73 25.78
N THR B 114 44.78 13.24 24.66
CA THR B 114 44.57 13.88 23.36
C THR B 114 43.24 13.51 22.72
N ILE B 115 42.54 12.50 23.24
CA ILE B 115 41.30 12.01 22.62
C ILE B 115 40.13 12.53 23.44
N PRO B 116 39.17 13.24 22.84
CA PRO B 116 38.04 13.76 23.62
C PRO B 116 37.33 12.65 24.38
N LEU B 117 36.91 12.97 25.61
CA LEU B 117 36.13 12.01 26.39
C LEU B 117 34.83 11.66 25.70
N SER B 118 34.27 12.58 24.92
CA SER B 118 33.00 12.35 24.23
C SER B 118 33.09 11.23 23.20
N LEU B 119 34.29 10.82 22.80
CA LEU B 119 34.41 9.67 21.91
C LEU B 119 33.92 8.39 22.56
N ALA B 120 33.84 8.36 23.89
CA ALA B 120 33.30 7.20 24.60
C ALA B 120 31.80 7.05 24.40
N LEU B 121 31.14 8.02 23.78
CA LEU B 121 29.74 7.93 23.40
C LEU B 121 29.56 7.69 21.91
N GLY B 122 30.66 7.57 21.16
CA GLY B 122 30.61 7.46 19.72
C GLY B 122 31.56 6.43 19.14
N THR B 123 32.64 6.91 18.53
CA THR B 123 33.54 6.02 17.82
C THR B 123 34.15 4.98 18.74
N VAL B 124 34.59 5.38 19.92
CA VAL B 124 35.09 4.43 20.91
C VAL B 124 34.00 4.23 21.95
N GLY B 125 32.79 3.98 21.46
CA GLY B 125 31.63 3.79 22.30
C GLY B 125 30.58 2.97 21.59
N MET B 126 29.34 3.09 22.06
CA MET B 126 28.29 2.20 21.57
C MET B 126 28.11 2.24 20.06
N PRO B 127 28.09 3.41 19.40
CA PRO B 127 27.95 3.39 17.93
C PRO B 127 29.14 2.75 17.22
N GLY B 128 30.35 2.95 17.74
CA GLY B 128 31.50 2.30 17.14
C GLY B 128 31.46 0.79 17.29
N LEU B 129 30.95 0.30 18.42
CA LEU B 129 30.78 -1.13 18.59
C LEU B 129 29.69 -1.70 17.70
N THR B 130 28.65 -0.91 17.44
CA THR B 130 27.62 -1.33 16.50
C THR B 130 28.22 -1.56 15.12
N ALA B 131 29.02 -0.59 14.65
CA ALA B 131 29.70 -0.75 13.37
C ALA B 131 30.65 -1.95 13.40
N TYR B 132 31.36 -2.12 14.51
CA TYR B 132 32.38 -3.16 14.62
C TYR B 132 31.77 -4.55 14.47
N PHE B 133 30.81 -4.87 15.34
CA PHE B 133 30.23 -6.21 15.31
C PHE B 133 29.32 -6.40 14.11
N GLY B 134 28.59 -5.35 13.73
CA GLY B 134 27.73 -5.46 12.57
C GLY B 134 28.49 -5.83 11.32
N LEU B 135 29.64 -5.20 11.10
CA LEU B 135 30.41 -5.43 9.89
C LEU B 135 31.24 -6.70 9.98
N LEU B 136 31.89 -6.95 11.11
CA LEU B 136 32.86 -8.04 11.21
C LEU B 136 32.23 -9.38 11.56
N GLU B 137 31.06 -9.39 12.18
CA GLU B 137 30.43 -10.65 12.58
C GLU B 137 29.09 -10.91 11.91
N ILE B 138 28.30 -9.88 11.62
CA ILE B 138 27.03 -10.10 10.91
C ILE B 138 27.23 -10.08 9.40
N CYS B 139 27.88 -9.05 8.87
CA CYS B 139 28.31 -9.11 7.47
C CYS B 139 29.45 -10.10 7.29
N GLY B 140 30.33 -10.22 8.27
CA GLY B 140 31.43 -11.17 8.19
C GLY B 140 32.43 -10.87 7.10
N VAL B 141 32.78 -9.60 6.91
CA VAL B 141 33.74 -9.26 5.86
C VAL B 141 35.07 -9.91 6.15
N LYS B 142 35.69 -10.47 5.12
CA LYS B 142 37.03 -11.04 5.20
C LYS B 142 38.04 -10.27 4.37
N GLY B 143 37.63 -9.21 3.70
CA GLY B 143 38.51 -8.45 2.83
C GLY B 143 38.15 -8.64 1.37
N GLY B 144 38.15 -7.55 0.62
CA GLY B 144 37.85 -7.58 -0.79
C GLY B 144 36.39 -7.38 -1.16
N GLU B 145 35.48 -7.42 -0.18
CA GLU B 145 34.07 -7.22 -0.47
C GLU B 145 33.80 -5.77 -0.88
N THR B 146 32.69 -5.59 -1.60
CA THR B 146 32.13 -4.27 -1.87
C THR B 146 30.97 -4.06 -0.90
N VAL B 147 31.10 -3.05 -0.05
CA VAL B 147 30.18 -2.79 1.05
C VAL B 147 29.42 -1.51 0.74
N MET B 148 28.10 -1.57 0.83
CA MET B 148 27.24 -0.40 0.76
C MET B 148 26.83 -0.04 2.18
N VAL B 149 26.94 1.23 2.53
CA VAL B 149 26.55 1.70 3.86
C VAL B 149 25.84 3.04 3.69
N ASN B 150 24.67 3.18 4.28
CA ASN B 150 23.92 4.42 4.25
C ASN B 150 24.01 5.11 5.62
N ALA B 151 23.45 6.29 5.70
CA ALA B 151 23.75 7.19 6.81
C ALA B 151 25.24 7.14 7.08
N ALA B 152 26.04 7.21 6.00
CA ALA B 152 27.45 6.85 6.09
C ALA B 152 28.30 7.91 6.80
N ALA B 153 27.82 9.15 6.89
CA ALA B 153 28.52 10.18 7.64
C ALA B 153 28.06 10.27 9.09
N GLY B 154 27.19 9.36 9.53
CA GLY B 154 26.75 9.35 10.91
C GLY B 154 27.72 8.62 11.80
N ALA B 155 27.33 8.47 13.08
CA ALA B 155 28.22 7.88 14.07
C ALA B 155 28.57 6.44 13.71
N VAL B 156 27.56 5.64 13.37
CA VAL B 156 27.81 4.24 13.04
C VAL B 156 28.43 4.13 11.65
N GLY B 157 27.81 4.77 10.66
CA GLY B 157 28.21 4.55 9.28
C GLY B 157 29.64 4.96 9.01
N SER B 158 30.08 6.07 9.59
CA SER B 158 31.43 6.54 9.33
C SER B 158 32.47 5.56 9.86
N VAL B 159 32.15 4.87 10.96
CA VAL B 159 33.05 3.84 11.47
C VAL B 159 32.98 2.59 10.62
N VAL B 160 31.78 2.21 10.17
CA VAL B 160 31.65 1.04 9.30
C VAL B 160 32.59 1.18 8.11
N GLY B 161 32.49 2.30 7.39
CA GLY B 161 33.30 2.48 6.20
C GLY B 161 34.78 2.41 6.47
N GLN B 162 35.23 2.99 7.58
CA GLN B 162 36.66 3.02 7.86
C GLN B 162 37.19 1.67 8.31
N ILE B 163 36.41 0.90 9.06
CA ILE B 163 36.79 -0.48 9.37
C ILE B 163 36.84 -1.30 8.09
N ALA B 164 35.84 -1.15 7.23
CA ALA B 164 35.84 -1.86 5.96
C ALA B 164 37.07 -1.51 5.14
N LYS B 165 37.46 -0.23 5.13
CA LYS B 165 38.63 0.17 4.36
C LYS B 165 39.91 -0.48 4.87
N LEU B 166 40.10 -0.49 6.20
CA LEU B 166 41.32 -1.09 6.72
C LEU B 166 41.31 -2.60 6.63
N LYS B 167 40.14 -3.22 6.44
CA LYS B 167 40.07 -4.65 6.17
C LYS B 167 40.26 -4.97 4.69
N GLY B 168 40.39 -3.97 3.84
CA GLY B 168 40.62 -4.18 2.42
C GLY B 168 39.39 -4.16 1.54
N CYS B 169 38.30 -3.53 1.97
CA CYS B 169 37.05 -3.52 1.23
C CYS B 169 36.90 -2.25 0.42
N LYS B 170 36.10 -2.33 -0.63
CA LYS B 170 35.61 -1.16 -1.34
C LYS B 170 34.32 -0.72 -0.65
N VAL B 171 34.19 0.59 -0.39
CA VAL B 171 33.08 1.12 0.40
C VAL B 171 32.37 2.18 -0.44
N VAL B 172 31.04 2.04 -0.52
CA VAL B 172 30.16 3.02 -1.16
C VAL B 172 29.25 3.57 -0.07
N GLY B 173 29.24 4.87 0.10
CA GLY B 173 28.52 5.52 1.18
C GLY B 173 27.48 6.49 0.65
N ALA B 174 26.29 6.44 1.22
CA ALA B 174 25.22 7.38 0.92
C ALA B 174 25.05 8.35 2.09
N VAL B 175 24.96 9.64 1.79
CA VAL B 175 24.84 10.69 2.80
C VAL B 175 23.85 11.72 2.28
N GLY B 176 23.41 12.61 3.16
CA GLY B 176 22.35 13.54 2.87
C GLY B 176 22.74 14.98 2.61
N SER B 177 24.04 15.29 2.55
CA SER B 177 24.46 16.67 2.33
C SER B 177 25.82 16.67 1.63
N ASP B 178 26.11 17.79 0.97
CA ASP B 178 27.36 17.91 0.22
C ASP B 178 28.56 17.99 1.16
N GLU B 179 28.38 18.62 2.32
CA GLU B 179 29.45 18.64 3.32
C GLU B 179 29.80 17.23 3.79
N LYS B 180 28.79 16.35 3.89
CA LYS B 180 29.06 14.97 4.27
C LYS B 180 29.81 14.22 3.19
N VAL B 181 29.61 14.59 1.92
CA VAL B 181 30.36 13.96 0.84
C VAL B 181 31.85 14.21 1.01
N ALA B 182 32.23 15.48 1.20
CA ALA B 182 33.63 15.82 1.39
C ALA B 182 34.21 15.08 2.58
N TYR B 183 33.45 15.02 3.69
CA TYR B 183 33.95 14.36 4.89
C TYR B 183 34.34 12.91 4.60
N LEU B 184 33.44 12.16 3.95
CA LEU B 184 33.70 10.74 3.74
C LEU B 184 34.76 10.50 2.67
N GLN B 185 34.86 11.38 1.67
CA GLN B 185 35.95 11.24 0.71
C GLN B 185 37.30 11.51 1.38
N LYS B 186 37.31 12.30 2.45
CA LYS B 186 38.53 12.49 3.22
C LYS B 186 38.83 11.31 4.14
N LEU B 187 37.84 10.51 4.47
CA LEU B 187 38.04 9.30 5.27
C LEU B 187 38.43 8.10 4.44
N GLY B 188 38.42 8.21 3.11
CA GLY B 188 38.88 7.15 2.25
C GLY B 188 37.79 6.36 1.55
N PHE B 189 36.52 6.69 1.76
CA PHE B 189 35.44 6.00 1.06
C PHE B 189 35.70 6.00 -0.45
N ASP B 190 35.42 4.86 -1.09
CA ASP B 190 35.68 4.75 -2.53
C ASP B 190 34.69 5.55 -3.35
N VAL B 191 33.42 5.48 -3.00
CA VAL B 191 32.37 6.24 -3.68
C VAL B 191 31.48 6.83 -2.60
N VAL B 192 31.20 8.13 -2.71
CA VAL B 192 30.29 8.81 -1.80
C VAL B 192 29.38 9.69 -2.63
N PHE B 193 28.07 9.62 -2.37
CA PHE B 193 27.11 10.42 -3.10
C PHE B 193 26.04 10.94 -2.15
N ASN B 194 25.40 12.02 -2.57
CA ASN B 194 24.32 12.67 -1.83
C ASN B 194 23.01 12.10 -2.36
N TYR B 195 22.39 11.21 -1.58
CA TYR B 195 21.20 10.52 -2.06
C TYR B 195 20.01 11.46 -2.21
N LYS B 196 20.06 12.65 -1.60
CA LYS B 196 18.96 13.60 -1.73
C LYS B 196 19.01 14.41 -3.02
N THR B 197 20.16 14.43 -3.72
CA THR B 197 20.31 15.26 -4.91
C THR B 197 20.61 14.49 -6.19
N VAL B 198 20.96 13.21 -6.10
CA VAL B 198 21.16 12.44 -7.32
C VAL B 198 19.84 12.32 -8.08
N GLU B 199 19.93 12.24 -9.41
CA GLU B 199 18.72 12.11 -10.22
C GLU B 199 18.05 10.76 -10.01
N SER B 200 18.84 9.69 -9.89
CA SER B 200 18.30 8.35 -9.69
C SER B 200 19.20 7.59 -8.72
N LEU B 201 18.63 7.17 -7.59
CA LEU B 201 19.37 6.33 -6.66
C LEU B 201 19.81 5.04 -7.32
N GLU B 202 18.94 4.42 -8.11
CA GLU B 202 19.24 3.14 -8.73
C GLU B 202 20.43 3.24 -9.67
N GLU B 203 20.45 4.27 -10.53
CA GLU B 203 21.56 4.43 -11.46
C GLU B 203 22.85 4.83 -10.73
N THR B 204 22.74 5.62 -9.67
CA THR B 204 23.92 6.00 -8.92
C THR B 204 24.58 4.79 -8.27
N LEU B 205 23.79 3.89 -7.70
CA LEU B 205 24.36 2.69 -7.08
C LEU B 205 24.97 1.77 -8.11
N LYS B 206 24.37 1.67 -9.30
CA LYS B 206 24.93 0.83 -10.35
C LYS B 206 26.25 1.37 -10.86
N LYS B 207 26.36 2.70 -11.01
CA LYS B 207 27.61 3.30 -11.42
C LYS B 207 28.67 3.14 -10.34
N ALA B 208 28.27 3.22 -9.07
CA ALA B 208 29.23 3.09 -7.97
C ALA B 208 29.80 1.68 -7.90
N SER B 209 29.00 0.67 -8.24
CA SER B 209 29.47 -0.72 -8.23
C SER B 209 28.68 -1.49 -9.27
N PRO B 210 29.13 -1.49 -10.53
CA PRO B 210 28.35 -2.14 -11.60
C PRO B 210 28.15 -3.64 -11.40
N ASP B 211 28.98 -4.30 -10.59
CA ASP B 211 28.86 -5.74 -10.37
C ASP B 211 28.08 -6.08 -9.11
N GLY B 212 27.52 -5.08 -8.43
CA GLY B 212 26.71 -5.33 -7.26
C GLY B 212 27.48 -5.17 -5.97
N TYR B 213 26.81 -5.52 -4.88
CA TYR B 213 27.33 -5.32 -3.53
C TYR B 213 27.34 -6.67 -2.80
N ASP B 214 28.48 -6.97 -2.17
CA ASP B 214 28.59 -8.19 -1.37
C ASP B 214 27.94 -8.03 -0.01
N CYS B 215 28.04 -6.83 0.57
CA CYS B 215 27.54 -6.55 1.90
C CYS B 215 26.80 -5.23 1.91
N TYR B 216 25.74 -5.17 2.70
CA TYR B 216 24.92 -3.98 2.86
C TYR B 216 24.76 -3.78 4.36
N PHE B 217 25.40 -2.74 4.89
CA PHE B 217 25.24 -2.36 6.29
C PHE B 217 24.10 -1.35 6.33
N ASP B 218 22.90 -1.83 6.68
CA ASP B 218 21.67 -1.07 6.51
C ASP B 218 21.32 -0.33 7.78
N ASN B 219 21.32 1.00 7.71
CA ASN B 219 20.90 1.88 8.78
C ASN B 219 19.56 2.56 8.51
N VAL B 220 18.99 2.40 7.31
CA VAL B 220 17.93 3.26 6.82
C VAL B 220 16.64 2.50 6.54
N GLY B 221 16.74 1.32 5.94
CA GLY B 221 15.54 0.57 5.63
C GLY B 221 14.69 1.25 4.57
N GLY B 222 13.46 0.77 4.46
CA GLY B 222 12.48 1.41 3.61
C GLY B 222 12.77 1.23 2.13
N GLU B 223 12.39 2.25 1.35
CA GLU B 223 12.54 2.16 -0.10
C GLU B 223 14.00 2.25 -0.50
N PHE B 224 14.82 2.98 0.24
CA PHE B 224 16.25 3.00 -0.03
C PHE B 224 16.79 1.57 -0.08
N SER B 225 16.44 0.76 0.92
CA SER B 225 16.95 -0.60 1.00
C SER B 225 16.37 -1.50 -0.07
N ASN B 226 15.12 -1.26 -0.50
CA ASN B 226 14.60 -2.03 -1.62
C ASN B 226 15.46 -1.83 -2.86
N THR B 227 15.92 -0.60 -3.09
CA THR B 227 16.77 -0.32 -4.25
C THR B 227 18.13 -1.02 -4.11
N VAL B 228 18.75 -0.95 -2.93
CA VAL B 228 20.04 -1.61 -2.73
C VAL B 228 19.90 -3.11 -2.91
N ILE B 229 18.79 -3.68 -2.41
CA ILE B 229 18.60 -5.12 -2.48
C ILE B 229 18.58 -5.59 -3.93
N GLY B 230 18.04 -4.76 -4.84
CA GLY B 230 18.03 -5.12 -6.24
C GLY B 230 19.39 -5.16 -6.88
N GLN B 231 20.44 -4.75 -6.14
CA GLN B 231 21.81 -4.72 -6.65
C GLN B 231 22.75 -5.53 -5.78
N MET B 232 22.20 -6.38 -4.91
CA MET B 232 23.02 -7.29 -4.13
C MET B 232 23.50 -8.43 -5.01
N LYS B 233 24.77 -8.80 -4.85
CA LYS B 233 25.30 -9.98 -5.52
C LYS B 233 24.69 -11.25 -4.93
N LYS B 234 24.94 -12.36 -5.62
CA LYS B 234 24.49 -13.65 -5.11
C LYS B 234 25.20 -13.96 -3.80
N PHE B 235 24.43 -14.46 -2.83
CA PHE B 235 24.91 -14.73 -1.48
C PHE B 235 25.30 -13.46 -0.73
N GLY B 236 24.80 -12.30 -1.16
CA GLY B 236 25.07 -11.07 -0.44
C GLY B 236 24.49 -11.10 0.96
N ARG B 237 25.13 -10.36 1.86
CA ARG B 237 24.75 -10.32 3.27
C ARG B 237 24.33 -8.91 3.64
N ILE B 238 23.20 -8.80 4.34
CA ILE B 238 22.68 -7.53 4.83
C ILE B 238 22.74 -7.57 6.36
N ALA B 239 23.44 -6.61 6.95
CA ALA B 239 23.39 -6.38 8.38
C ALA B 239 22.28 -5.37 8.66
N ILE B 240 21.16 -5.84 9.19
CA ILE B 240 20.05 -4.94 9.51
C ILE B 240 20.38 -4.28 10.85
N CYS B 241 21.02 -3.13 10.78
CA CYS B 241 21.41 -2.39 11.97
C CYS B 241 20.30 -1.48 12.46
N GLY B 242 19.65 -0.76 11.55
CA GLY B 242 18.54 0.10 11.91
C GLY B 242 17.70 0.38 10.69
N ALA B 243 16.65 1.17 10.90
CA ALA B 243 15.73 1.52 9.83
C ALA B 243 15.19 2.93 10.11
N ILE B 244 16.10 3.92 10.12
CA ILE B 244 15.74 5.25 10.57
C ILE B 244 14.76 5.95 9.63
N SER B 245 14.61 5.48 8.39
CA SER B 245 13.59 6.05 7.52
C SER B 245 12.18 5.76 8.03
N THR B 246 12.04 4.80 8.96
CA THR B 246 10.74 4.40 9.48
C THR B 246 10.45 4.93 10.87
N TYR B 247 11.46 5.44 11.60
CA TYR B 247 11.28 5.77 13.01
C TYR B 247 10.28 6.89 13.22
N ASN B 248 10.25 7.87 12.32
CA ASN B 248 9.33 9.01 12.45
C ASN B 248 8.11 8.84 11.56
N ARG B 249 7.86 7.64 11.05
CA ARG B 249 6.85 7.46 10.03
C ARG B 249 5.45 7.69 10.60
N THR B 250 4.58 8.21 9.74
CA THR B 250 3.21 8.54 10.10
C THR B 250 2.17 7.68 9.39
N GLY B 251 2.54 7.04 8.28
CA GLY B 251 1.65 6.17 7.56
C GLY B 251 2.14 4.73 7.57
N PRO B 252 1.76 3.96 6.57
CA PRO B 252 2.17 2.55 6.54
C PRO B 252 3.60 2.37 6.09
N LEU B 253 4.20 1.26 6.52
CA LEU B 253 5.51 0.89 6.02
C LEU B 253 5.44 0.76 4.50
N PRO B 254 6.54 1.01 3.80
CA PRO B 254 6.53 0.88 2.34
C PRO B 254 6.56 -0.59 1.94
N PRO B 255 6.34 -0.90 0.67
CA PRO B 255 6.46 -2.29 0.22
C PRO B 255 7.76 -2.91 0.71
N GLY B 256 7.71 -4.20 0.98
CA GLY B 256 8.89 -4.92 1.41
C GLY B 256 9.83 -5.16 0.24
N PRO B 257 11.03 -5.65 0.54
CA PRO B 257 11.96 -6.03 -0.53
C PRO B 257 11.35 -7.11 -1.40
N PRO B 258 11.43 -6.99 -2.72
CA PRO B 258 10.74 -7.93 -3.61
C PRO B 258 11.28 -9.33 -3.44
N PRO B 259 10.48 -10.27 -2.92
CA PRO B 259 11.05 -11.58 -2.53
C PRO B 259 11.67 -12.34 -3.68
N GLU B 260 11.21 -12.15 -4.91
CA GLU B 260 11.79 -12.88 -6.04
C GLU B 260 13.26 -12.52 -6.21
N ILE B 261 13.62 -11.26 -5.95
CA ILE B 261 15.03 -10.88 -5.98
C ILE B 261 15.78 -11.46 -4.79
N VAL B 262 15.17 -11.41 -3.61
CA VAL B 262 15.79 -11.94 -2.40
C VAL B 262 16.13 -13.41 -2.58
N ILE B 263 15.24 -14.16 -3.22
CA ILE B 263 15.42 -15.61 -3.33
C ILE B 263 16.42 -15.94 -4.44
N TYR B 264 16.25 -15.32 -5.62
CA TYR B 264 17.17 -15.60 -6.72
C TYR B 264 18.60 -15.23 -6.34
N GLN B 265 18.79 -14.16 -5.57
CA GLN B 265 20.11 -13.77 -5.10
C GLN B 265 20.51 -14.44 -3.80
N GLU B 266 19.63 -15.26 -3.20
CA GLU B 266 19.95 -16.04 -2.01
C GLU B 266 20.58 -15.16 -0.92
N LEU B 267 19.90 -14.07 -0.60
CA LEU B 267 20.44 -13.11 0.36
C LEU B 267 20.28 -13.59 1.79
N ARG B 268 21.24 -13.21 2.63
CA ARG B 268 21.21 -13.47 4.06
C ARG B 268 21.10 -12.12 4.77
N MET B 269 19.98 -11.90 5.46
CA MET B 269 19.68 -10.63 6.10
C MET B 269 19.47 -10.89 7.59
N GLU B 270 20.42 -10.46 8.43
CA GLU B 270 20.36 -10.68 9.86
C GLU B 270 20.41 -9.36 10.60
N ALA B 271 19.48 -9.17 11.53
CA ALA B 271 19.51 -8.01 12.42
C ALA B 271 20.27 -8.37 13.69
N PHE B 272 20.72 -7.32 14.38
CA PHE B 272 21.53 -7.49 15.56
C PHE B 272 21.34 -6.29 16.47
N VAL B 273 21.65 -6.50 17.75
CA VAL B 273 21.71 -5.43 18.74
C VAL B 273 23.11 -5.44 19.34
N VAL B 274 23.68 -4.24 19.48
CA VAL B 274 25.10 -4.14 19.83
C VAL B 274 25.38 -4.82 21.16
N TYR B 275 24.43 -4.77 22.09
CA TYR B 275 24.66 -5.31 23.43
C TYR B 275 24.49 -6.83 23.50
N ARG B 276 24.32 -7.51 22.36
CA ARG B 276 24.46 -8.96 22.34
C ARG B 276 25.86 -9.36 22.81
N TRP B 277 26.87 -8.57 22.46
CA TRP B 277 28.24 -8.84 22.84
C TRP B 277 28.56 -8.13 24.15
N GLN B 278 29.18 -8.85 25.09
CA GLN B 278 29.53 -8.26 26.38
C GLN B 278 30.84 -8.85 26.89
N GLY B 279 31.35 -8.26 27.97
CA GLY B 279 32.52 -8.82 28.64
C GLY B 279 33.76 -8.73 27.77
N ASP B 280 34.51 -9.84 27.72
CA ASP B 280 35.68 -9.94 26.86
C ASP B 280 35.43 -9.27 25.52
N ALA B 281 34.34 -9.65 24.84
CA ALA B 281 34.12 -9.21 23.47
C ALA B 281 34.04 -7.69 23.38
N ARG B 282 33.20 -7.07 24.21
CA ARG B 282 32.97 -5.63 24.07
C ARG B 282 34.21 -4.83 24.46
N GLN B 283 34.93 -5.27 25.48
CA GLN B 283 36.13 -4.56 25.91
C GLN B 283 37.24 -4.68 24.86
N LYS B 284 37.35 -5.85 24.23
CA LYS B 284 38.37 -6.02 23.20
C LYS B 284 38.05 -5.16 21.98
N ALA B 285 36.77 -5.08 21.60
CA ALA B 285 36.39 -4.25 20.46
C ALA B 285 36.67 -2.78 20.75
N LEU B 286 36.41 -2.33 21.97
CA LEU B 286 36.71 -0.95 22.32
C LEU B 286 38.20 -0.66 22.24
N LYS B 287 39.03 -1.61 22.70
CA LYS B 287 40.47 -1.40 22.62
C LYS B 287 40.94 -1.34 21.17
N ASP B 288 40.31 -2.11 20.28
CA ASP B 288 40.64 -2.04 18.86
C ASP B 288 40.26 -0.69 18.29
N LEU B 289 39.04 -0.22 18.59
CA LEU B 289 38.59 1.06 18.06
C LEU B 289 39.49 2.20 18.53
N LEU B 290 39.88 2.19 19.80
CA LEU B 290 40.77 3.23 20.31
C LEU B 290 42.13 3.17 19.61
N LYS B 291 42.72 1.96 19.54
CA LYS B 291 43.98 1.80 18.84
C LYS B 291 43.89 2.33 17.41
N TRP B 292 42.81 2.00 16.71
CA TRP B 292 42.70 2.41 15.32
C TRP B 292 42.55 3.92 15.20
N VAL B 293 41.89 4.56 16.16
CA VAL B 293 41.84 6.02 16.18
C VAL B 293 43.24 6.59 16.38
N LEU B 294 43.98 6.06 17.35
CA LEU B 294 45.32 6.56 17.63
C LEU B 294 46.31 6.25 16.51
N GLU B 295 46.06 5.20 15.72
CA GLU B 295 46.89 4.89 14.57
C GLU B 295 46.50 5.68 13.33
N GLY B 296 45.45 6.48 13.40
CA GLY B 296 44.99 7.25 12.26
C GLY B 296 44.13 6.49 11.28
N LYS B 297 43.86 5.20 11.54
CA LYS B 297 43.03 4.40 10.66
C LYS B 297 41.56 4.72 10.78
N ILE B 298 41.12 5.27 11.91
CA ILE B 298 39.75 5.75 12.09
C ILE B 298 39.83 7.20 12.52
N GLN B 299 39.43 8.10 11.63
CA GLN B 299 39.26 9.50 11.97
C GLN B 299 37.83 9.72 12.48
N TYR B 300 37.64 10.85 13.14
CA TYR B 300 36.36 11.15 13.76
C TYR B 300 36.05 12.62 13.61
N LYS B 301 34.75 12.91 13.54
CA LYS B 301 34.24 14.26 13.67
C LYS B 301 33.05 14.21 14.60
N GLU B 302 32.88 15.27 15.37
CA GLU B 302 31.80 15.37 16.33
C GLU B 302 30.94 16.59 16.03
N TYR B 303 29.63 16.41 16.14
CA TYR B 303 28.65 17.48 15.98
C TYR B 303 28.23 17.86 17.39
N ILE B 304 28.92 18.84 17.97
CA ILE B 304 28.76 19.18 19.38
C ILE B 304 27.84 20.38 19.51
N ILE B 305 26.82 20.24 20.34
CA ILE B 305 25.85 21.29 20.63
C ILE B 305 26.04 21.67 22.08
N GLU B 306 26.32 22.95 22.32
CA GLU B 306 26.63 23.44 23.66
C GLU B 306 25.35 23.78 24.39
N GLY B 307 25.20 23.26 25.61
CA GLY B 307 24.08 23.59 26.46
C GLY B 307 23.12 22.44 26.67
N PHE B 308 23.00 21.98 27.93
CA PHE B 308 22.01 20.95 28.24
C PHE B 308 20.61 21.36 27.80
N GLU B 309 20.32 22.67 27.85
CA GLU B 309 19.01 23.16 27.47
C GLU B 309 18.71 22.95 25.99
N ASN B 310 19.73 22.65 25.19
CA ASN B 310 19.57 22.43 23.75
C ASN B 310 19.58 20.96 23.37
N MET B 311 19.34 20.07 24.34
CA MET B 311 19.43 18.65 24.08
C MET B 311 18.28 18.18 23.19
N PRO B 312 17.04 18.62 23.42
CA PRO B 312 15.99 18.28 22.45
C PRO B 312 16.33 18.76 21.05
N ALA B 313 16.89 19.97 20.93
CA ALA B 313 17.29 20.47 19.61
C ALA B 313 18.36 19.58 18.98
N ALA B 314 19.30 19.08 19.78
CA ALA B 314 20.30 18.17 19.23
C ALA B 314 19.66 16.87 18.75
N PHE B 315 18.70 16.36 19.51
CA PHE B 315 18.03 15.11 19.16
C PHE B 315 17.25 15.27 17.86
N MET B 316 16.49 16.35 17.73
CA MET B 316 15.72 16.59 16.52
C MET B 316 16.63 16.87 15.33
N GLY B 317 17.73 17.61 15.56
CA GLY B 317 18.65 17.88 14.46
C GLY B 317 19.28 16.62 13.93
N MET B 318 19.66 15.71 14.82
CA MET B 318 20.23 14.44 14.40
C MET B 318 19.24 13.64 13.56
N LEU B 319 17.98 13.57 14.01
CA LEU B 319 16.96 12.86 13.24
C LEU B 319 16.74 13.48 11.87
N LYS B 320 17.03 14.77 11.70
CA LYS B 320 16.86 15.47 10.44
C LYS B 320 18.11 15.47 9.57
N GLY B 321 19.21 14.88 10.03
CA GLY B 321 20.42 14.83 9.24
C GLY B 321 21.35 16.02 9.38
N ASP B 322 21.11 16.89 10.38
CA ASP B 322 21.99 18.05 10.58
C ASP B 322 23.41 17.64 10.94
N ASN B 323 23.58 16.47 11.55
CA ASN B 323 24.84 16.12 12.19
C ASN B 323 25.83 15.52 11.20
N LEU B 324 27.08 15.97 11.28
CA LEU B 324 28.22 15.32 10.65
C LEU B 324 28.98 14.63 11.78
N GLY B 325 28.94 13.31 11.81
CA GLY B 325 29.53 12.56 12.91
C GLY B 325 28.60 12.44 14.09
N LYS B 326 29.15 11.94 15.20
CA LYS B 326 28.35 11.68 16.38
C LYS B 326 27.79 12.98 16.95
N THR B 327 26.48 13.00 17.19
CA THR B 327 25.83 14.14 17.83
C THR B 327 26.09 14.07 19.33
N ILE B 328 26.64 15.15 19.89
CA ILE B 328 27.00 15.23 21.29
C ILE B 328 26.46 16.53 21.86
N VAL B 329 26.11 16.50 23.14
CA VAL B 329 25.69 17.69 23.87
C VAL B 329 26.68 17.93 25.00
N LYS B 330 27.35 19.08 24.97
CA LYS B 330 28.26 19.46 26.04
C LYS B 330 27.44 20.14 27.14
N ALA B 331 27.44 19.54 28.33
CA ALA B 331 26.61 20.04 29.43
C ALA B 331 26.87 21.52 29.67
N SER C 4 -39.04 -31.88 -21.30
CA SER C 4 -38.07 -31.05 -22.01
C SER C 4 -36.80 -30.87 -21.19
N MET C 5 -35.66 -31.13 -21.82
CA MET C 5 -34.38 -31.05 -21.14
C MET C 5 -33.82 -29.63 -21.22
N THR C 6 -32.90 -29.31 -20.32
CA THR C 6 -32.21 -28.04 -20.32
C THR C 6 -30.77 -28.26 -19.85
N LYS C 7 -29.85 -27.50 -20.44
CA LYS C 7 -28.47 -27.44 -19.97
C LYS C 7 -28.26 -26.14 -19.22
N THR C 8 -27.41 -26.20 -18.19
CA THR C 8 -27.18 -25.07 -17.30
C THR C 8 -25.72 -25.01 -16.91
N TRP C 9 -25.12 -23.83 -17.00
CA TRP C 9 -23.78 -23.60 -16.48
C TRP C 9 -23.88 -23.13 -15.03
N THR C 10 -23.18 -23.83 -14.13
CA THR C 10 -23.16 -23.51 -12.72
C THR C 10 -21.74 -23.11 -12.31
N LEU C 11 -21.66 -22.36 -11.22
CA LEU C 11 -20.38 -21.97 -10.64
C LEU C 11 -19.88 -23.10 -9.76
N LYS C 12 -18.87 -23.84 -10.23
CA LYS C 12 -18.33 -24.94 -9.43
C LYS C 12 -17.44 -24.43 -8.31
N LYS C 13 -16.65 -23.40 -8.57
CA LYS C 13 -15.73 -22.83 -7.57
C LYS C 13 -15.68 -21.33 -7.74
N HIS C 14 -15.66 -20.61 -6.60
CA HIS C 14 -15.60 -19.16 -6.67
C HIS C 14 -14.32 -18.71 -7.35
N PHE C 15 -14.44 -17.61 -8.10
CA PHE C 15 -13.32 -17.13 -8.91
C PHE C 15 -12.17 -16.64 -8.05
N VAL C 16 -10.96 -16.96 -8.49
CA VAL C 16 -9.72 -16.47 -7.89
C VAL C 16 -8.89 -15.91 -9.04
N GLY C 17 -8.77 -14.58 -9.09
CA GLY C 17 -8.21 -13.99 -10.30
C GLY C 17 -9.19 -14.15 -11.45
N TYR C 18 -8.64 -14.32 -12.64
CA TYR C 18 -9.49 -14.54 -13.79
C TYR C 18 -10.18 -15.89 -13.68
N PRO C 19 -11.43 -16.01 -14.11
CA PRO C 19 -12.05 -17.34 -14.18
C PRO C 19 -11.27 -18.27 -15.09
N THR C 20 -11.35 -19.56 -14.78
CA THR C 20 -10.77 -20.63 -15.59
C THR C 20 -11.86 -21.67 -15.85
N ASN C 21 -11.58 -22.58 -16.78
CA ASN C 21 -12.56 -23.60 -17.15
C ASN C 21 -13.01 -24.41 -15.94
N SER C 22 -12.08 -24.68 -15.02
CA SER C 22 -12.40 -25.53 -13.88
C SER C 22 -13.39 -24.89 -12.92
N ASP C 23 -13.61 -23.58 -13.01
CA ASP C 23 -14.56 -22.91 -12.15
C ASP C 23 -16.01 -23.12 -12.58
N PHE C 24 -16.25 -23.78 -13.72
CA PHE C 24 -17.59 -23.93 -14.28
C PHE C 24 -17.92 -25.41 -14.44
N GLU C 25 -19.21 -25.73 -14.31
CA GLU C 25 -19.68 -27.10 -14.50
C GLU C 25 -21.01 -27.09 -15.22
N LEU C 26 -21.09 -27.83 -16.32
CA LEU C 26 -22.30 -27.94 -17.12
C LEU C 26 -23.15 -29.09 -16.58
N LYS C 27 -24.41 -28.80 -16.31
CA LYS C 27 -25.35 -29.78 -15.77
C LYS C 27 -26.57 -29.88 -16.68
N THR C 28 -27.12 -31.09 -16.76
CA THR C 28 -28.33 -31.36 -17.52
C THR C 28 -29.44 -31.76 -16.56
N SER C 29 -30.66 -31.29 -16.84
CA SER C 29 -31.81 -31.61 -16.02
C SER C 29 -33.05 -31.58 -16.90
N GLU C 30 -34.13 -32.13 -16.36
CA GLU C 30 -35.43 -32.15 -17.04
C GLU C 30 -36.34 -31.18 -16.32
N LEU C 31 -36.89 -30.22 -17.06
CA LEU C 31 -37.81 -29.26 -16.47
C LEU C 31 -39.19 -29.90 -16.31
N PRO C 32 -39.93 -29.51 -15.27
CA PRO C 32 -41.27 -30.10 -15.06
C PRO C 32 -42.25 -29.61 -16.11
N PRO C 33 -43.46 -30.16 -16.13
CA PRO C 33 -44.48 -29.65 -17.05
C PRO C 33 -44.92 -28.24 -16.66
N LEU C 34 -45.47 -27.53 -17.63
CA LEU C 34 -45.93 -26.17 -17.39
C LEU C 34 -47.17 -26.18 -16.51
N LYS C 35 -47.22 -25.23 -15.57
CA LYS C 35 -48.44 -24.93 -14.84
C LYS C 35 -49.17 -23.78 -15.52
N ASN C 36 -50.46 -23.65 -15.21
CA ASN C 36 -51.25 -22.56 -15.76
C ASN C 36 -50.58 -21.23 -15.45
N GLY C 37 -50.49 -20.37 -16.46
CA GLY C 37 -49.86 -19.08 -16.34
C GLY C 37 -48.39 -19.05 -16.71
N GLU C 38 -47.75 -20.20 -16.87
CA GLU C 38 -46.31 -20.29 -17.13
C GLU C 38 -46.03 -20.48 -18.61
N VAL C 39 -44.79 -20.15 -19.00
CA VAL C 39 -44.30 -20.36 -20.35
C VAL C 39 -42.98 -21.12 -20.28
N LEU C 40 -42.61 -21.73 -21.39
CA LEU C 40 -41.33 -22.42 -21.56
C LEU C 40 -40.51 -21.64 -22.57
N LEU C 41 -39.33 -21.19 -22.15
CA LEU C 41 -38.48 -20.34 -22.96
C LEU C 41 -37.29 -21.12 -23.49
N GLU C 42 -36.95 -20.90 -24.74
CA GLU C 42 -35.75 -21.44 -25.36
C GLU C 42 -34.82 -20.30 -25.71
N ALA C 43 -33.62 -20.31 -25.15
CA ALA C 43 -32.66 -19.26 -25.43
C ALA C 43 -32.29 -19.26 -26.91
N LEU C 44 -32.36 -18.09 -27.53
CA LEU C 44 -31.80 -17.84 -28.85
C LEU C 44 -30.41 -17.23 -28.75
N PHE C 45 -30.26 -16.18 -27.95
CA PHE C 45 -28.98 -15.52 -27.72
C PHE C 45 -28.82 -15.26 -26.23
N LEU C 46 -27.62 -15.54 -25.72
CA LEU C 46 -27.26 -15.24 -24.34
C LEU C 46 -26.14 -14.21 -24.32
N THR C 47 -26.09 -13.42 -23.26
CA THR C 47 -25.07 -12.41 -23.11
C THR C 47 -24.15 -12.79 -21.96
N VAL C 48 -22.89 -12.37 -22.07
CA VAL C 48 -21.94 -12.43 -20.97
C VAL C 48 -21.45 -11.01 -20.75
N ASP C 49 -21.29 -10.63 -19.48
CA ASP C 49 -21.06 -9.24 -19.12
C ASP C 49 -20.07 -9.16 -17.97
N PRO C 50 -19.30 -8.08 -17.90
CA PRO C 50 -18.34 -7.93 -16.79
C PRO C 50 -18.98 -8.03 -15.41
N TYR C 51 -20.23 -7.58 -15.24
CA TYR C 51 -20.83 -7.60 -13.91
C TYR C 51 -20.89 -9.01 -13.35
N MET C 52 -20.92 -10.03 -14.21
CA MET C 52 -21.01 -11.42 -13.73
C MET C 52 -19.77 -11.81 -12.93
N ARG C 53 -18.62 -11.22 -13.26
CA ARG C 53 -17.42 -11.47 -12.47
C ARG C 53 -17.55 -10.90 -11.06
N VAL C 54 -18.24 -9.76 -10.91
CA VAL C 54 -18.42 -9.17 -9.58
C VAL C 54 -19.51 -9.88 -8.80
N ALA C 55 -20.65 -10.16 -9.44
CA ALA C 55 -21.81 -10.69 -8.74
C ALA C 55 -21.68 -12.17 -8.40
N ALA C 56 -20.78 -12.89 -9.08
CA ALA C 56 -20.63 -14.32 -8.79
C ALA C 56 -20.19 -14.57 -7.36
N LYS C 57 -19.52 -13.60 -6.75
CA LYS C 57 -19.10 -13.73 -5.36
C LYS C 57 -20.29 -13.88 -4.42
N ARG C 58 -21.47 -13.42 -4.84
CA ARG C 58 -22.68 -13.56 -4.06
C ARG C 58 -23.33 -14.93 -4.21
N LEU C 59 -22.89 -15.73 -5.17
CA LEU C 59 -23.47 -17.04 -5.39
C LEU C 59 -22.87 -18.06 -4.42
N LYS C 60 -23.60 -19.16 -4.24
CA LYS C 60 -23.07 -20.34 -3.58
C LYS C 60 -22.64 -21.32 -4.67
N GLU C 61 -21.57 -22.07 -4.39
CA GLU C 61 -21.12 -23.06 -5.34
C GLU C 61 -22.25 -24.04 -5.63
N GLY C 62 -22.42 -24.37 -6.91
CA GLY C 62 -23.56 -25.12 -7.39
C GLY C 62 -24.63 -24.26 -8.05
N ASP C 63 -24.67 -22.98 -7.74
CA ASP C 63 -25.71 -22.09 -8.27
C ASP C 63 -25.51 -21.84 -9.75
N THR C 64 -26.60 -21.52 -10.43
CA THR C 64 -26.53 -21.14 -11.83
C THR C 64 -25.93 -19.74 -11.97
N MET C 65 -25.01 -19.60 -12.93
CA MET C 65 -24.49 -18.29 -13.27
C MET C 65 -25.61 -17.38 -13.74
N MET C 66 -25.56 -16.11 -13.32
CA MET C 66 -26.59 -15.15 -13.65
C MET C 66 -26.37 -14.56 -15.04
N GLY C 67 -27.45 -14.13 -15.67
CA GLY C 67 -27.34 -13.53 -16.98
C GLY C 67 -28.66 -13.37 -17.73
N GLN C 68 -28.66 -12.49 -18.72
CA GLN C 68 -29.82 -12.21 -19.53
C GLN C 68 -29.72 -12.94 -20.87
N GLN C 69 -30.87 -13.10 -21.53
CA GLN C 69 -30.92 -13.78 -22.81
C GLN C 69 -32.13 -13.29 -23.59
N VAL C 70 -32.03 -13.36 -24.90
CA VAL C 70 -33.18 -13.28 -25.79
C VAL C 70 -33.70 -14.70 -25.98
N ALA C 71 -34.99 -14.90 -25.71
CA ALA C 71 -35.58 -16.23 -25.72
C ALA C 71 -36.87 -16.21 -26.53
N LYS C 72 -37.28 -17.39 -26.97
CA LYS C 72 -38.54 -17.60 -27.68
C LYS C 72 -39.45 -18.48 -26.83
N VAL C 73 -40.73 -18.12 -26.76
CA VAL C 73 -41.72 -18.97 -26.12
C VAL C 73 -41.97 -20.17 -27.03
N VAL C 74 -41.70 -21.37 -26.52
CA VAL C 74 -41.95 -22.60 -27.28
C VAL C 74 -43.13 -23.39 -26.75
N GLU C 75 -43.58 -23.13 -25.52
CA GLU C 75 -44.82 -23.68 -24.99
C GLU C 75 -45.39 -22.63 -24.07
N SER C 76 -46.72 -22.46 -24.10
CA SER C 76 -47.32 -21.35 -23.39
C SER C 76 -48.67 -21.74 -22.79
N LYS C 77 -48.80 -21.56 -21.48
CA LYS C 77 -50.10 -21.47 -20.82
C LYS C 77 -50.33 -20.07 -20.28
N ASN C 78 -49.79 -19.06 -20.97
CA ASN C 78 -49.94 -17.66 -20.62
C ASN C 78 -50.49 -16.93 -21.83
N VAL C 79 -51.69 -16.38 -21.72
CA VAL C 79 -52.35 -15.79 -22.88
C VAL C 79 -51.58 -14.59 -23.41
N ALA C 80 -50.93 -13.82 -22.52
CA ALA C 80 -50.20 -12.65 -22.96
C ALA C 80 -48.91 -13.01 -23.69
N LEU C 81 -48.44 -14.24 -23.55
CA LEU C 81 -47.17 -14.70 -24.12
C LEU C 81 -47.41 -15.92 -24.98
N PRO C 82 -48.00 -15.73 -26.16
CA PRO C 82 -48.26 -16.89 -27.03
C PRO C 82 -46.98 -17.48 -27.60
N LYS C 83 -47.12 -18.71 -28.09
CA LYS C 83 -46.01 -19.40 -28.74
C LYS C 83 -45.45 -18.55 -29.87
N GLY C 84 -44.13 -18.39 -29.91
CA GLY C 84 -43.45 -17.59 -30.90
C GLY C 84 -43.01 -16.23 -30.41
N THR C 85 -43.54 -15.76 -29.28
CA THR C 85 -43.16 -14.46 -28.76
C THR C 85 -41.69 -14.44 -28.38
N ILE C 86 -41.03 -13.32 -28.66
CA ILE C 86 -39.64 -13.11 -28.26
C ILE C 86 -39.64 -12.24 -27.01
N VAL C 87 -38.79 -12.59 -26.05
CA VAL C 87 -38.72 -11.88 -24.78
C VAL C 87 -37.26 -11.79 -24.34
N LEU C 88 -37.01 -10.82 -23.47
CA LEU C 88 -35.80 -10.80 -22.66
C LEU C 88 -36.12 -11.47 -21.33
N ALA C 89 -35.25 -12.37 -20.91
CA ALA C 89 -35.39 -13.08 -19.64
C ALA C 89 -34.02 -13.20 -19.01
N SER C 90 -34.00 -13.38 -17.69
CA SER C 90 -32.75 -13.48 -16.94
C SER C 90 -32.77 -14.73 -16.05
N PRO C 91 -32.96 -15.90 -16.66
CA PRO C 91 -32.86 -17.15 -15.89
C PRO C 91 -31.45 -17.60 -15.61
N GLY C 92 -30.45 -16.91 -16.11
CA GLY C 92 -29.07 -17.34 -15.99
C GLY C 92 -28.61 -18.08 -17.23
N TRP C 93 -27.47 -18.74 -17.10
CA TRP C 93 -26.85 -19.46 -18.20
C TRP C 93 -27.55 -20.80 -18.36
N THR C 94 -28.64 -20.80 -19.12
CA THR C 94 -29.43 -22.01 -19.30
C THR C 94 -30.10 -21.95 -20.67
N THR C 95 -30.20 -23.12 -21.33
CA THR C 95 -30.76 -23.18 -22.66
C THR C 95 -32.28 -23.10 -22.66
N HIS C 96 -32.91 -23.55 -21.58
CA HIS C 96 -34.36 -23.55 -21.44
C HIS C 96 -34.71 -23.23 -20.00
N SER C 97 -35.85 -22.56 -19.81
CA SER C 97 -36.28 -22.18 -18.48
C SER C 97 -37.79 -21.98 -18.48
N ILE C 98 -38.37 -22.02 -17.29
CA ILE C 98 -39.80 -21.81 -17.09
C ILE C 98 -39.99 -20.51 -16.35
N SER C 99 -41.00 -19.74 -16.78
CA SER C 99 -41.27 -18.43 -16.22
C SER C 99 -42.77 -18.25 -16.06
N ASP C 100 -43.18 -17.60 -14.98
CA ASP C 100 -44.59 -17.26 -14.82
C ASP C 100 -44.98 -16.00 -15.58
N GLY C 101 -44.02 -15.35 -16.26
CA GLY C 101 -44.28 -14.22 -17.12
C GLY C 101 -43.99 -12.87 -16.49
N LYS C 102 -44.02 -12.77 -15.17
CA LYS C 102 -43.95 -11.47 -14.52
C LYS C 102 -42.56 -10.83 -14.62
N ASP C 103 -41.51 -11.64 -14.79
CA ASP C 103 -40.15 -11.13 -14.87
C ASP C 103 -39.68 -10.93 -16.30
N LEU C 104 -40.57 -11.07 -17.28
CA LEU C 104 -40.21 -11.01 -18.69
C LEU C 104 -40.47 -9.63 -19.26
N GLU C 105 -39.76 -9.32 -20.34
CA GLU C 105 -39.90 -8.05 -21.05
C GLU C 105 -40.01 -8.34 -22.54
N LYS C 106 -41.09 -7.87 -23.17
CA LYS C 106 -41.17 -7.94 -24.61
C LYS C 106 -40.25 -6.88 -25.23
N LEU C 107 -39.80 -7.15 -26.45
CA LEU C 107 -39.06 -6.15 -27.20
C LEU C 107 -39.99 -5.02 -27.62
N LEU C 108 -39.39 -3.90 -28.01
CA LEU C 108 -40.17 -2.76 -28.50
C LEU C 108 -41.13 -3.21 -29.59
N THR C 109 -42.37 -2.70 -29.54
CA THR C 109 -43.35 -3.04 -30.56
C THR C 109 -42.87 -2.62 -31.94
N GLU C 110 -42.00 -1.62 -32.02
CA GLU C 110 -41.49 -1.12 -33.29
C GLU C 110 -40.19 -1.81 -33.70
N TRP C 111 -39.87 -2.94 -33.10
CA TRP C 111 -38.60 -3.62 -33.40
C TRP C 111 -38.64 -4.16 -34.82
N PRO C 112 -37.74 -3.74 -35.71
CA PRO C 112 -37.77 -4.23 -37.09
C PRO C 112 -37.11 -5.60 -37.23
N ASP C 113 -37.37 -6.22 -38.38
CA ASP C 113 -36.74 -7.48 -38.74
C ASP C 113 -35.39 -7.28 -39.43
N THR C 114 -34.98 -6.04 -39.64
CA THR C 114 -33.76 -5.72 -40.35
C THR C 114 -32.53 -5.68 -39.45
N ILE C 115 -32.68 -5.89 -38.14
CA ILE C 115 -31.56 -5.84 -37.22
C ILE C 115 -31.51 -7.12 -36.39
N PRO C 116 -30.35 -7.56 -35.94
CA PRO C 116 -30.28 -8.80 -35.16
C PRO C 116 -31.09 -8.69 -33.87
N LEU C 117 -31.72 -9.81 -33.49
CA LEU C 117 -32.41 -9.85 -32.20
C LEU C 117 -31.44 -9.64 -31.05
N SER C 118 -30.16 -9.98 -31.23
CA SER C 118 -29.19 -9.89 -30.15
C SER C 118 -28.82 -8.46 -29.79
N LEU C 119 -29.23 -7.47 -30.59
CA LEU C 119 -29.03 -6.08 -30.19
C LEU C 119 -29.86 -5.72 -28.96
N ALA C 120 -30.89 -6.50 -28.65
CA ALA C 120 -31.63 -6.31 -27.41
C ALA C 120 -30.81 -6.65 -26.18
N LEU C 121 -29.65 -7.28 -26.36
CA LEU C 121 -28.70 -7.51 -25.28
C LEU C 121 -27.52 -6.56 -25.31
N GLY C 122 -27.52 -5.59 -26.22
CA GLY C 122 -26.38 -4.71 -26.39
C GLY C 122 -26.76 -3.26 -26.64
N THR C 123 -26.52 -2.79 -27.86
CA THR C 123 -26.72 -1.38 -28.19
C THR C 123 -28.16 -0.94 -27.93
N VAL C 124 -29.13 -1.80 -28.22
CA VAL C 124 -30.53 -1.49 -27.94
C VAL C 124 -30.97 -2.34 -26.76
N GLY C 125 -30.13 -2.38 -25.73
CA GLY C 125 -30.40 -3.13 -24.53
C GLY C 125 -29.64 -2.52 -23.38
N MET C 126 -29.33 -3.35 -22.38
CA MET C 126 -28.78 -2.84 -21.12
C MET C 126 -27.48 -2.07 -21.32
N PRO C 127 -26.51 -2.55 -22.09
CA PRO C 127 -25.28 -1.74 -22.26
C PRO C 127 -25.54 -0.40 -22.92
N GLY C 128 -26.39 -0.37 -23.95
CA GLY C 128 -26.71 0.89 -24.60
C GLY C 128 -27.39 1.88 -23.65
N LEU C 129 -28.28 1.39 -22.79
CA LEU C 129 -28.89 2.25 -21.79
C LEU C 129 -27.85 2.76 -20.80
N THR C 130 -26.85 1.94 -20.49
CA THR C 130 -25.77 2.36 -19.60
C THR C 130 -25.01 3.54 -20.19
N ALA C 131 -24.67 3.44 -21.47
CA ALA C 131 -24.00 4.54 -22.16
C ALA C 131 -24.88 5.77 -22.21
N TYR C 132 -26.16 5.59 -22.54
CA TYR C 132 -27.09 6.69 -22.73
C TYR C 132 -27.21 7.53 -21.47
N PHE C 133 -27.57 6.91 -20.35
CA PHE C 133 -27.78 7.66 -19.11
C PHE C 133 -26.48 8.05 -18.46
N GLY C 134 -25.46 7.20 -18.55
CA GLY C 134 -24.16 7.56 -17.99
C GLY C 134 -23.58 8.81 -18.64
N LEU C 135 -23.74 8.94 -19.96
CA LEU C 135 -23.19 10.10 -20.66
C LEU C 135 -24.11 11.31 -20.58
N LEU C 136 -25.41 11.10 -20.81
CA LEU C 136 -26.33 12.21 -20.97
C LEU C 136 -26.83 12.77 -19.65
N GLU C 137 -26.91 11.95 -18.61
CA GLU C 137 -27.40 12.39 -17.31
C GLU C 137 -26.34 12.49 -16.24
N ILE C 138 -25.40 11.53 -16.17
CA ILE C 138 -24.38 11.58 -15.12
C ILE C 138 -23.26 12.54 -15.50
N CYS C 139 -22.60 12.29 -16.64
CA CYS C 139 -21.66 13.27 -17.18
C CYS C 139 -22.38 14.58 -17.51
N GLY C 140 -23.58 14.49 -18.08
CA GLY C 140 -24.32 15.68 -18.45
C GLY C 140 -23.73 16.45 -19.61
N VAL C 141 -23.26 15.75 -20.64
CA VAL C 141 -22.74 16.44 -21.82
C VAL C 141 -23.81 17.35 -22.40
N LYS C 142 -23.39 18.54 -22.84
CA LYS C 142 -24.31 19.55 -23.36
C LYS C 142 -23.95 19.99 -24.77
N GLY C 143 -22.95 19.36 -25.40
CA GLY C 143 -22.54 19.72 -26.74
C GLY C 143 -21.28 20.55 -26.76
N GLY C 144 -20.22 20.04 -27.39
CA GLY C 144 -18.96 20.74 -27.51
C GLY C 144 -17.92 20.40 -26.48
N GLU C 145 -18.18 19.43 -25.60
CA GLU C 145 -17.19 19.04 -24.59
C GLU C 145 -16.21 18.04 -25.17
N THR C 146 -15.10 17.86 -24.45
CA THR C 146 -14.13 16.80 -24.75
C THR C 146 -14.35 15.67 -23.75
N VAL C 147 -14.61 14.47 -24.27
CA VAL C 147 -15.00 13.31 -23.48
C VAL C 147 -13.92 12.26 -23.61
N MET C 148 -13.44 11.75 -22.47
CA MET C 148 -12.55 10.60 -22.42
C MET C 148 -13.36 9.37 -22.05
N VAL C 149 -13.25 8.32 -22.87
CA VAL C 149 -13.92 7.05 -22.59
C VAL C 149 -12.91 5.93 -22.80
N ASN C 150 -12.85 5.01 -21.85
CA ASN C 150 -11.99 3.84 -21.97
C ASN C 150 -12.87 2.60 -22.15
N ALA C 151 -12.23 1.45 -22.34
CA ALA C 151 -12.90 0.26 -22.88
C ALA C 151 -13.81 0.70 -24.02
N ALA C 152 -13.27 1.56 -24.88
CA ALA C 152 -14.09 2.33 -25.81
C ALA C 152 -14.61 1.51 -26.98
N ALA C 153 -14.02 0.34 -27.25
CA ALA C 153 -14.53 -0.56 -28.26
C ALA C 153 -15.49 -1.61 -27.70
N GLY C 154 -15.90 -1.47 -26.44
CA GLY C 154 -16.81 -2.41 -25.82
C GLY C 154 -18.27 -2.04 -26.01
N ALA C 155 -19.15 -2.88 -25.47
CA ALA C 155 -20.58 -2.66 -25.63
C ALA C 155 -20.98 -1.28 -25.14
N VAL C 156 -20.51 -0.89 -23.95
CA VAL C 156 -20.88 0.41 -23.38
C VAL C 156 -20.07 1.52 -24.03
N GLY C 157 -18.74 1.35 -24.10
CA GLY C 157 -17.89 2.45 -24.54
C GLY C 157 -18.15 2.87 -25.97
N SER C 158 -18.36 1.90 -26.86
CA SER C 158 -18.58 2.24 -28.26
C SER C 158 -19.87 3.03 -28.45
N VAL C 159 -20.87 2.78 -27.62
CA VAL C 159 -22.09 3.57 -27.69
C VAL C 159 -21.87 4.95 -27.08
N VAL C 160 -21.12 5.03 -25.98
CA VAL C 160 -20.85 6.32 -25.35
C VAL C 160 -20.20 7.27 -26.34
N GLY C 161 -19.18 6.79 -27.05
CA GLY C 161 -18.47 7.67 -27.96
C GLY C 161 -19.33 8.12 -29.13
N GLN C 162 -20.20 7.23 -29.62
CA GLN C 162 -21.03 7.58 -30.78
C GLN C 162 -22.13 8.56 -30.39
N ILE C 163 -22.74 8.38 -29.21
CA ILE C 163 -23.69 9.37 -28.71
C ILE C 163 -22.98 10.70 -28.50
N ALA C 164 -21.77 10.66 -27.94
CA ALA C 164 -21.02 11.90 -27.76
C ALA C 164 -20.79 12.61 -29.09
N LYS C 165 -20.48 11.85 -30.14
CA LYS C 165 -20.22 12.45 -31.45
C LYS C 165 -21.46 13.15 -31.99
N LEU C 166 -22.61 12.46 -31.95
CA LEU C 166 -23.81 13.07 -32.51
C LEU C 166 -24.38 14.17 -31.62
N LYS C 167 -23.80 14.40 -30.45
CA LYS C 167 -24.13 15.56 -29.63
C LYS C 167 -23.19 16.73 -29.84
N GLY C 168 -22.13 16.56 -30.63
CA GLY C 168 -21.20 17.62 -30.93
C GLY C 168 -19.91 17.62 -30.13
N CYS C 169 -19.61 16.52 -29.44
CA CYS C 169 -18.45 16.44 -28.58
C CYS C 169 -17.24 15.88 -29.33
N LYS C 170 -16.06 16.20 -28.82
CA LYS C 170 -14.83 15.52 -29.20
C LYS C 170 -14.67 14.31 -28.29
N VAL C 171 -14.24 13.19 -28.87
CA VAL C 171 -14.18 11.92 -28.17
C VAL C 171 -12.78 11.36 -28.28
N VAL C 172 -12.14 11.10 -27.13
CA VAL C 172 -10.88 10.38 -27.05
C VAL C 172 -11.17 9.01 -26.44
N GLY C 173 -10.77 7.96 -27.13
CA GLY C 173 -11.07 6.60 -26.72
C GLY C 173 -9.80 5.78 -26.51
N ALA C 174 -9.78 5.02 -25.43
CA ALA C 174 -8.68 4.11 -25.13
C ALA C 174 -9.15 2.67 -25.32
N VAL C 175 -8.36 1.88 -26.03
CA VAL C 175 -8.69 0.48 -26.34
C VAL C 175 -7.42 -0.34 -26.18
N GLY C 176 -7.58 -1.67 -26.22
CA GLY C 176 -6.50 -2.56 -25.88
C GLY C 176 -5.86 -3.30 -27.04
N SER C 177 -6.26 -2.98 -28.27
CA SER C 177 -5.69 -3.66 -29.43
C SER C 177 -5.77 -2.73 -30.64
N ASP C 178 -4.88 -2.97 -31.60
CA ASP C 178 -4.89 -2.17 -32.83
C ASP C 178 -6.12 -2.45 -33.67
N GLU C 179 -6.65 -3.68 -33.63
CA GLU C 179 -7.91 -3.95 -34.29
C GLU C 179 -9.01 -3.04 -33.77
N LYS C 180 -9.03 -2.80 -32.46
CA LYS C 180 -10.05 -1.93 -31.87
C LYS C 180 -9.79 -0.47 -32.19
N VAL C 181 -8.52 -0.08 -32.39
CA VAL C 181 -8.22 1.27 -32.83
C VAL C 181 -8.86 1.53 -34.19
N ALA C 182 -8.69 0.58 -35.11
CA ALA C 182 -9.22 0.74 -36.46
C ALA C 182 -10.74 0.82 -36.45
N TYR C 183 -11.39 0.05 -35.58
CA TYR C 183 -12.85 0.07 -35.53
C TYR C 183 -13.37 1.41 -35.05
N LEU C 184 -12.76 1.98 -34.01
CA LEU C 184 -13.23 3.26 -33.50
C LEU C 184 -12.89 4.42 -34.43
N GLN C 185 -11.81 4.29 -35.21
CA GLN C 185 -11.54 5.30 -36.23
C GLN C 185 -12.62 5.28 -37.31
N LYS C 186 -13.17 4.11 -37.61
CA LYS C 186 -14.29 4.03 -38.55
C LYS C 186 -15.55 4.65 -37.96
N LEU C 187 -15.72 4.58 -36.64
CA LEU C 187 -16.89 5.16 -35.99
C LEU C 187 -16.79 6.67 -35.79
N GLY C 188 -15.63 7.27 -36.08
CA GLY C 188 -15.50 8.71 -36.02
C GLY C 188 -14.95 9.27 -34.73
N PHE C 189 -14.34 8.45 -33.89
CA PHE C 189 -13.68 8.96 -32.69
C PHE C 189 -12.58 9.94 -33.10
N ASP C 190 -12.51 11.08 -32.41
CA ASP C 190 -11.53 12.09 -32.77
C ASP C 190 -10.12 11.57 -32.58
N VAL C 191 -9.83 10.98 -31.42
CA VAL C 191 -8.54 10.39 -31.13
C VAL C 191 -8.77 9.02 -30.50
N VAL C 192 -8.03 8.03 -30.98
CA VAL C 192 -8.09 6.67 -30.44
C VAL C 192 -6.67 6.16 -30.30
N PHE C 193 -6.39 5.48 -29.20
CA PHE C 193 -5.07 4.93 -28.98
C PHE C 193 -5.17 3.59 -28.25
N ASN C 194 -4.10 2.81 -28.39
CA ASN C 194 -3.97 1.51 -27.75
C ASN C 194 -3.22 1.75 -26.43
N TYR C 195 -3.94 1.68 -25.32
CA TYR C 195 -3.32 1.99 -24.03
C TYR C 195 -2.24 0.98 -23.65
N LYS C 196 -2.22 -0.19 -24.29
CA LYS C 196 -1.21 -1.19 -23.97
C LYS C 196 0.12 -0.96 -24.68
N THR C 197 0.14 -0.16 -25.75
CA THR C 197 1.36 0.02 -26.54
C THR C 197 1.95 1.42 -26.46
N VAL C 198 1.20 2.42 -26.00
CA VAL C 198 1.74 3.77 -25.92
C VAL C 198 2.86 3.82 -24.89
N GLU C 199 3.86 4.66 -25.15
CA GLU C 199 5.00 4.76 -24.27
C GLU C 199 4.62 5.42 -22.95
N SER C 200 3.77 6.44 -22.99
CA SER C 200 3.33 7.15 -21.80
C SER C 200 1.85 7.46 -21.94
N LEU C 201 1.03 6.87 -21.06
CA LEU C 201 -0.39 7.21 -21.05
C LEU C 201 -0.58 8.70 -20.84
N GLU C 202 0.15 9.28 -19.89
CA GLU C 202 0.02 10.70 -19.59
C GLU C 202 0.29 11.55 -20.84
N GLU C 203 1.37 11.25 -21.56
CA GLU C 203 1.69 12.06 -22.74
C GLU C 203 0.67 11.85 -23.85
N THR C 204 0.16 10.62 -24.01
CA THR C 204 -0.85 10.38 -25.03
C THR C 204 -2.12 11.15 -24.75
N LEU C 205 -2.51 11.26 -23.48
CA LEU C 205 -3.71 12.01 -23.11
C LEU C 205 -3.50 13.51 -23.24
N LYS C 206 -2.29 14.00 -22.99
CA LYS C 206 -2.01 15.43 -23.17
C LYS C 206 -2.07 15.81 -24.64
N LYS C 207 -1.41 15.02 -25.49
CA LYS C 207 -1.45 15.27 -26.92
C LYS C 207 -2.87 15.17 -27.46
N ALA C 208 -3.63 14.16 -27.01
CA ALA C 208 -4.99 13.98 -27.48
C ALA C 208 -5.84 15.20 -27.15
N SER C 209 -5.66 15.79 -25.98
CA SER C 209 -6.40 16.99 -25.59
C SER C 209 -5.51 17.87 -24.73
N PRO C 210 -4.79 18.80 -25.35
CA PRO C 210 -3.95 19.72 -24.56
C PRO C 210 -4.75 20.53 -23.57
N ASP C 211 -6.05 20.74 -23.82
CA ASP C 211 -6.92 21.54 -22.98
C ASP C 211 -7.45 20.78 -21.77
N GLY C 212 -7.26 19.47 -21.72
CA GLY C 212 -7.86 18.66 -20.67
C GLY C 212 -9.17 18.04 -21.10
N TYR C 213 -9.87 17.48 -20.13
CA TYR C 213 -11.10 16.73 -20.40
C TYR C 213 -12.24 17.29 -19.57
N ASP C 214 -13.38 17.53 -20.22
CA ASP C 214 -14.57 17.98 -19.52
C ASP C 214 -15.28 16.83 -18.83
N CYS C 215 -15.35 15.68 -19.49
CA CYS C 215 -16.07 14.52 -18.99
C CYS C 215 -15.20 13.30 -19.14
N TYR C 216 -15.39 12.36 -18.22
CA TYR C 216 -14.67 11.10 -18.19
C TYR C 216 -15.69 10.00 -17.95
N PHE C 217 -15.96 9.19 -18.97
CA PHE C 217 -16.81 8.02 -18.81
C PHE C 217 -15.87 6.85 -18.48
N ASP C 218 -15.86 6.46 -17.20
CA ASP C 218 -14.89 5.53 -16.66
C ASP C 218 -15.49 4.14 -16.56
N ASN C 219 -14.92 3.21 -17.32
CA ASN C 219 -15.25 1.79 -17.29
C ASN C 219 -14.17 0.94 -16.65
N VAL C 220 -13.01 1.52 -16.33
CA VAL C 220 -11.78 0.78 -16.10
C VAL C 220 -11.27 0.96 -14.67
N GLY C 221 -11.23 2.20 -14.20
CA GLY C 221 -10.76 2.43 -12.84
C GLY C 221 -9.26 2.26 -12.71
N GLY C 222 -8.82 2.12 -11.46
CA GLY C 222 -7.43 1.82 -11.18
C GLY C 222 -6.49 2.96 -11.56
N GLU C 223 -5.27 2.58 -11.93
CA GLU C 223 -4.25 3.56 -12.27
C GLU C 223 -4.59 4.32 -13.55
N PHE C 224 -5.26 3.68 -14.50
CA PHE C 224 -5.66 4.39 -15.71
C PHE C 224 -6.46 5.64 -15.34
N SER C 225 -7.41 5.50 -14.43
CA SER C 225 -8.24 6.63 -14.04
C SER C 225 -7.47 7.67 -13.25
N ASN C 226 -6.47 7.25 -12.47
CA ASN C 226 -5.65 8.24 -11.78
C ASN C 226 -4.98 9.17 -12.79
N THR C 227 -4.49 8.62 -13.89
CA THR C 227 -3.85 9.44 -14.91
C THR C 227 -4.84 10.38 -15.58
N VAL C 228 -6.03 9.89 -15.91
CA VAL C 228 -7.03 10.75 -16.55
C VAL C 228 -7.45 11.87 -15.62
N ILE C 229 -7.55 11.57 -14.32
CA ILE C 229 -8.01 12.57 -13.36
C ILE C 229 -7.04 13.73 -13.28
N GLY C 230 -5.75 13.46 -13.44
CA GLY C 230 -4.75 14.53 -13.48
C GLY C 230 -4.87 15.47 -14.65
N GLN C 231 -5.71 15.15 -15.64
CA GLN C 231 -5.92 16.01 -16.80
C GLN C 231 -7.36 16.47 -16.95
N MET C 232 -8.17 16.32 -15.90
CA MET C 232 -9.54 16.85 -15.94
C MET C 232 -9.52 18.36 -15.79
N LYS C 233 -10.39 19.02 -16.54
CA LYS C 233 -10.58 20.45 -16.40
C LYS C 233 -11.30 20.77 -15.09
N LYS C 234 -11.29 22.04 -14.72
CA LYS C 234 -12.00 22.48 -13.53
C LYS C 234 -13.48 22.17 -13.66
N PHE C 235 -14.07 21.67 -12.58
CA PHE C 235 -15.47 21.24 -12.53
C PHE C 235 -15.76 20.08 -13.49
N GLY C 236 -14.72 19.36 -13.90
CA GLY C 236 -14.94 18.21 -14.75
C GLY C 236 -15.77 17.14 -14.06
N ARG C 237 -16.46 16.33 -14.86
CA ARG C 237 -17.38 15.32 -14.36
C ARG C 237 -16.91 13.94 -14.78
N ILE C 238 -16.94 13.02 -13.82
CA ILE C 238 -16.58 11.63 -14.05
C ILE C 238 -17.82 10.79 -13.78
N ALA C 239 -18.24 10.03 -14.78
CA ALA C 239 -19.28 9.02 -14.60
C ALA C 239 -18.57 7.70 -14.30
N ILE C 240 -18.70 7.24 -13.07
CA ILE C 240 -18.12 5.97 -12.64
C ILE C 240 -19.10 4.87 -13.04
N CYS C 241 -18.87 4.29 -14.21
CA CYS C 241 -19.73 3.23 -14.74
C CYS C 241 -19.24 1.84 -14.30
N GLY C 242 -17.95 1.57 -14.47
CA GLY C 242 -17.37 0.32 -14.04
C GLY C 242 -15.94 0.52 -13.60
N ALA C 243 -15.29 -0.57 -13.23
CA ALA C 243 -13.89 -0.55 -12.84
C ALA C 243 -13.28 -1.92 -13.17
N ILE C 244 -13.37 -2.32 -14.44
CA ILE C 244 -13.04 -3.69 -14.81
C ILE C 244 -11.59 -4.03 -14.54
N SER C 245 -10.71 -3.03 -14.43
CA SER C 245 -9.32 -3.34 -14.10
C SER C 245 -9.16 -3.91 -12.71
N THR C 246 -10.21 -3.85 -11.87
CA THR C 246 -10.15 -4.32 -10.49
C THR C 246 -10.96 -5.58 -10.25
N TYR C 247 -11.86 -5.96 -11.17
CA TYR C 247 -12.80 -7.04 -10.91
C TYR C 247 -12.11 -8.36 -10.65
N ASN C 248 -10.97 -8.61 -11.29
CA ASN C 248 -10.24 -9.86 -11.14
C ASN C 248 -9.08 -9.75 -10.17
N ARG C 249 -9.04 -8.69 -9.36
CA ARG C 249 -7.89 -8.41 -8.53
C ARG C 249 -7.73 -9.48 -7.45
N THR C 250 -6.47 -9.71 -7.07
CA THR C 250 -6.12 -10.65 -6.04
C THR C 250 -5.48 -9.99 -4.83
N GLY C 251 -5.09 -8.73 -4.94
CA GLY C 251 -4.51 -8.00 -3.83
C GLY C 251 -5.23 -6.69 -3.60
N PRO C 252 -4.58 -5.77 -2.89
CA PRO C 252 -5.23 -4.49 -2.58
C PRO C 252 -5.38 -3.62 -3.82
N LEU C 253 -6.34 -2.70 -3.73
CA LEU C 253 -6.60 -1.80 -4.83
C LEU C 253 -5.41 -0.83 -5.02
N PRO C 254 -5.22 -0.32 -6.22
CA PRO C 254 -4.17 0.68 -6.44
C PRO C 254 -4.51 1.97 -5.72
N PRO C 255 -3.53 2.85 -5.53
CA PRO C 255 -3.80 4.12 -4.84
C PRO C 255 -4.99 4.83 -5.47
N GLY C 256 -5.66 5.65 -4.69
CA GLY C 256 -6.74 6.45 -5.19
C GLY C 256 -6.23 7.65 -5.96
N PRO C 257 -7.15 8.37 -6.60
CA PRO C 257 -6.77 9.61 -7.28
C PRO C 257 -6.18 10.59 -6.29
N PRO C 258 -5.13 11.32 -6.69
CA PRO C 258 -4.51 12.28 -5.76
C PRO C 258 -5.53 13.30 -5.29
N PRO C 259 -5.88 13.31 -4.00
CA PRO C 259 -6.96 14.19 -3.55
C PRO C 259 -6.65 15.66 -3.75
N GLU C 260 -5.38 16.06 -3.76
CA GLU C 260 -5.05 17.46 -3.99
C GLU C 260 -5.53 17.92 -5.36
N ILE C 261 -5.43 17.04 -6.36
CA ILE C 261 -5.92 17.39 -7.70
C ILE C 261 -7.43 17.39 -7.73
N VAL C 262 -8.06 16.37 -7.15
CA VAL C 262 -9.52 16.29 -7.14
C VAL C 262 -10.10 17.57 -6.53
N ILE C 263 -9.51 18.04 -5.44
CA ILE C 263 -10.05 19.20 -4.73
C ILE C 263 -9.79 20.48 -5.50
N TYR C 264 -8.55 20.68 -5.95
CA TYR C 264 -8.22 21.93 -6.63
C TYR C 264 -9.03 22.09 -7.91
N GLN C 265 -9.23 20.99 -8.64
CA GLN C 265 -10.03 21.00 -9.84
C GLN C 265 -11.53 20.87 -9.56
N GLU C 266 -11.92 20.66 -8.30
CA GLU C 266 -13.33 20.63 -7.90
C GLU C 266 -14.13 19.65 -8.77
N LEU C 267 -13.63 18.42 -8.83
CA LEU C 267 -14.24 17.41 -9.68
C LEU C 267 -15.51 16.84 -9.05
N ARG C 268 -16.44 16.45 -9.92
CA ARG C 268 -17.65 15.73 -9.55
C ARG C 268 -17.52 14.32 -10.08
N MET C 269 -17.60 13.33 -9.20
CA MET C 269 -17.43 11.93 -9.56
C MET C 269 -18.63 11.15 -9.04
N GLU C 270 -19.49 10.71 -9.95
CA GLU C 270 -20.74 10.06 -9.56
C GLU C 270 -20.85 8.71 -10.25
N ALA C 271 -21.11 7.68 -9.45
CA ALA C 271 -21.41 6.35 -9.98
C ALA C 271 -22.91 6.19 -10.18
N PHE C 272 -23.26 5.18 -10.96
CA PHE C 272 -24.65 4.95 -11.33
C PHE C 272 -24.83 3.49 -11.70
N VAL C 273 -26.07 3.04 -11.59
CA VAL C 273 -26.48 1.73 -12.08
C VAL C 273 -27.58 1.93 -13.11
N VAL C 274 -27.48 1.22 -14.24
CA VAL C 274 -28.38 1.47 -15.36
C VAL C 274 -29.84 1.27 -14.97
N TYR C 275 -30.11 0.35 -14.05
CA TYR C 275 -31.48 0.06 -13.68
C TYR C 275 -32.10 1.11 -12.77
N ARG C 276 -31.38 2.20 -12.49
CA ARG C 276 -32.00 3.33 -11.80
C ARG C 276 -33.16 3.91 -12.62
N TRP C 277 -33.01 3.93 -13.94
CA TRP C 277 -33.97 4.57 -14.82
C TRP C 277 -35.02 3.56 -15.28
N GLN C 278 -36.29 3.89 -15.07
CA GLN C 278 -37.39 2.99 -15.34
C GLN C 278 -38.54 3.76 -15.97
N GLY C 279 -39.57 3.01 -16.36
CA GLY C 279 -40.78 3.64 -16.85
C GLY C 279 -40.53 4.44 -18.11
N ASP C 280 -41.11 5.65 -18.15
CA ASP C 280 -41.09 6.44 -19.37
C ASP C 280 -39.67 6.82 -19.78
N ALA C 281 -38.82 7.13 -18.80
CA ALA C 281 -37.44 7.51 -19.10
C ALA C 281 -36.71 6.36 -19.79
N ARG C 282 -36.88 5.14 -19.27
CA ARG C 282 -36.19 3.99 -19.85
C ARG C 282 -36.72 3.68 -21.25
N GLN C 283 -38.04 3.72 -21.43
CA GLN C 283 -38.62 3.42 -22.73
C GLN C 283 -38.17 4.44 -23.78
N LYS C 284 -38.14 5.71 -23.41
CA LYS C 284 -37.71 6.73 -24.37
C LYS C 284 -36.27 6.52 -24.80
N ALA C 285 -35.40 6.14 -23.86
CA ALA C 285 -34.00 5.87 -24.22
C ALA C 285 -33.90 4.72 -25.21
N LEU C 286 -34.65 3.63 -24.98
CA LEU C 286 -34.62 2.50 -25.91
C LEU C 286 -35.11 2.92 -27.29
N LYS C 287 -36.15 3.75 -27.36
CA LYS C 287 -36.64 4.20 -28.66
C LYS C 287 -35.62 5.10 -29.34
N ASP C 288 -34.87 5.89 -28.58
CA ASP C 288 -33.83 6.74 -29.17
C ASP C 288 -32.69 5.88 -29.71
N LEU C 289 -32.24 4.89 -28.94
CA LEU C 289 -31.16 4.03 -29.40
C LEU C 289 -31.53 3.29 -30.68
N LEU C 290 -32.73 2.69 -30.70
CA LEU C 290 -33.20 2.00 -31.89
C LEU C 290 -33.24 2.94 -33.09
N LYS C 291 -33.79 4.14 -32.90
CA LYS C 291 -33.85 5.11 -33.98
C LYS C 291 -32.45 5.45 -34.48
N TRP C 292 -31.53 5.72 -33.56
CA TRP C 292 -30.16 6.06 -33.95
C TRP C 292 -29.49 4.92 -34.71
N VAL C 293 -29.86 3.68 -34.40
CA VAL C 293 -29.26 2.54 -35.12
C VAL C 293 -29.84 2.44 -36.53
N LEU C 294 -31.16 2.62 -36.67
CA LEU C 294 -31.77 2.54 -37.99
C LEU C 294 -31.33 3.68 -38.89
N GLU C 295 -30.96 4.82 -38.31
CA GLU C 295 -30.47 5.95 -39.07
C GLU C 295 -28.97 5.89 -39.37
N GLY C 296 -28.26 4.89 -38.82
CA GLY C 296 -26.84 4.77 -39.03
C GLY C 296 -25.99 5.66 -38.14
N LYS C 297 -26.59 6.43 -37.24
CA LYS C 297 -25.81 7.28 -36.34
C LYS C 297 -25.12 6.49 -35.25
N ILE C 298 -25.64 5.30 -34.92
CA ILE C 298 -24.97 4.37 -34.01
C ILE C 298 -24.81 3.06 -34.76
N GLN C 299 -23.59 2.74 -35.13
CA GLN C 299 -23.26 1.46 -35.73
C GLN C 299 -22.99 0.44 -34.63
N TYR C 300 -23.27 -0.82 -34.93
CA TYR C 300 -23.11 -1.91 -33.99
C TYR C 300 -22.12 -2.93 -34.53
N LYS C 301 -21.42 -3.58 -33.61
CA LYS C 301 -20.56 -4.71 -33.93
C LYS C 301 -20.75 -5.74 -32.83
N GLU C 302 -20.95 -6.99 -33.22
CA GLU C 302 -21.14 -8.08 -32.27
C GLU C 302 -20.00 -9.08 -32.40
N TYR C 303 -19.66 -9.69 -31.27
CA TYR C 303 -18.64 -10.73 -31.18
C TYR C 303 -19.38 -12.02 -30.84
N ILE C 304 -19.79 -12.74 -31.88
CA ILE C 304 -20.69 -13.88 -31.73
C ILE C 304 -19.87 -15.14 -31.53
N ILE C 305 -20.25 -15.92 -30.51
CA ILE C 305 -19.63 -17.21 -30.21
C ILE C 305 -20.73 -18.26 -30.28
N GLU C 306 -20.55 -19.24 -31.16
CA GLU C 306 -21.59 -20.23 -31.43
C GLU C 306 -21.47 -21.39 -30.46
N GLY C 307 -22.59 -21.74 -29.83
CA GLY C 307 -22.66 -22.90 -28.96
C GLY C 307 -22.75 -22.58 -27.49
N PHE C 308 -23.85 -23.00 -26.85
CA PHE C 308 -24.02 -22.80 -25.42
C PHE C 308 -22.84 -23.37 -24.64
N GLU C 309 -22.23 -24.44 -25.16
CA GLU C 309 -21.11 -25.09 -24.48
C GLU C 309 -19.90 -24.16 -24.35
N ASN C 310 -19.79 -23.14 -25.19
CA ASN C 310 -18.66 -22.22 -25.18
C ASN C 310 -18.96 -20.95 -24.40
N MET C 311 -20.00 -20.95 -23.57
CA MET C 311 -20.39 -19.72 -22.89
C MET C 311 -19.32 -19.32 -21.87
N PRO C 312 -18.77 -20.25 -21.08
CA PRO C 312 -17.67 -19.85 -20.19
C PRO C 312 -16.49 -19.28 -20.94
N ALA C 313 -16.14 -19.86 -22.09
CA ALA C 313 -15.03 -19.34 -22.89
C ALA C 313 -15.35 -17.94 -23.40
N ALA C 314 -16.61 -17.67 -23.74
CA ALA C 314 -16.99 -16.33 -24.16
C ALA C 314 -16.87 -15.33 -23.01
N PHE C 315 -17.27 -15.76 -21.82
CA PHE C 315 -17.15 -14.92 -20.63
C PHE C 315 -15.69 -14.58 -20.36
N MET C 316 -14.81 -15.57 -20.46
CA MET C 316 -13.41 -15.37 -20.13
C MET C 316 -12.68 -14.57 -21.21
N GLY C 317 -13.02 -14.80 -22.48
CA GLY C 317 -12.43 -14.01 -23.54
C GLY C 317 -12.83 -12.54 -23.43
N MET C 318 -14.08 -12.28 -23.06
CA MET C 318 -14.54 -10.91 -22.87
C MET C 318 -13.78 -10.22 -21.77
N LEU C 319 -13.58 -10.90 -20.63
CA LEU C 319 -12.81 -10.32 -19.54
C LEU C 319 -11.38 -10.03 -19.95
N LYS C 320 -10.82 -10.81 -20.87
CA LYS C 320 -9.45 -10.62 -21.34
C LYS C 320 -9.36 -9.69 -22.54
N GLY C 321 -10.48 -9.19 -23.06
CA GLY C 321 -10.45 -8.17 -24.09
C GLY C 321 -10.48 -8.68 -25.50
N ASP C 322 -10.87 -9.93 -25.73
CA ASP C 322 -10.92 -10.46 -27.09
C ASP C 322 -12.14 -9.98 -27.87
N ASN C 323 -13.14 -9.41 -27.21
CA ASN C 323 -14.39 -9.03 -27.87
C ASN C 323 -14.26 -7.65 -28.50
N LEU C 324 -14.72 -7.52 -29.74
CA LEU C 324 -14.86 -6.24 -30.42
C LEU C 324 -16.36 -6.00 -30.53
N GLY C 325 -16.90 -5.18 -29.63
CA GLY C 325 -18.33 -5.03 -29.50
C GLY C 325 -18.92 -6.00 -28.50
N LYS C 326 -20.25 -5.99 -28.43
CA LYS C 326 -20.96 -6.80 -27.44
C LYS C 326 -20.69 -8.29 -27.65
N THR C 327 -20.26 -8.96 -26.59
CA THR C 327 -20.07 -10.40 -26.64
C THR C 327 -21.41 -11.10 -26.51
N ILE C 328 -21.68 -12.02 -27.44
CA ILE C 328 -22.96 -12.71 -27.52
C ILE C 328 -22.69 -14.18 -27.80
N VAL C 329 -23.49 -15.05 -27.18
CA VAL C 329 -23.44 -16.48 -27.43
C VAL C 329 -24.72 -16.88 -28.14
N LYS C 330 -24.59 -17.46 -29.32
CA LYS C 330 -25.73 -17.99 -30.06
C LYS C 330 -25.99 -19.41 -29.59
N ALA C 331 -27.16 -19.64 -29.02
CA ALA C 331 -27.51 -20.95 -28.46
C ALA C 331 -27.27 -22.07 -29.47
N SER D 4 8.85 -38.40 -35.69
CA SER D 4 7.78 -38.74 -34.76
C SER D 4 6.99 -37.49 -34.37
N MET D 5 5.88 -37.69 -33.67
CA MET D 5 4.98 -36.60 -33.30
C MET D 5 5.26 -36.15 -31.87
N THR D 6 4.87 -34.91 -31.59
CA THR D 6 5.02 -34.35 -30.25
C THR D 6 3.94 -33.29 -30.03
N LYS D 7 3.60 -33.07 -28.77
CA LYS D 7 2.69 -32.02 -28.36
C LYS D 7 3.41 -31.14 -27.33
N THR D 8 3.18 -29.83 -27.42
CA THR D 8 3.90 -28.87 -26.61
C THR D 8 2.96 -27.76 -26.15
N TRP D 9 3.07 -27.40 -24.88
CA TRP D 9 2.33 -26.27 -24.32
C TRP D 9 3.22 -25.03 -24.37
N THR D 10 2.68 -23.94 -24.91
CA THR D 10 3.40 -22.69 -25.06
C THR D 10 2.65 -21.57 -24.34
N LEU D 11 3.39 -20.51 -24.02
CA LEU D 11 2.82 -19.32 -23.41
C LEU D 11 2.25 -18.44 -24.51
N LYS D 12 0.93 -18.36 -24.60
CA LYS D 12 0.32 -17.50 -25.62
C LYS D 12 0.28 -16.04 -25.15
N LYS D 13 -0.10 -15.81 -23.90
CA LYS D 13 -0.17 -14.47 -23.32
C LYS D 13 0.51 -14.50 -21.96
N HIS D 14 1.24 -13.43 -21.64
CA HIS D 14 1.82 -13.32 -20.31
C HIS D 14 0.72 -13.25 -19.26
N PHE D 15 0.98 -13.86 -18.11
CA PHE D 15 -0.03 -13.98 -17.07
C PHE D 15 -0.30 -12.64 -16.40
N VAL D 16 -1.57 -12.35 -16.15
CA VAL D 16 -1.99 -11.20 -15.38
C VAL D 16 -2.70 -11.73 -14.14
N GLY D 17 -2.02 -11.63 -12.99
CA GLY D 17 -2.53 -12.31 -11.81
C GLY D 17 -2.30 -13.80 -11.95
N TYR D 18 -3.33 -14.58 -11.66
CA TYR D 18 -3.26 -16.01 -11.91
C TYR D 18 -3.44 -16.28 -13.40
N PRO D 19 -2.81 -17.34 -13.93
CA PRO D 19 -3.05 -17.71 -15.33
C PRO D 19 -4.50 -18.13 -15.54
N THR D 20 -4.94 -18.02 -16.78
CA THR D 20 -6.20 -18.63 -17.22
C THR D 20 -5.92 -19.42 -18.49
N ASN D 21 -6.90 -20.23 -18.91
CA ASN D 21 -6.66 -21.20 -19.97
C ASN D 21 -6.21 -20.52 -21.26
N SER D 22 -6.77 -19.34 -21.56
CA SER D 22 -6.42 -18.65 -22.79
C SER D 22 -4.98 -18.16 -22.83
N ASP D 23 -4.28 -18.14 -21.69
CA ASP D 23 -2.87 -17.77 -21.66
C ASP D 23 -1.97 -18.86 -22.22
N PHE D 24 -2.50 -20.05 -22.48
CA PHE D 24 -1.73 -21.18 -22.97
C PHE D 24 -2.23 -21.58 -24.35
N GLU D 25 -1.37 -22.25 -25.11
CA GLU D 25 -1.72 -22.74 -26.43
C GLU D 25 -1.00 -24.05 -26.69
N LEU D 26 -1.77 -25.08 -27.05
CA LEU D 26 -1.22 -26.38 -27.38
C LEU D 26 -0.89 -26.44 -28.86
N LYS D 27 0.33 -26.88 -29.18
CA LYS D 27 0.82 -26.97 -30.54
C LYS D 27 1.34 -28.37 -30.81
N THR D 28 1.06 -28.90 -31.99
CA THR D 28 1.57 -30.17 -32.44
C THR D 28 2.64 -29.94 -33.50
N SER D 29 3.71 -30.73 -33.44
CA SER D 29 4.83 -30.59 -34.37
C SER D 29 5.39 -31.97 -34.67
N GLU D 30 6.31 -32.01 -35.63
CA GLU D 30 6.94 -33.25 -36.08
C GLU D 30 8.43 -33.19 -35.73
N LEU D 31 8.83 -33.98 -34.74
CA LEU D 31 10.24 -34.07 -34.40
C LEU D 31 11.03 -34.58 -35.60
N PRO D 32 12.23 -34.08 -35.85
CA PRO D 32 13.06 -34.63 -36.92
C PRO D 32 13.53 -36.03 -36.58
N PRO D 33 13.93 -36.82 -37.56
CA PRO D 33 14.44 -38.17 -37.26
C PRO D 33 15.76 -38.09 -36.50
N LEU D 34 15.97 -39.05 -35.62
CA LEU D 34 17.16 -39.04 -34.77
C LEU D 34 18.43 -39.06 -35.62
N LYS D 35 19.30 -38.07 -35.41
CA LYS D 35 20.55 -37.98 -36.13
C LYS D 35 21.39 -36.81 -35.63
N GLU D 38 21.87 -39.23 -30.47
CA GLU D 38 20.68 -38.66 -29.85
C GLU D 38 19.70 -39.76 -29.45
N VAL D 39 18.82 -39.45 -28.50
CA VAL D 39 17.76 -40.36 -28.09
C VAL D 39 16.42 -39.63 -28.16
N LEU D 40 15.36 -40.40 -28.35
CA LEU D 40 14.00 -39.88 -28.31
C LEU D 40 13.39 -40.24 -26.96
N LEU D 41 12.81 -39.25 -26.29
CA LEU D 41 12.30 -39.41 -24.94
C LEU D 41 10.80 -39.15 -24.92
N GLU D 42 10.06 -40.06 -24.30
CA GLU D 42 8.63 -39.95 -24.14
C GLU D 42 8.33 -39.60 -22.69
N ALA D 43 7.64 -38.49 -22.47
CA ALA D 43 7.26 -38.10 -21.12
C ALA D 43 6.37 -39.16 -20.49
N LEU D 44 6.74 -39.56 -19.27
CA LEU D 44 5.91 -40.42 -18.43
C LEU D 44 5.19 -39.62 -17.35
N PHE D 45 5.93 -38.82 -16.59
CA PHE D 45 5.38 -37.94 -15.58
C PHE D 45 5.98 -36.56 -15.76
N LEU D 46 5.14 -35.54 -15.88
CA LEU D 46 5.57 -34.16 -15.90
C LEU D 46 5.19 -33.51 -14.57
N THR D 47 5.97 -32.51 -14.16
CA THR D 47 5.69 -31.76 -12.95
C THR D 47 5.27 -30.34 -13.30
N VAL D 48 4.43 -29.77 -12.46
CA VAL D 48 4.13 -28.33 -12.46
C VAL D 48 4.54 -27.80 -11.09
N ASP D 49 5.12 -26.61 -11.07
CA ASP D 49 5.73 -26.04 -9.88
C ASP D 49 5.49 -24.54 -9.82
N PRO D 50 5.43 -23.98 -8.61
CA PRO D 50 5.25 -22.52 -8.50
C PRO D 50 6.30 -21.70 -9.24
N TYR D 51 7.54 -22.18 -9.33
CA TYR D 51 8.57 -21.38 -9.99
C TYR D 51 8.22 -21.07 -11.43
N MET D 52 7.37 -21.88 -12.05
CA MET D 52 6.99 -21.63 -13.45
C MET D 52 6.19 -20.33 -13.59
N ARG D 53 5.46 -19.93 -12.54
CA ARG D 53 4.75 -18.66 -12.59
C ARG D 53 5.73 -17.49 -12.64
N VAL D 54 6.83 -17.58 -11.88
CA VAL D 54 7.82 -16.50 -11.88
C VAL D 54 8.66 -16.56 -13.14
N ALA D 55 9.03 -17.76 -13.57
CA ALA D 55 9.92 -17.89 -14.72
C ALA D 55 9.23 -17.54 -16.02
N ALA D 56 7.91 -17.75 -16.10
CA ALA D 56 7.17 -17.44 -17.33
C ALA D 56 7.24 -15.97 -17.67
N LYS D 57 7.46 -15.11 -16.68
CA LYS D 57 7.59 -13.68 -16.94
C LYS D 57 8.83 -13.35 -17.75
N ARG D 58 9.82 -14.24 -17.76
CA ARG D 58 11.03 -14.07 -18.56
C ARG D 58 10.94 -14.72 -19.94
N LEU D 59 9.80 -15.33 -20.27
CA LEU D 59 9.58 -15.94 -21.57
C LEU D 59 9.10 -14.90 -22.57
N LYS D 60 9.12 -15.29 -23.85
CA LYS D 60 8.47 -14.55 -24.91
C LYS D 60 7.23 -15.33 -25.34
N GLU D 61 6.20 -14.61 -25.77
CA GLU D 61 4.97 -15.27 -26.18
C GLU D 61 5.23 -16.17 -27.39
N GLY D 62 4.97 -17.46 -27.23
CA GLY D 62 5.27 -18.47 -28.22
C GLY D 62 6.27 -19.51 -27.74
N ASP D 63 7.03 -19.20 -26.69
CA ASP D 63 8.00 -20.14 -26.16
C ASP D 63 7.30 -21.28 -25.42
N THR D 64 7.98 -22.41 -25.36
CA THR D 64 7.50 -23.55 -24.59
C THR D 64 7.60 -23.26 -23.09
N MET D 65 6.60 -23.70 -22.33
CA MET D 65 6.67 -23.60 -20.88
C MET D 65 7.80 -24.49 -20.35
N MET D 66 8.50 -24.00 -19.34
CA MET D 66 9.61 -24.74 -18.76
C MET D 66 9.09 -25.79 -17.76
N GLY D 67 9.85 -26.86 -17.61
CA GLY D 67 9.48 -27.90 -16.67
C GLY D 67 10.31 -29.17 -16.76
N GLN D 68 10.26 -29.99 -15.71
CA GLN D 68 10.98 -31.24 -15.64
C GLN D 68 10.00 -32.40 -15.81
N GLN D 69 10.56 -33.58 -16.09
CA GLN D 69 9.74 -34.75 -16.32
C GLN D 69 10.60 -36.01 -16.16
N VAL D 70 9.94 -37.10 -15.77
CA VAL D 70 10.52 -38.43 -15.87
C VAL D 70 10.10 -39.00 -17.23
N ALA D 71 11.07 -39.27 -18.10
CA ALA D 71 10.82 -39.77 -19.43
C ALA D 71 11.58 -41.07 -19.66
N LYS D 72 11.17 -41.80 -20.69
CA LYS D 72 11.80 -43.06 -21.07
C LYS D 72 12.35 -42.96 -22.49
N VAL D 73 13.46 -43.64 -22.74
CA VAL D 73 14.02 -43.69 -24.08
C VAL D 73 13.15 -44.60 -24.95
N VAL D 74 12.97 -44.21 -26.22
CA VAL D 74 12.14 -44.95 -27.15
C VAL D 74 12.80 -45.12 -28.50
N GLU D 75 14.04 -44.66 -28.68
CA GLU D 75 14.74 -44.80 -29.95
C GLU D 75 16.23 -44.53 -29.75
N VAL D 79 24.72 -45.32 -26.76
CA VAL D 79 24.68 -46.66 -26.18
C VAL D 79 24.59 -46.56 -24.67
N ALA D 80 25.15 -45.49 -24.10
CA ALA D 80 25.02 -45.25 -22.66
C ALA D 80 23.58 -45.01 -22.26
N LEU D 81 22.73 -44.56 -23.19
CA LEU D 81 21.32 -44.34 -22.95
C LEU D 81 20.52 -45.28 -23.86
N PRO D 82 20.48 -46.57 -23.54
CA PRO D 82 19.76 -47.53 -24.38
C PRO D 82 18.25 -47.29 -24.36
N LYS D 83 17.51 -48.11 -25.11
CA LYS D 83 16.05 -48.01 -25.12
C LYS D 83 15.49 -48.59 -23.84
N GLY D 84 14.57 -47.86 -23.21
CA GLY D 84 13.96 -48.27 -21.97
C GLY D 84 14.50 -47.58 -20.74
N THR D 85 15.60 -46.84 -20.87
CA THR D 85 16.17 -46.13 -19.73
C THR D 85 15.23 -45.03 -19.25
N ILE D 86 15.24 -44.80 -17.95
CA ILE D 86 14.45 -43.74 -17.33
C ILE D 86 15.40 -42.61 -16.94
N VAL D 87 14.99 -41.37 -17.21
CA VAL D 87 15.84 -40.21 -17.00
C VAL D 87 14.98 -39.03 -16.57
N LEU D 88 15.54 -38.20 -15.70
CA LEU D 88 15.03 -36.85 -15.49
C LEU D 88 15.50 -35.97 -16.63
N ALA D 89 14.60 -35.16 -17.17
CA ALA D 89 14.94 -34.22 -18.22
C ALA D 89 13.98 -33.03 -18.12
N SER D 90 14.41 -31.90 -18.68
CA SER D 90 13.65 -30.65 -18.58
C SER D 90 13.51 -30.01 -19.96
N PRO D 91 12.86 -30.71 -20.90
CA PRO D 91 12.60 -30.11 -22.22
C PRO D 91 11.41 -29.16 -22.26
N GLY D 92 10.76 -28.92 -21.13
CA GLY D 92 9.55 -28.12 -21.10
C GLY D 92 8.30 -28.97 -21.06
N TRP D 93 7.16 -28.30 -21.18
CA TRP D 93 5.87 -28.98 -21.22
C TRP D 93 5.68 -29.64 -22.58
N THR D 94 6.18 -30.87 -22.74
CA THR D 94 6.10 -31.53 -24.03
C THR D 94 6.05 -33.04 -23.81
N THR D 95 5.40 -33.74 -24.73
CA THR D 95 5.27 -35.17 -24.64
C THR D 95 6.47 -35.92 -25.21
N HIS D 96 7.22 -35.30 -26.13
CA HIS D 96 8.34 -35.97 -26.76
C HIS D 96 9.44 -34.94 -27.03
N SER D 97 10.69 -35.40 -26.93
CA SER D 97 11.82 -34.50 -27.10
C SER D 97 13.03 -35.32 -27.54
N ILE D 98 14.00 -34.62 -28.13
CA ILE D 98 15.25 -35.22 -28.58
C ILE D 98 16.37 -34.67 -27.71
N SER D 99 17.23 -35.57 -27.22
CA SER D 99 18.31 -35.20 -26.32
C SER D 99 19.65 -35.63 -26.89
N ASP D 100 20.68 -34.85 -26.61
CA ASP D 100 22.05 -35.22 -26.96
C ASP D 100 22.64 -36.21 -25.97
N GLY D 101 22.08 -36.29 -24.76
CA GLY D 101 22.53 -37.21 -23.75
C GLY D 101 23.29 -36.58 -22.60
N LYS D 102 23.43 -35.26 -22.59
CA LYS D 102 24.20 -34.57 -21.55
C LYS D 102 23.33 -33.82 -20.56
N ASP D 103 22.20 -33.26 -21.01
CA ASP D 103 21.28 -32.56 -20.14
C ASP D 103 20.36 -33.51 -19.37
N LEU D 104 20.67 -34.79 -19.33
CA LEU D 104 19.86 -35.80 -18.66
C LEU D 104 20.54 -36.25 -17.38
N GLU D 105 19.75 -36.46 -16.34
CA GLU D 105 20.21 -37.02 -15.08
C GLU D 105 19.45 -38.31 -14.81
N LYS D 106 20.17 -39.39 -14.58
CA LYS D 106 19.53 -40.67 -14.30
C LYS D 106 19.12 -40.74 -12.84
N LEU D 107 18.01 -41.44 -12.58
CA LEU D 107 17.56 -41.62 -11.21
C LEU D 107 18.61 -42.38 -10.39
N LEU D 108 18.47 -42.30 -9.08
CA LEU D 108 19.39 -43.01 -8.19
C LEU D 108 19.55 -44.46 -8.64
N THR D 109 20.79 -44.95 -8.61
CA THR D 109 21.05 -46.32 -9.03
C THR D 109 20.22 -47.30 -8.23
N GLU D 110 20.03 -47.04 -6.93
CA GLU D 110 19.27 -47.90 -6.05
C GLU D 110 17.79 -47.55 -6.00
N TRP D 111 17.26 -46.95 -7.07
CA TRP D 111 15.84 -46.61 -7.09
C TRP D 111 15.03 -47.91 -7.04
N PRO D 112 14.35 -48.20 -5.94
CA PRO D 112 13.63 -49.47 -5.86
C PRO D 112 12.31 -49.42 -6.63
N ASP D 113 11.82 -50.61 -6.96
CA ASP D 113 10.54 -50.73 -7.66
C ASP D 113 9.34 -50.58 -6.74
N THR D 114 9.56 -50.23 -5.47
CA THR D 114 8.49 -50.10 -4.50
C THR D 114 7.93 -48.69 -4.40
N ILE D 115 8.59 -47.69 -5.00
CA ILE D 115 8.13 -46.31 -4.93
C ILE D 115 7.89 -45.78 -6.34
N PRO D 116 6.84 -44.99 -6.56
CA PRO D 116 6.58 -44.50 -7.93
C PRO D 116 7.74 -43.70 -8.48
N LEU D 117 7.94 -43.81 -9.80
CA LEU D 117 8.95 -43.01 -10.48
C LEU D 117 8.69 -41.52 -10.33
N SER D 118 7.44 -41.13 -10.09
CA SER D 118 7.11 -39.71 -9.98
C SER D 118 7.69 -39.07 -8.72
N LEU D 119 8.12 -39.87 -7.75
CA LEU D 119 8.77 -39.29 -6.57
C LEU D 119 10.08 -38.61 -6.93
N ALA D 120 10.68 -38.95 -8.07
CA ALA D 120 11.89 -38.27 -8.51
C ALA D 120 11.61 -36.82 -8.91
N LEU D 121 10.35 -36.44 -9.03
CA LEU D 121 9.93 -35.07 -9.27
C LEU D 121 9.43 -34.38 -8.01
N GLY D 122 9.38 -35.10 -6.88
CA GLY D 122 8.86 -34.55 -5.65
C GLY D 122 9.74 -34.85 -4.44
N THR D 123 9.28 -35.75 -3.58
CA THR D 123 9.94 -35.96 -2.29
C THR D 123 11.37 -36.44 -2.47
N VAL D 124 11.62 -37.31 -3.44
CA VAL D 124 12.98 -37.73 -3.75
C VAL D 124 13.40 -37.00 -5.01
N GLY D 125 13.17 -35.70 -5.03
CA GLY D 125 13.51 -34.85 -6.17
C GLY D 125 13.71 -33.43 -5.71
N MET D 126 13.46 -32.49 -6.62
CA MET D 126 13.78 -31.08 -6.34
C MET D 126 13.00 -30.54 -5.15
N PRO D 127 11.69 -30.76 -5.02
CA PRO D 127 11.00 -30.23 -3.83
C PRO D 127 11.51 -30.81 -2.52
N GLY D 128 11.78 -32.11 -2.48
CA GLY D 128 12.30 -32.70 -1.26
C GLY D 128 13.67 -32.16 -0.88
N LEU D 129 14.51 -31.89 -1.88
CA LEU D 129 15.80 -31.27 -1.62
C LEU D 129 15.65 -29.86 -1.09
N THR D 130 14.65 -29.12 -1.59
CA THR D 130 14.38 -27.79 -1.07
C THR D 130 14.03 -27.85 0.41
N ALA D 131 13.15 -28.77 0.80
CA ALA D 131 12.79 -28.93 2.20
C ALA D 131 13.99 -29.36 3.03
N TYR D 132 14.81 -30.25 2.47
CA TYR D 132 15.95 -30.79 3.21
C TYR D 132 16.95 -29.69 3.56
N PHE D 133 17.49 -29.00 2.55
CA PHE D 133 18.51 -28.00 2.81
C PHE D 133 17.92 -26.77 3.49
N GLY D 134 16.70 -26.38 3.12
CA GLY D 134 16.07 -25.25 3.77
C GLY D 134 15.95 -25.43 5.27
N LEU D 135 15.54 -26.62 5.70
CA LEU D 135 15.30 -26.85 7.12
C LEU D 135 16.59 -27.18 7.86
N LEU D 136 17.46 -28.00 7.27
CA LEU D 136 18.61 -28.52 7.99
C LEU D 136 19.84 -27.63 7.91
N GLU D 137 20.00 -26.87 6.82
CA GLU D 137 21.14 -25.97 6.69
C GLU D 137 20.77 -24.50 6.86
N ILE D 138 19.66 -24.04 6.30
CA ILE D 138 19.30 -22.63 6.41
C ILE D 138 18.69 -22.34 7.78
N CYS D 139 17.61 -23.04 8.12
CA CYS D 139 17.09 -22.95 9.49
C CYS D 139 18.06 -23.56 10.49
N GLY D 140 18.65 -24.70 10.14
CA GLY D 140 19.63 -25.32 11.01
C GLY D 140 19.06 -26.03 12.22
N VAL D 141 17.87 -26.63 12.09
CA VAL D 141 17.29 -27.32 13.24
C VAL D 141 18.19 -28.46 13.68
N LYS D 142 18.25 -28.68 14.98
CA LYS D 142 19.03 -29.76 15.58
C LYS D 142 18.19 -30.70 16.42
N GLY D 143 16.94 -30.38 16.68
CA GLY D 143 16.07 -31.17 17.56
C GLY D 143 15.61 -30.33 18.74
N GLY D 144 14.30 -30.35 18.98
CA GLY D 144 13.70 -29.63 20.08
C GLY D 144 13.11 -28.28 19.72
N GLU D 145 13.41 -27.76 18.53
CA GLU D 145 12.88 -26.47 18.14
C GLU D 145 11.38 -26.55 17.87
N THR D 146 10.76 -25.38 17.82
CA THR D 146 9.40 -25.23 17.32
C THR D 146 9.49 -24.58 15.94
N VAL D 147 8.95 -25.27 14.94
CA VAL D 147 9.07 -24.87 13.54
C VAL D 147 7.68 -24.49 13.04
N MET D 148 7.57 -23.32 12.42
CA MET D 148 6.39 -22.90 11.68
C MET D 148 6.63 -23.15 10.21
N VAL D 149 5.70 -23.83 9.55
CA VAL D 149 5.79 -24.09 8.13
C VAL D 149 4.42 -23.86 7.51
N ASN D 150 4.36 -23.07 6.46
CA ASN D 150 3.13 -22.82 5.71
C ASN D 150 3.22 -23.54 4.37
N ALA D 151 2.14 -23.46 3.60
CA ALA D 151 1.96 -24.37 2.46
C ALA D 151 2.33 -25.78 2.88
N ALA D 152 1.86 -26.18 4.06
CA ALA D 152 2.40 -27.34 4.76
C ALA D 152 1.92 -28.67 4.19
N ALA D 153 0.83 -28.67 3.44
CA ALA D 153 0.34 -29.86 2.76
C ALA D 153 0.86 -29.98 1.33
N GLY D 154 1.71 -29.05 0.88
CA GLY D 154 2.28 -29.09 -0.44
C GLY D 154 3.53 -29.95 -0.48
N ALA D 155 4.18 -29.94 -1.65
CA ALA D 155 5.33 -30.81 -1.88
C ALA D 155 6.46 -30.49 -0.91
N VAL D 156 6.89 -29.23 -0.86
CA VAL D 156 7.99 -28.85 0.01
C VAL D 156 7.56 -28.87 1.47
N GLY D 157 6.40 -28.25 1.76
CA GLY D 157 6.00 -28.06 3.15
C GLY D 157 5.78 -29.37 3.89
N SER D 158 5.12 -30.32 3.24
CA SER D 158 4.84 -31.60 3.90
C SER D 158 6.13 -32.35 4.19
N VAL D 159 7.14 -32.21 3.33
CA VAL D 159 8.43 -32.82 3.62
C VAL D 159 9.15 -32.08 4.73
N VAL D 160 9.01 -30.76 4.80
CA VAL D 160 9.64 -30.00 5.87
C VAL D 160 9.12 -30.48 7.23
N GLY D 161 7.80 -30.60 7.35
CA GLY D 161 7.22 -30.97 8.63
C GLY D 161 7.64 -32.37 9.07
N GLN D 162 7.77 -33.29 8.12
CA GLN D 162 8.11 -34.67 8.48
C GLN D 162 9.57 -34.79 8.85
N ILE D 163 10.46 -34.09 8.15
CA ILE D 163 11.86 -34.07 8.56
C ILE D 163 11.99 -33.43 9.95
N ALA D 164 11.27 -32.33 10.18
CA ALA D 164 11.31 -31.70 11.50
C ALA D 164 10.86 -32.68 12.57
N LYS D 165 9.85 -33.50 12.28
CA LYS D 165 9.34 -34.43 13.29
C LYS D 165 10.36 -35.53 13.59
N LEU D 166 11.05 -36.04 12.58
CA LEU D 166 12.04 -37.09 12.83
C LEU D 166 13.31 -36.54 13.47
N LYS D 167 13.46 -35.23 13.54
CA LYS D 167 14.54 -34.59 14.30
C LYS D 167 14.09 -34.20 15.71
N GLY D 168 12.83 -34.45 16.06
CA GLY D 168 12.35 -34.16 17.40
C GLY D 168 11.83 -32.76 17.62
N CYS D 169 11.40 -32.08 16.55
CA CYS D 169 10.87 -30.73 16.66
C CYS D 169 9.35 -30.75 16.76
N LYS D 170 8.80 -29.72 17.41
CA LYS D 170 7.38 -29.44 17.33
C LYS D 170 7.10 -28.68 16.04
N VAL D 171 6.04 -29.09 15.34
CA VAL D 171 5.73 -28.57 14.02
C VAL D 171 4.33 -27.96 14.03
N VAL D 172 4.25 -26.68 13.68
CA VAL D 172 2.99 -25.98 13.49
C VAL D 172 2.86 -25.73 12.00
N GLY D 173 1.78 -26.21 11.40
CA GLY D 173 1.59 -26.15 9.96
C GLY D 173 0.33 -25.41 9.58
N ALA D 174 0.42 -24.59 8.53
CA ALA D 174 -0.72 -23.84 8.01
C ALA D 174 -1.06 -24.35 6.61
N VAL D 175 -2.35 -24.59 6.37
CA VAL D 175 -2.85 -25.06 5.08
C VAL D 175 -4.14 -24.33 4.75
N GLY D 176 -4.58 -24.47 3.51
CA GLY D 176 -5.72 -23.74 3.00
C GLY D 176 -7.03 -24.49 2.93
N SER D 177 -7.11 -25.73 3.45
CA SER D 177 -8.35 -26.49 3.37
C SER D 177 -8.43 -27.47 4.53
N ASP D 178 -9.67 -27.81 4.90
CA ASP D 178 -9.88 -28.77 5.99
C ASP D 178 -9.39 -30.16 5.61
N GLU D 179 -9.44 -30.52 4.32
CA GLU D 179 -8.92 -31.82 3.91
C GLU D 179 -7.42 -31.89 4.14
N LYS D 180 -6.72 -30.78 3.91
CA LYS D 180 -5.28 -30.74 4.16
C LYS D 180 -5.00 -30.78 5.67
N VAL D 181 -5.88 -30.19 6.48
CA VAL D 181 -5.72 -30.28 7.93
C VAL D 181 -5.77 -31.74 8.37
N ALA D 182 -6.81 -32.46 7.94
CA ALA D 182 -6.94 -33.86 8.33
C ALA D 182 -5.72 -34.67 7.91
N TYR D 183 -5.22 -34.44 6.70
CA TYR D 183 -4.10 -35.22 6.21
C TYR D 183 -2.85 -34.99 7.04
N LEU D 184 -2.56 -33.73 7.39
CA LEU D 184 -1.36 -33.43 8.15
C LEU D 184 -1.49 -33.87 9.61
N GLN D 185 -2.72 -33.92 10.13
CA GLN D 185 -2.92 -34.45 11.48
C GLN D 185 -2.67 -35.95 11.52
N LYS D 186 -2.99 -36.66 10.43
CA LYS D 186 -2.61 -38.07 10.33
C LYS D 186 -1.10 -38.23 10.22
N LEU D 187 -0.41 -37.28 9.58
CA LEU D 187 1.04 -37.33 9.50
C LEU D 187 1.72 -37.09 10.85
N GLY D 188 1.03 -36.47 11.79
CA GLY D 188 1.58 -36.24 13.11
C GLY D 188 2.07 -34.83 13.38
N PHE D 189 1.72 -33.86 12.55
CA PHE D 189 2.07 -32.47 12.85
C PHE D 189 1.41 -32.07 14.17
N ASP D 190 2.19 -31.41 15.04
CA ASP D 190 1.70 -31.11 16.38
C ASP D 190 0.44 -30.26 16.35
N VAL D 191 0.44 -29.23 15.52
CA VAL D 191 -0.71 -28.34 15.37
C VAL D 191 -0.86 -28.00 13.89
N VAL D 192 -2.08 -28.13 13.39
CA VAL D 192 -2.40 -27.84 11.99
C VAL D 192 -3.68 -27.02 12.00
N PHE D 193 -3.71 -25.95 11.21
CA PHE D 193 -4.87 -25.09 11.16
C PHE D 193 -5.08 -24.60 9.73
N ASN D 194 -6.32 -24.22 9.43
CA ASN D 194 -6.71 -23.68 8.14
C ASN D 194 -6.62 -22.16 8.23
N TYR D 195 -5.61 -21.58 7.57
CA TYR D 195 -5.40 -20.13 7.69
C TYR D 195 -6.51 -19.35 7.01
N LYS D 196 -7.29 -19.97 6.13
CA LYS D 196 -8.36 -19.26 5.43
C LYS D 196 -9.62 -19.11 6.29
N THR D 197 -9.77 -19.92 7.35
CA THR D 197 -11.00 -19.91 8.14
C THR D 197 -10.80 -19.53 9.60
N VAL D 198 -9.56 -19.37 10.07
CA VAL D 198 -9.36 -18.94 11.45
C VAL D 198 -9.82 -17.50 11.62
N GLU D 199 -10.38 -17.20 12.80
CA GLU D 199 -10.85 -15.84 13.06
C GLU D 199 -9.68 -14.85 13.08
N SER D 200 -8.55 -15.27 13.65
CA SER D 200 -7.37 -14.41 13.73
C SER D 200 -6.13 -15.27 13.60
N LEU D 201 -5.33 -14.99 12.57
CA LEU D 201 -4.07 -15.71 12.41
C LEU D 201 -3.17 -15.49 13.62
N GLU D 202 -3.15 -14.25 14.14
CA GLU D 202 -2.30 -13.94 15.29
C GLU D 202 -2.68 -14.76 16.50
N GLU D 203 -3.98 -14.87 16.79
CA GLU D 203 -4.44 -15.68 17.91
C GLU D 203 -4.07 -17.14 17.73
N THR D 204 -4.32 -17.68 16.53
CA THR D 204 -4.07 -19.09 16.30
C THR D 204 -2.60 -19.44 16.48
N LEU D 205 -1.70 -18.59 16.00
CA LEU D 205 -0.28 -18.87 16.14
C LEU D 205 0.14 -18.79 17.60
N LYS D 206 -0.46 -17.89 18.39
CA LYS D 206 -0.08 -17.78 19.79
C LYS D 206 -0.49 -19.01 20.58
N LYS D 207 -1.70 -19.52 20.32
CA LYS D 207 -2.15 -20.74 21.00
C LYS D 207 -1.34 -21.95 20.55
N ALA D 208 -0.98 -22.01 19.27
CA ALA D 208 -0.18 -23.12 18.78
C ALA D 208 1.17 -23.19 19.47
N SER D 209 1.77 -22.04 19.79
CA SER D 209 3.07 -22.00 20.45
C SER D 209 3.15 -20.74 21.31
N PRO D 210 2.70 -20.82 22.57
CA PRO D 210 2.80 -19.64 23.45
C PRO D 210 4.23 -19.15 23.62
N ASP D 211 5.21 -20.05 23.49
CA ASP D 211 6.61 -19.71 23.67
C ASP D 211 7.19 -18.94 22.50
N GLY D 212 6.55 -18.98 21.34
CA GLY D 212 7.12 -18.44 20.13
C GLY D 212 7.67 -19.54 19.24
N TYR D 213 8.38 -19.11 18.20
CA TYR D 213 8.86 -19.99 17.14
C TYR D 213 10.36 -19.83 16.96
N ASP D 214 11.08 -20.96 16.94
CA ASP D 214 12.52 -20.92 16.72
C ASP D 214 12.85 -20.82 15.25
N CYS D 215 12.07 -21.48 14.39
CA CYS D 215 12.34 -21.54 12.96
C CYS D 215 11.05 -21.32 12.20
N TYR D 216 11.19 -20.71 11.04
CA TYR D 216 10.06 -20.43 10.15
C TYR D 216 10.52 -20.82 8.75
N PHE D 217 9.95 -21.90 8.22
CA PHE D 217 10.17 -22.29 6.84
C PHE D 217 9.07 -21.60 6.02
N ASP D 218 9.43 -20.51 5.36
CA ASP D 218 8.47 -19.62 4.72
C ASP D 218 8.36 -19.95 3.22
N ASN D 219 7.18 -20.42 2.83
CA ASN D 219 6.82 -20.68 1.45
C ASN D 219 5.86 -19.64 0.88
N VAL D 220 5.36 -18.72 1.71
CA VAL D 220 4.20 -17.91 1.38
C VAL D 220 4.53 -16.42 1.31
N GLY D 221 5.24 -15.91 2.31
CA GLY D 221 5.58 -14.50 2.33
C GLY D 221 4.37 -13.63 2.61
N GLY D 222 4.57 -12.33 2.34
CA GLY D 222 3.47 -11.39 2.42
C GLY D 222 3.01 -11.11 3.84
N GLU D 223 1.71 -10.85 3.97
CA GLU D 223 1.15 -10.51 5.27
C GLU D 223 1.17 -11.69 6.23
N PHE D 224 1.00 -12.91 5.72
CA PHE D 224 1.13 -14.08 6.57
C PHE D 224 2.46 -14.07 7.32
N SER D 225 3.55 -13.81 6.59
CA SER D 225 4.87 -13.83 7.21
C SER D 225 5.06 -12.67 8.18
N ASN D 226 4.48 -11.51 7.90
CA ASN D 226 4.59 -10.41 8.87
C ASN D 226 4.02 -10.83 10.22
N THR D 227 2.92 -11.58 10.20
CA THR D 227 2.32 -12.06 11.45
C THR D 227 3.23 -13.06 12.15
N VAL D 228 3.75 -14.05 11.41
CA VAL D 228 4.64 -15.04 12.01
C VAL D 228 5.87 -14.36 12.59
N ILE D 229 6.39 -13.34 11.90
CA ILE D 229 7.62 -12.69 12.36
C ILE D 229 7.41 -12.05 13.73
N GLY D 230 6.19 -11.58 14.00
CA GLY D 230 5.88 -11.00 15.29
C GLY D 230 5.92 -11.97 16.46
N GLN D 231 6.01 -13.26 16.19
CA GLN D 231 6.05 -14.28 17.24
C GLN D 231 7.30 -15.14 17.19
N MET D 232 8.31 -14.73 16.42
CA MET D 232 9.59 -15.41 16.45
C MET D 232 10.30 -15.14 17.77
N LYS D 233 10.97 -16.16 18.30
CA LYS D 233 11.80 -15.99 19.47
C LYS D 233 13.05 -15.20 19.10
N LYS D 234 13.76 -14.75 20.14
CA LYS D 234 15.04 -14.08 19.92
C LYS D 234 16.00 -15.01 19.20
N PHE D 235 16.73 -14.45 18.24
CA PHE D 235 17.66 -15.21 17.40
C PHE D 235 16.93 -16.24 16.53
N GLY D 236 15.62 -16.07 16.34
CA GLY D 236 14.90 -16.97 15.46
C GLY D 236 15.41 -16.91 14.04
N ARG D 237 15.24 -18.01 13.31
CA ARG D 237 15.76 -18.16 11.97
C ARG D 237 14.60 -18.38 11.00
N ILE D 238 14.60 -17.63 9.90
CA ILE D 238 13.59 -17.75 8.85
C ILE D 238 14.31 -18.19 7.59
N ALA D 239 13.87 -19.32 7.03
CA ALA D 239 14.33 -19.78 5.73
C ALA D 239 13.35 -19.27 4.68
N ILE D 240 13.77 -18.28 3.89
CA ILE D 240 12.94 -17.73 2.83
C ILE D 240 13.05 -18.65 1.62
N CYS D 241 12.13 -19.61 1.54
CA CYS D 241 12.11 -20.57 0.45
C CYS D 241 11.33 -20.05 -0.75
N GLY D 242 10.13 -19.52 -0.49
CA GLY D 242 9.28 -19.00 -1.55
C GLY D 242 8.40 -17.89 -1.00
N ALA D 243 7.60 -17.32 -1.89
CA ALA D 243 6.66 -16.25 -1.54
C ALA D 243 5.44 -16.36 -2.45
N ILE D 244 4.76 -17.51 -2.38
CA ILE D 244 3.69 -17.83 -3.33
C ILE D 244 2.56 -16.81 -3.28
N SER D 245 2.35 -16.16 -2.13
CA SER D 245 1.27 -15.17 -2.05
C SER D 245 1.54 -13.92 -2.87
N THR D 246 2.75 -13.77 -3.42
CA THR D 246 3.09 -12.63 -4.25
C THR D 246 3.23 -12.97 -5.74
N TYR D 247 3.36 -14.25 -6.10
CA TYR D 247 3.63 -14.59 -7.50
C TYR D 247 2.49 -14.16 -8.41
N ASN D 248 1.25 -14.33 -7.96
CA ASN D 248 0.07 -14.00 -8.74
C ASN D 248 -0.60 -12.73 -8.24
N ARG D 249 0.12 -11.93 -7.46
CA ARG D 249 -0.46 -10.81 -6.74
C ARG D 249 -0.59 -9.59 -7.65
N THR D 250 -1.80 -9.02 -7.70
CA THR D 250 -2.02 -7.76 -8.37
C THR D 250 -1.78 -6.63 -7.38
N GLY D 251 -1.42 -5.46 -7.92
CA GLY D 251 -1.17 -4.30 -7.09
C GLY D 251 0.24 -4.26 -6.56
N PRO D 252 0.49 -3.40 -5.59
CA PRO D 252 1.84 -3.29 -5.01
C PRO D 252 2.13 -4.41 -4.02
N LEU D 253 3.42 -4.66 -3.82
CA LEU D 253 3.83 -5.68 -2.87
C LEU D 253 3.39 -5.28 -1.46
N PRO D 254 3.10 -6.26 -0.60
CA PRO D 254 2.66 -5.95 0.76
C PRO D 254 3.79 -5.34 1.58
N PRO D 255 3.48 -4.67 2.68
CA PRO D 255 4.54 -4.15 3.55
C PRO D 255 5.47 -5.25 4.01
N GLY D 256 6.69 -4.85 4.34
CA GLY D 256 7.63 -5.77 4.93
C GLY D 256 7.41 -5.91 6.42
N PRO D 257 8.14 -6.84 7.03
CA PRO D 257 8.05 -7.03 8.48
C PRO D 257 8.42 -5.75 9.22
N PRO D 258 7.78 -5.44 10.33
CA PRO D 258 8.16 -4.24 11.09
C PRO D 258 9.62 -4.31 11.50
N PRO D 259 10.43 -3.32 11.09
CA PRO D 259 11.86 -3.42 11.41
C PRO D 259 12.14 -3.43 12.89
N GLU D 260 11.33 -2.75 13.70
CA GLU D 260 11.56 -2.75 15.15
C GLU D 260 11.51 -4.15 15.72
N ILE D 261 10.64 -5.00 15.18
CA ILE D 261 10.52 -6.38 15.66
C ILE D 261 11.69 -7.23 15.17
N VAL D 262 12.05 -7.07 13.89
CA VAL D 262 13.18 -7.83 13.34
C VAL D 262 14.45 -7.52 14.12
N ILE D 263 14.65 -6.26 14.48
CA ILE D 263 15.89 -5.87 15.16
C ILE D 263 15.85 -6.28 16.62
N TYR D 264 14.75 -5.99 17.31
CA TYR D 264 14.67 -6.33 18.74
C TYR D 264 14.85 -7.82 18.95
N GLN D 265 14.30 -8.65 18.06
CA GLN D 265 14.44 -10.09 18.15
C GLN D 265 15.71 -10.62 17.48
N GLU D 266 16.47 -9.75 16.82
CA GLU D 266 17.74 -10.14 16.19
C GLU D 266 17.55 -11.37 15.31
N LEU D 267 16.60 -11.27 14.39
CA LEU D 267 16.25 -12.39 13.53
C LEU D 267 17.24 -12.55 12.38
N ARG D 268 17.46 -13.79 12.00
CA ARG D 268 18.25 -14.14 10.83
C ARG D 268 17.29 -14.66 9.76
N MET D 269 17.29 -14.00 8.61
CA MET D 269 16.35 -14.30 7.53
C MET D 269 17.17 -14.55 6.27
N GLU D 270 17.28 -15.80 5.85
CA GLU D 270 18.14 -16.20 4.76
C GLU D 270 17.34 -16.93 3.69
N ALA D 271 17.43 -16.45 2.46
CA ALA D 271 16.83 -17.10 1.31
C ALA D 271 17.83 -18.06 0.66
N PHE D 272 17.29 -19.00 -0.11
CA PHE D 272 18.13 -20.03 -0.70
C PHE D 272 17.48 -20.56 -1.96
N VAL D 273 18.30 -21.17 -2.80
CA VAL D 273 17.87 -21.86 -4.01
C VAL D 273 18.39 -23.28 -3.93
N VAL D 274 17.50 -24.25 -4.18
CA VAL D 274 17.83 -25.66 -3.97
C VAL D 274 19.05 -26.05 -4.78
N TYR D 275 19.20 -25.50 -5.98
CA TYR D 275 20.28 -25.90 -6.87
C TYR D 275 21.63 -25.30 -6.49
N ARG D 276 21.71 -24.60 -5.36
CA ARG D 276 23.00 -24.21 -4.81
C ARG D 276 23.83 -25.44 -4.47
N TRP D 277 23.19 -26.48 -3.95
CA TRP D 277 23.89 -27.67 -3.48
C TRP D 277 24.07 -28.65 -4.63
N GLN D 278 25.32 -28.96 -4.96
CA GLN D 278 25.65 -29.81 -6.09
C GLN D 278 26.58 -30.92 -5.61
N GLY D 279 26.79 -31.89 -6.49
CA GLY D 279 27.78 -32.92 -6.22
C GLY D 279 27.42 -33.76 -5.00
N ASP D 280 28.38 -33.89 -4.08
CA ASP D 280 28.22 -34.82 -2.97
C ASP D 280 27.09 -34.41 -2.03
N ALA D 281 26.98 -33.12 -1.72
CA ALA D 281 25.92 -32.67 -0.83
C ALA D 281 24.55 -32.99 -1.42
N ARG D 282 24.38 -32.75 -2.72
CA ARG D 282 23.12 -33.06 -3.37
C ARG D 282 22.82 -34.56 -3.31
N GLN D 283 23.82 -35.39 -3.60
CA GLN D 283 23.58 -36.83 -3.64
C GLN D 283 23.29 -37.39 -2.26
N LYS D 284 24.03 -36.95 -1.24
CA LYS D 284 23.76 -37.41 0.12
C LYS D 284 22.34 -37.05 0.54
N ALA D 285 21.89 -35.84 0.18
CA ALA D 285 20.54 -35.42 0.52
C ALA D 285 19.50 -36.31 -0.16
N LEU D 286 19.71 -36.64 -1.44
CA LEU D 286 18.77 -37.51 -2.13
C LEU D 286 18.76 -38.91 -1.52
N LYS D 287 19.90 -39.37 -1.03
CA LYS D 287 19.94 -40.72 -0.45
C LYS D 287 19.35 -40.74 0.94
N ASP D 288 19.47 -39.64 1.71
CA ASP D 288 18.74 -39.54 2.96
C ASP D 288 17.25 -39.53 2.71
N LEU D 289 16.80 -38.72 1.74
CA LEU D 289 15.38 -38.64 1.45
C LEU D 289 14.83 -40.00 1.02
N LEU D 290 15.55 -40.71 0.15
CA LEU D 290 15.08 -42.02 -0.29
C LEU D 290 15.07 -43.01 0.86
N LYS D 291 16.06 -42.94 1.75
CA LYS D 291 16.09 -43.85 2.89
C LYS D 291 14.92 -43.58 3.84
N TRP D 292 14.64 -42.31 4.10
CA TRP D 292 13.51 -41.99 4.98
C TRP D 292 12.18 -42.40 4.36
N VAL D 293 12.09 -42.40 3.03
CA VAL D 293 10.86 -42.84 2.38
C VAL D 293 10.70 -44.35 2.49
N LEU D 294 11.80 -45.10 2.34
CA LEU D 294 11.72 -46.55 2.46
C LEU D 294 11.52 -46.98 3.90
N GLU D 295 11.96 -46.17 4.86
CA GLU D 295 11.80 -46.49 6.27
C GLU D 295 10.43 -46.07 6.81
N GLY D 296 9.63 -45.35 6.03
CA GLY D 296 8.37 -44.85 6.50
C GLY D 296 8.43 -43.54 7.25
N LYS D 297 9.63 -42.99 7.47
CA LYS D 297 9.75 -41.74 8.21
C LYS D 297 9.17 -40.57 7.43
N ILE D 298 9.25 -40.61 6.10
CA ILE D 298 8.62 -39.61 5.24
C ILE D 298 7.58 -40.33 4.40
N GLN D 299 6.32 -40.16 4.76
CA GLN D 299 5.24 -40.57 3.88
C GLN D 299 5.15 -39.62 2.69
N TYR D 300 4.73 -40.17 1.55
CA TYR D 300 4.57 -39.39 0.34
C TYR D 300 3.13 -39.46 -0.13
N LYS D 301 2.65 -38.36 -0.70
CA LYS D 301 1.34 -38.32 -1.35
C LYS D 301 1.47 -37.45 -2.57
N GLU D 302 0.87 -37.91 -3.68
CA GLU D 302 0.92 -37.20 -4.94
C GLU D 302 -0.50 -36.83 -5.37
N TYR D 303 -0.60 -35.71 -6.06
CA TYR D 303 -1.84 -35.20 -6.63
C TYR D 303 -1.73 -35.38 -8.14
N ILE D 304 -2.15 -36.55 -8.62
CA ILE D 304 -1.92 -36.96 -10.00
C ILE D 304 -3.10 -36.53 -10.85
N ILE D 305 -2.80 -35.84 -11.95
CA ILE D 305 -3.78 -35.41 -12.94
C ILE D 305 -3.47 -36.14 -14.24
N GLU D 306 -4.48 -36.82 -14.78
CA GLU D 306 -4.31 -37.64 -15.97
C GLU D 306 -4.48 -36.79 -17.22
N GLY D 307 -3.51 -36.88 -18.13
CA GLY D 307 -3.62 -36.25 -19.43
C GLY D 307 -2.71 -35.05 -19.63
N PHE D 308 -1.84 -35.12 -20.64
CA PHE D 308 -0.97 -34.00 -20.96
C PHE D 308 -1.78 -32.74 -21.28
N GLU D 309 -2.98 -32.90 -21.82
CA GLU D 309 -3.83 -31.79 -22.19
C GLU D 309 -4.37 -31.02 -20.99
N ASN D 310 -4.29 -31.60 -19.80
CA ASN D 310 -4.74 -30.96 -18.57
C ASN D 310 -3.60 -30.34 -17.78
N MET D 311 -2.43 -30.19 -18.39
CA MET D 311 -1.27 -29.69 -17.69
C MET D 311 -1.47 -28.23 -17.27
N PRO D 312 -2.01 -27.37 -18.14
CA PRO D 312 -2.31 -26.00 -17.68
C PRO D 312 -3.28 -25.97 -16.52
N ALA D 313 -4.29 -26.84 -16.53
CA ALA D 313 -5.24 -26.90 -15.41
C ALA D 313 -4.58 -27.40 -14.14
N ALA D 314 -3.61 -28.31 -14.26
CA ALA D 314 -2.87 -28.76 -13.09
C ALA D 314 -2.04 -27.64 -12.50
N PHE D 315 -1.39 -26.85 -13.37
CA PHE D 315 -0.56 -25.73 -12.94
C PHE D 315 -1.41 -24.68 -12.24
N MET D 316 -2.54 -24.31 -12.84
CA MET D 316 -3.39 -23.28 -12.23
C MET D 316 -4.02 -23.78 -10.94
N GLY D 317 -4.43 -25.05 -10.90
CA GLY D 317 -5.01 -25.59 -9.69
C GLY D 317 -4.02 -25.63 -8.54
N MET D 318 -2.77 -25.99 -8.85
CA MET D 318 -1.73 -26.00 -7.82
C MET D 318 -1.52 -24.59 -7.25
N LEU D 319 -1.43 -23.59 -8.12
CA LEU D 319 -1.25 -22.21 -7.63
C LEU D 319 -2.40 -21.78 -6.73
N LYS D 320 -3.57 -22.39 -6.88
CA LYS D 320 -4.75 -22.01 -6.11
C LYS D 320 -5.08 -23.00 -4.99
N GLY D 321 -4.21 -23.98 -4.75
CA GLY D 321 -4.36 -24.83 -3.58
C GLY D 321 -5.16 -26.10 -3.77
N ASP D 322 -5.43 -26.50 -5.01
CA ASP D 322 -6.17 -27.74 -5.24
C ASP D 322 -5.39 -28.96 -4.77
N ASN D 323 -4.06 -28.90 -4.83
CA ASN D 323 -3.23 -30.09 -4.70
C ASN D 323 -2.97 -30.42 -3.24
N LEU D 324 -3.07 -31.70 -2.92
CA LEU D 324 -2.59 -32.27 -1.67
C LEU D 324 -1.36 -33.11 -2.03
N GLY D 325 -0.18 -32.61 -1.71
CA GLY D 325 1.05 -33.25 -2.12
C GLY D 325 1.53 -32.75 -3.47
N LYS D 326 2.58 -33.40 -3.96
CA LYS D 326 3.22 -32.95 -5.19
C LYS D 326 2.28 -33.09 -6.38
N THR D 327 2.05 -31.97 -7.07
CA THR D 327 1.22 -31.99 -8.26
C THR D 327 1.99 -32.64 -9.41
N ILE D 328 1.42 -33.72 -9.97
CA ILE D 328 2.04 -34.48 -11.04
C ILE D 328 1.01 -34.65 -12.16
N VAL D 329 1.50 -34.65 -13.39
CA VAL D 329 0.69 -34.90 -14.58
C VAL D 329 1.19 -36.18 -15.22
N LYS D 330 0.34 -37.20 -15.28
CA LYS D 330 0.68 -38.44 -15.95
C LYS D 330 0.35 -38.31 -17.44
N ALA D 331 1.36 -38.44 -18.29
CA ALA D 331 1.20 -38.21 -19.72
C ALA D 331 0.10 -39.09 -20.30
#